data_8ZYX
#
_entry.id   8ZYX
#
_cell.length_a   1.00
_cell.length_b   1.00
_cell.length_c   1.00
_cell.angle_alpha   90.00
_cell.angle_beta   90.00
_cell.angle_gamma   90.00
#
_symmetry.space_group_name_H-M   'P 1'
#
loop_
_entity.id
_entity.type
_entity.pdbx_description
1 polymer Neuraminidase
2 polymer 'CAV-F6-R54S heavy chain'
3 polymer 'CAV-F6-R54S kappa chain'
4 branched 2-acetamido-2-deoxy-beta-D-glucopyranose-(1-4)-2-acetamido-2-deoxy-beta-D-glucopyranose
5 branched alpha-D-mannopyranose-(1-2)-alpha-D-mannopyranose-(1-3)-[alpha-D-mannopyranose-(1-3)-alpha-D-mannopyranose-(1-6)]beta-D-mannopyranose-(1-4)-2-acetamido-2-deoxy-beta-D-glucopyranose-(1-4)-2-acetamido-2-deoxy-beta-D-glucopyranose
6 non-polymer 2-acetamido-2-deoxy-beta-D-glucopyranose
7 non-polymer 'CALCIUM ION'
#
loop_
_entity_poly.entity_id
_entity_poly.type
_entity_poly.pdbx_seq_one_letter_code
_entity_poly.pdbx_strand_id
1 'polypeptide(L)'
;EYRNWSKPQCGITGFAPFSKDNSIRLSAGGDIWVTREPYVSCDPDKCYQFALGQGTTLNNVHSNNTVRDRTPYRTLLMNE
LGVPFHLGTKQVCIAWSSSSCHDGKAWLHVCITGDDKNATASFIYNGRLVDSVVSWSKDILRTQESECVCINGTCTVVMT
DGSASGKADTKILFIEEGKIVHTSTLSGSAQHVEECSCYPRYPGVRCVCRDNWKGSNRPIVDINIKDHSIVSSYVCSGLV
GDTPRKNDSSSSSHCLDPNNEEGGHGVKGWAFDDGNDVWMGRTINETSRLGYETFKVIEGWSNPKSKLQTNRQVIVDRGD
RSGYSGIFSVEGKSCINRCFYVELIRGRKEETEVLWTSNSIVVFCGTSGTYGTGSWPDGADLNLMPI
;
A,B,C,D
2 'polypeptide(L)'
;EVQLVESGGGLVQPGGSLRLSCAASGFSFTTYEMNWVRQAPGKGLEWVSHISSSGLVIYYADSVKGRFTMSRDTAKNSLY
LQMDSLTVADTAVYYCARHYFDRDWGYSGMDLWGQGTTVTVSS
;
F
3 'polypeptide(L)'
;EVVLTQSPGTLSLSPGERATLSCRASQSLGTNYLAWYQHKPGQSPRLLIDGASTRAIGIPDRFSASGSGTDFTLTVSRLE
PEDFAVYYCQHYGNPYTFGQGTKLEIK
;
J
#
# COMPACT_ATOMS: atom_id res chain seq x y z
N GLU A 1 -19.90 21.54 -16.39
CA GLU A 1 -18.96 20.94 -15.47
C GLU A 1 -19.29 21.33 -14.03
N TYR A 2 -19.46 22.62 -13.79
CA TYR A 2 -19.85 23.10 -12.47
C TYR A 2 -21.25 22.60 -12.10
N ARG A 3 -21.45 22.38 -10.81
CA ARG A 3 -22.72 21.94 -10.27
C ARG A 3 -23.56 23.15 -9.90
N ASN A 4 -24.84 23.05 -10.24
CA ASN A 4 -25.79 24.17 -10.02
C ASN A 4 -26.95 23.75 -9.14
N TRP A 5 -27.20 22.46 -9.03
CA TRP A 5 -28.26 21.91 -8.17
C TRP A 5 -29.61 22.52 -8.51
N SER A 6 -29.85 22.78 -9.79
CA SER A 6 -31.07 23.46 -10.22
C SER A 6 -32.26 22.51 -10.35
N LYS A 7 -32.07 21.21 -10.17
CA LYS A 7 -33.17 20.29 -10.20
C LYS A 7 -34.04 20.45 -8.95
N PRO A 8 -35.32 20.08 -9.04
CA PRO A 8 -36.20 20.19 -7.87
C PRO A 8 -35.85 19.16 -6.80
N GLN A 9 -36.33 19.36 -5.58
CA GLN A 9 -36.12 18.34 -4.52
C GLN A 9 -36.98 17.07 -4.73
N CYS A 10 -36.36 15.89 -4.69
CA CYS A 10 -37.08 14.59 -4.82
C CYS A 10 -38.17 14.54 -3.74
N GLY A 11 -39.31 13.91 -4.02
CA GLY A 11 -40.37 13.69 -3.02
C GLY A 11 -39.87 12.70 -2.03
N ILE A 12 -40.21 12.89 -0.79
CA ILE A 12 -39.64 12.07 0.28
C ILE A 12 -40.79 11.58 1.12
N THR A 13 -40.98 10.30 1.14
CA THR A 13 -41.89 9.66 2.09
C THR A 13 -41.16 9.13 3.31
N GLY A 14 -39.85 9.32 3.37
CA GLY A 14 -39.04 8.71 4.40
C GLY A 14 -37.65 8.45 3.87
N PHE A 15 -36.95 7.55 4.54
CA PHE A 15 -35.55 7.27 4.23
C PHE A 15 -35.30 5.78 4.24
N ALA A 16 -34.49 5.33 3.29
CA ALA A 16 -34.09 3.94 3.16
C ALA A 16 -32.63 3.77 3.52
N PRO A 17 -32.24 2.63 4.08
CA PRO A 17 -30.83 2.41 4.43
C PRO A 17 -29.94 2.50 3.20
N PHE A 18 -28.80 3.15 3.37
CA PHE A 18 -27.89 3.34 2.25
C PHE A 18 -26.51 2.75 2.49
N SER A 19 -25.89 3.03 3.63
CA SER A 19 -24.54 2.57 3.88
C SER A 19 -24.32 2.40 5.37
N LYS A 20 -23.35 1.55 5.70
CA LYS A 20 -22.94 1.28 7.07
C LYS A 20 -21.49 0.82 7.03
N ASP A 21 -20.66 1.40 7.90
CA ASP A 21 -19.23 1.11 7.86
C ASP A 21 -18.77 0.03 8.82
N ASN A 22 -19.45 -0.14 9.96
CA ASN A 22 -19.07 -1.13 10.97
C ASN A 22 -17.63 -0.93 11.43
N SER A 23 -17.25 0.32 11.62
CA SER A 23 -15.85 0.65 11.89
C SER A 23 -15.36 0.05 13.20
N ILE A 24 -16.15 0.18 14.27
CA ILE A 24 -15.70 -0.29 15.57
C ILE A 24 -15.67 -1.81 15.62
N ARG A 25 -16.64 -2.47 14.99
CA ARG A 25 -16.63 -3.93 14.94
C ARG A 25 -15.42 -4.45 14.17
N LEU A 26 -15.05 -3.76 13.08
CA LEU A 26 -13.85 -4.14 12.35
C LEU A 26 -12.58 -3.75 13.09
N SER A 27 -12.66 -2.79 14.02
CA SER A 27 -11.49 -2.37 14.78
C SER A 27 -11.00 -3.43 15.74
N ALA A 28 -11.88 -4.34 16.19
CA ALA A 28 -11.46 -5.36 17.13
C ALA A 28 -10.40 -6.27 16.52
N GLY A 29 -10.56 -6.64 15.25
CA GLY A 29 -9.50 -7.28 14.51
C GLY A 29 -9.21 -6.55 13.22
N GLY A 30 -8.04 -5.92 13.14
CA GLY A 30 -7.72 -5.08 12.01
C GLY A 30 -7.33 -3.68 12.41
N ASP A 31 -6.63 -2.97 11.54
CA ASP A 31 -6.13 -1.63 11.82
C ASP A 31 -7.09 -0.60 11.25
N ILE A 32 -7.90 0.00 12.12
CA ILE A 32 -8.92 0.97 11.73
C ILE A 32 -8.64 2.28 12.45
N TRP A 33 -8.73 3.37 11.70
CA TRP A 33 -8.51 4.70 12.26
C TRP A 33 -9.50 5.00 13.39
N VAL A 34 -9.02 5.74 14.38
CA VAL A 34 -9.89 6.33 15.39
C VAL A 34 -10.41 7.65 14.84
N THR A 35 -11.73 7.77 14.73
CA THR A 35 -12.34 8.91 14.08
C THR A 35 -13.44 9.49 14.96
N ARG A 36 -13.85 10.70 14.62
CA ARG A 36 -15.05 11.33 15.16
C ARG A 36 -15.42 12.46 14.21
N GLU A 37 -16.62 13.00 14.40
CA GLU A 37 -17.18 14.06 13.57
C GLU A 37 -17.13 13.69 12.08
N PRO A 38 -17.78 12.62 11.66
CA PRO A 38 -17.77 12.25 10.25
C PRO A 38 -18.84 13.00 9.47
N TYR A 39 -18.78 12.87 8.15
CA TYR A 39 -19.83 13.36 7.27
C TYR A 39 -19.67 12.68 5.91
N VAL A 40 -20.65 12.90 5.05
CA VAL A 40 -20.68 12.31 3.72
C VAL A 40 -20.80 13.42 2.70
N SER A 41 -19.96 13.38 1.67
CA SER A 41 -20.06 14.30 0.55
C SER A 41 -19.78 13.51 -0.72
N CYS A 42 -20.56 13.80 -1.76
CA CYS A 42 -20.50 13.02 -2.99
C CYS A 42 -20.03 13.91 -4.14
N ASP A 43 -19.16 13.38 -4.97
CA ASP A 43 -18.90 13.96 -6.28
C ASP A 43 -20.00 13.51 -7.22
N PRO A 44 -20.04 14.03 -8.46
CA PRO A 44 -21.15 13.64 -9.36
C PRO A 44 -21.24 12.15 -9.65
N ASP A 45 -20.19 11.39 -9.37
CA ASP A 45 -20.15 9.97 -9.67
C ASP A 45 -20.44 9.09 -8.45
N LYS A 46 -19.71 9.27 -7.35
CA LYS A 46 -19.87 8.41 -6.19
C LYS A 46 -19.77 9.26 -4.93
N CYS A 47 -20.18 8.69 -3.81
CA CYS A 47 -20.17 9.36 -2.52
C CYS A 47 -18.91 8.99 -1.75
N TYR A 48 -18.48 9.92 -0.90
CA TYR A 48 -17.30 9.72 -0.07
C TYR A 48 -17.67 9.95 1.38
N GLN A 49 -17.02 9.20 2.26
CA GLN A 49 -17.13 9.41 3.69
C GLN A 49 -15.89 10.16 4.18
N PHE A 50 -16.11 11.12 5.06
CA PHE A 50 -15.04 11.88 5.68
C PHE A 50 -15.14 11.71 7.19
N ALA A 51 -14.00 11.89 7.86
CA ALA A 51 -13.97 11.88 9.31
C ALA A 51 -12.71 12.59 9.77
N LEU A 52 -12.75 13.09 11.00
CA LEU A 52 -11.59 13.69 11.65
C LEU A 52 -10.88 12.57 12.38
N GLY A 53 -9.76 12.11 11.83
CA GLY A 53 -8.96 11.09 12.48
C GLY A 53 -8.26 11.64 13.70
N GLN A 54 -7.77 10.73 14.53
CA GLN A 54 -6.99 11.11 15.71
C GLN A 54 -5.52 10.77 15.56
N GLY A 55 -5.05 10.54 14.34
CA GLY A 55 -3.66 10.20 14.13
C GLY A 55 -3.27 8.84 14.63
N THR A 56 -4.24 7.94 14.81
CA THR A 56 -3.96 6.65 15.42
C THR A 56 -5.07 5.67 15.02
N THR A 57 -4.77 4.38 15.21
CA THR A 57 -5.78 3.34 15.05
C THR A 57 -6.35 2.98 16.41
N LEU A 58 -7.41 2.17 16.41
CA LEU A 58 -8.06 1.79 17.66
C LEU A 58 -7.23 0.82 18.48
N ASN A 59 -6.66 -0.21 17.84
CA ASN A 59 -5.77 -1.14 18.52
C ASN A 59 -4.35 -0.57 18.52
N ASN A 60 -4.15 0.41 19.39
CA ASN A 60 -2.98 1.27 19.38
C ASN A 60 -2.84 1.92 20.74
N VAL A 61 -1.59 2.07 21.18
CA VAL A 61 -1.34 2.77 22.44
C VAL A 61 -1.75 4.23 22.36
N HIS A 62 -1.76 4.82 21.16
CA HIS A 62 -2.10 6.21 20.99
C HIS A 62 -3.60 6.47 20.91
N SER A 63 -4.42 5.42 20.92
CA SER A 63 -5.86 5.60 20.98
C SER A 63 -6.34 6.01 22.36
N ASN A 64 -5.50 5.97 23.36
CA ASN A 64 -5.84 6.45 24.72
C ASN A 64 -6.06 7.94 24.67
N ASN A 65 -7.04 8.43 25.40
CA ASN A 65 -7.37 9.85 25.51
C ASN A 65 -7.74 10.45 24.17
N THR A 66 -8.41 9.66 23.32
CA THR A 66 -8.89 10.15 22.03
C THR A 66 -10.25 10.82 22.14
N VAL A 67 -10.68 11.17 23.36
CA VAL A 67 -11.88 11.97 23.56
C VAL A 67 -11.59 13.45 23.37
N ARG A 68 -10.31 13.85 23.33
CA ARG A 68 -9.97 15.24 23.09
C ARG A 68 -10.39 15.66 21.69
N ASP A 69 -10.89 16.90 21.59
CA ASP A 69 -11.44 17.37 20.32
C ASP A 69 -10.36 17.91 19.39
N ARG A 70 -9.39 18.64 19.93
CA ARG A 70 -8.40 19.33 19.11
C ARG A 70 -7.00 18.88 19.52
N THR A 71 -6.31 18.21 18.60
CA THR A 71 -4.92 17.77 18.77
C THR A 71 -4.19 18.11 17.49
N PRO A 72 -2.85 18.25 17.54
CA PRO A 72 -2.10 18.53 16.31
C PRO A 72 -2.13 17.38 15.32
N TYR A 73 -2.44 16.18 15.80
CA TYR A 73 -2.37 14.97 15.00
C TYR A 73 -3.66 14.64 14.27
N ARG A 74 -4.72 15.42 14.46
CA ARG A 74 -5.97 15.16 13.78
C ARG A 74 -5.87 15.55 12.31
N THR A 75 -6.36 14.67 11.45
CA THR A 75 -6.36 14.89 10.01
C THR A 75 -7.71 14.49 9.45
N LEU A 76 -8.07 15.08 8.31
CA LEU A 76 -9.30 14.76 7.62
C LEU A 76 -9.09 13.53 6.76
N LEU A 77 -9.75 12.43 7.11
CA LEU A 77 -9.70 11.20 6.34
C LEU A 77 -10.77 11.21 5.27
N MET A 78 -10.46 10.66 4.11
CA MET A 78 -11.37 10.66 2.98
C MET A 78 -11.31 9.29 2.31
N ASN A 79 -12.41 8.55 2.40
CA ASN A 79 -12.60 7.28 1.69
C ASN A 79 -13.86 7.37 0.87
N GLU A 80 -13.99 6.46 -0.10
CA GLU A 80 -15.27 6.26 -0.75
C GLU A 80 -16.27 5.72 0.27
N LEU A 81 -17.53 6.13 0.13
CA LEU A 81 -18.57 5.69 1.03
C LEU A 81 -18.66 4.16 1.02
N GLY A 82 -18.50 3.54 2.18
CA GLY A 82 -18.50 2.10 2.25
C GLY A 82 -17.15 1.54 2.64
N VAL A 83 -16.07 2.15 2.15
CA VAL A 83 -14.73 1.69 2.48
C VAL A 83 -14.38 2.18 3.88
N PRO A 84 -14.15 1.29 4.84
CA PRO A 84 -13.80 1.72 6.19
C PRO A 84 -12.41 2.35 6.21
N PHE A 85 -12.18 3.16 7.24
CA PHE A 85 -10.92 3.89 7.38
C PHE A 85 -9.83 2.93 7.84
N HIS A 86 -9.25 2.23 6.86
CA HIS A 86 -8.13 1.33 7.11
C HIS A 86 -6.83 2.10 6.93
N LEU A 87 -5.69 1.41 7.02
CA LEU A 87 -4.39 2.05 6.94
C LEU A 87 -4.08 2.62 5.56
N GLY A 88 -4.82 2.22 4.53
CA GLY A 88 -4.65 2.79 3.21
C GLY A 88 -5.43 4.06 2.96
N THR A 89 -6.12 4.57 3.98
CA THR A 89 -6.94 5.77 3.82
C THR A 89 -6.06 7.00 3.64
N LYS A 90 -6.48 7.88 2.73
CA LYS A 90 -5.79 9.14 2.52
C LYS A 90 -6.29 10.17 3.53
N GLN A 91 -5.36 10.84 4.20
CA GLN A 91 -5.67 12.02 5.00
C GLN A 91 -5.32 13.24 4.17
N VAL A 92 -6.32 14.04 3.83
CA VAL A 92 -6.15 15.09 2.83
C VAL A 92 -5.67 16.41 3.41
N CYS A 93 -5.69 16.56 4.73
CA CYS A 93 -5.26 17.82 5.34
C CYS A 93 -5.19 17.64 6.85
N ILE A 94 -4.45 18.55 7.49
CA ILE A 94 -4.42 18.63 8.95
C ILE A 94 -5.66 19.41 9.40
N ALA A 95 -6.48 18.79 10.23
CA ALA A 95 -7.73 19.43 10.64
C ALA A 95 -8.31 18.75 11.86
N TRP A 96 -8.61 19.53 12.89
CA TRP A 96 -9.54 19.10 13.93
C TRP A 96 -10.91 19.73 13.74
N SER A 97 -11.13 20.41 12.62
CA SER A 97 -12.43 20.92 12.20
C SER A 97 -12.41 21.01 10.69
N SER A 98 -13.45 20.49 10.04
CA SER A 98 -13.36 20.27 8.61
C SER A 98 -14.70 20.49 7.92
N SER A 99 -14.61 20.71 6.61
CA SER A 99 -15.76 20.76 5.72
C SER A 99 -15.26 20.51 4.31
N SER A 100 -16.03 19.75 3.54
CA SER A 100 -15.58 19.32 2.22
C SER A 100 -16.64 19.60 1.17
N CYS A 101 -16.17 19.97 -0.02
CA CYS A 101 -17.01 20.39 -1.14
C CYS A 101 -16.52 19.75 -2.42
N HIS A 102 -17.47 19.40 -3.29
CA HIS A 102 -17.16 19.15 -4.69
C HIS A 102 -18.02 20.10 -5.51
N ASP A 103 -17.38 20.94 -6.31
CA ASP A 103 -18.06 21.93 -7.13
C ASP A 103 -18.43 21.38 -8.51
N GLY A 104 -18.22 20.08 -8.74
CA GLY A 104 -18.41 19.49 -10.04
C GLY A 104 -17.13 19.29 -10.82
N LYS A 105 -16.07 20.02 -10.47
CA LYS A 105 -14.77 19.90 -11.11
C LYS A 105 -13.72 19.29 -10.19
N ALA A 106 -13.65 19.75 -8.95
CA ALA A 106 -12.61 19.31 -8.03
C ALA A 106 -13.14 19.39 -6.60
N TRP A 107 -12.44 18.70 -5.70
CA TRP A 107 -12.79 18.73 -4.29
C TRP A 107 -12.22 19.97 -3.62
N LEU A 108 -13.03 20.60 -2.77
CA LEU A 108 -12.60 21.65 -1.89
C LEU A 108 -12.66 21.14 -0.45
N HIS A 109 -11.55 21.27 0.27
CA HIS A 109 -11.48 20.88 1.67
C HIS A 109 -11.16 22.11 2.51
N VAL A 110 -11.98 22.37 3.51
CA VAL A 110 -11.79 23.47 4.44
C VAL A 110 -11.32 22.89 5.76
N CYS A 111 -10.08 23.16 6.12
CA CYS A 111 -9.42 22.47 7.22
C CYS A 111 -8.91 23.47 8.24
N ILE A 112 -9.28 23.26 9.50
CA ILE A 112 -8.88 24.13 10.60
C ILE A 112 -8.03 23.33 11.57
N THR A 113 -6.85 23.83 11.88
CA THR A 113 -5.95 23.20 12.84
C THR A 113 -5.13 24.29 13.51
N GLY A 114 -4.31 23.89 14.47
CA GLY A 114 -3.48 24.82 15.20
C GLY A 114 -3.99 25.09 16.61
N ASP A 115 -3.50 26.18 17.17
CA ASP A 115 -3.84 26.54 18.54
C ASP A 115 -5.30 26.94 18.64
N ASP A 116 -5.90 26.70 19.81
CA ASP A 116 -7.30 27.06 20.01
C ASP A 116 -7.51 28.56 19.85
N LYS A 117 -6.64 29.37 20.43
CA LYS A 117 -6.78 30.82 20.38
C LYS A 117 -6.16 31.44 19.14
N ASN A 118 -5.41 30.68 18.35
CA ASN A 118 -4.79 31.19 17.13
C ASN A 118 -4.81 30.06 16.11
N ALA A 119 -5.89 29.96 15.35
CA ALA A 119 -6.10 28.81 14.47
C ALA A 119 -6.11 29.24 13.02
N THR A 120 -5.66 28.33 12.16
CA THR A 120 -5.59 28.56 10.73
C THR A 120 -6.63 27.69 10.03
N ALA A 121 -7.37 28.30 9.11
CA ALA A 121 -8.23 27.57 8.20
C ALA A 121 -7.55 27.51 6.84
N SER A 122 -7.19 26.31 6.40
CA SER A 122 -6.56 26.10 5.10
C SER A 122 -7.62 25.70 4.10
N PHE A 123 -7.57 26.30 2.91
CA PHE A 123 -8.51 26.01 1.84
C PHE A 123 -7.78 25.27 0.74
N ILE A 124 -8.07 23.98 0.61
CA ILE A 124 -7.38 23.11 -0.34
C ILE A 124 -8.36 22.76 -1.44
N TYR A 125 -8.02 23.14 -2.67
CA TYR A 125 -8.86 22.90 -3.83
C TYR A 125 -8.02 22.20 -4.89
N ASN A 126 -8.56 21.11 -5.44
CA ASN A 126 -7.89 20.32 -6.48
C ASN A 126 -6.51 19.86 -6.01
N GLY A 127 -6.40 19.54 -4.72
CA GLY A 127 -5.16 19.06 -4.15
C GLY A 127 -4.13 20.12 -3.83
N ARG A 128 -4.48 21.40 -3.93
CA ARG A 128 -3.53 22.48 -3.69
C ARG A 128 -4.08 23.44 -2.65
N LEU A 129 -3.21 23.88 -1.76
CA LEU A 129 -3.58 24.94 -0.82
C LEU A 129 -3.70 26.26 -1.56
N VAL A 130 -4.93 26.79 -1.62
CA VAL A 130 -5.20 27.99 -2.39
C VAL A 130 -5.29 29.24 -1.52
N ASP A 131 -5.86 29.13 -0.33
CA ASP A 131 -6.04 30.28 0.54
C ASP A 131 -6.00 29.82 1.98
N SER A 132 -5.84 30.79 2.88
CA SER A 132 -5.85 30.50 4.31
C SER A 132 -6.27 31.76 5.06
N VAL A 133 -6.93 31.55 6.19
CA VAL A 133 -7.41 32.65 7.03
C VAL A 133 -7.17 32.29 8.48
N VAL A 134 -6.84 33.31 9.28
CA VAL A 134 -6.60 33.15 10.70
C VAL A 134 -7.91 33.33 11.46
N SER A 135 -7.98 32.76 12.65
CA SER A 135 -9.08 33.00 13.56
C SER A 135 -9.25 34.49 13.80
N TRP A 136 -10.48 34.99 13.68
CA TRP A 136 -10.74 36.41 13.85
C TRP A 136 -11.15 36.77 15.27
N SER A 137 -11.82 35.87 15.97
CA SER A 137 -12.23 36.11 17.35
C SER A 137 -11.21 35.60 18.36
N LYS A 138 -10.11 35.02 17.90
CA LYS A 138 -9.05 34.49 18.76
C LYS A 138 -9.59 33.50 19.77
N ASP A 139 -10.54 32.69 19.30
CA ASP A 139 -11.12 31.61 20.08
C ASP A 139 -11.14 30.39 19.15
N ILE A 140 -11.84 29.34 19.56
CA ILE A 140 -11.81 28.08 18.82
C ILE A 140 -12.52 28.31 17.48
N LEU A 141 -11.74 28.42 16.41
CA LEU A 141 -12.31 28.56 15.08
C LEU A 141 -12.80 27.20 14.58
N ARG A 142 -14.06 27.15 14.18
CA ARG A 142 -14.70 25.89 13.84
C ARG A 142 -15.59 26.07 12.63
N THR A 143 -15.82 24.98 11.91
CA THR A 143 -16.63 24.99 10.70
C THR A 143 -17.71 23.91 10.81
N GLN A 144 -18.35 23.61 9.66
CA GLN A 144 -19.64 22.91 9.67
C GLN A 144 -19.51 21.47 10.19
N GLU A 145 -18.37 20.84 9.96
CA GLU A 145 -18.18 19.41 10.22
C GLU A 145 -19.11 18.57 9.34
N SER A 146 -19.48 19.11 8.20
CA SER A 146 -20.30 18.39 7.23
C SER A 146 -19.96 18.92 5.84
N GLU A 147 -20.64 18.38 4.84
CA GLU A 147 -20.41 18.85 3.47
C GLU A 147 -20.88 20.29 3.32
N CYS A 148 -20.11 21.06 2.59
CA CYS A 148 -20.52 22.40 2.18
C CYS A 148 -21.12 22.32 0.78
N VAL A 149 -21.68 23.43 0.32
CA VAL A 149 -22.42 23.47 -0.92
C VAL A 149 -21.75 24.44 -1.89
N CYS A 150 -21.49 23.97 -3.10
CA CYS A 150 -21.04 24.82 -4.21
C CYS A 150 -22.14 24.91 -5.24
N ILE A 151 -22.48 26.15 -5.61
CA ILE A 151 -23.41 26.42 -6.70
C ILE A 151 -22.66 27.29 -7.69
N ASN A 152 -22.59 26.84 -8.94
CA ASN A 152 -21.94 27.58 -10.06
C ASN A 152 -20.46 27.83 -9.79
N GLY A 153 -19.84 26.93 -9.07
CA GLY A 153 -18.44 27.08 -8.75
C GLY A 153 -18.16 27.89 -7.50
N THR A 154 -19.18 28.50 -6.91
CA THR A 154 -19.04 29.28 -5.69
C THR A 154 -19.48 28.42 -4.52
N CYS A 155 -18.53 28.05 -3.65
CA CYS A 155 -18.82 27.24 -2.48
C CYS A 155 -18.99 28.15 -1.26
N THR A 156 -19.95 27.79 -0.41
CA THR A 156 -20.23 28.53 0.81
C THR A 156 -19.90 27.65 2.01
N VAL A 157 -19.15 28.20 2.95
CA VAL A 157 -18.83 27.52 4.20
C VAL A 157 -19.18 28.46 5.35
N VAL A 158 -19.70 27.89 6.43
CA VAL A 158 -20.08 28.65 7.61
C VAL A 158 -19.02 28.42 8.67
N MET A 159 -18.44 29.51 9.17
CA MET A 159 -17.37 29.45 10.17
C MET A 159 -17.76 30.27 11.38
N THR A 160 -17.59 29.69 12.57
CA THR A 160 -17.87 30.36 13.82
C THR A 160 -16.58 30.53 14.60
N ASP A 161 -16.50 31.62 15.35
CA ASP A 161 -15.33 31.91 16.17
C ASP A 161 -15.79 32.74 17.36
N GLY A 162 -15.47 32.27 18.57
CA GLY A 162 -15.85 32.96 19.77
C GLY A 162 -16.40 32.00 20.80
N SER A 163 -17.12 32.54 21.77
CA SER A 163 -17.64 31.75 22.87
C SER A 163 -18.65 30.72 22.38
N ALA A 164 -18.60 29.53 22.99
CA ALA A 164 -19.59 28.50 22.68
C ALA A 164 -20.86 28.69 23.50
N SER A 165 -20.81 29.53 24.54
CA SER A 165 -21.95 29.76 25.43
C SER A 165 -22.19 31.27 25.53
N GLY A 166 -22.15 31.94 24.38
CA GLY A 166 -22.34 33.37 24.34
C GLY A 166 -22.31 33.86 22.91
N LYS A 167 -22.23 35.18 22.77
CA LYS A 167 -22.16 35.78 21.44
C LYS A 167 -20.85 35.39 20.76
N ALA A 168 -20.98 34.79 19.58
CA ALA A 168 -19.84 34.36 18.79
C ALA A 168 -19.94 34.98 17.40
N ASP A 169 -18.78 35.10 16.76
CA ASP A 169 -18.69 35.74 15.45
C ASP A 169 -18.75 34.65 14.38
N THR A 170 -19.87 34.59 13.67
CA THR A 170 -20.08 33.64 12.59
C THR A 170 -19.92 34.37 11.26
N LYS A 171 -19.15 33.78 10.35
CA LYS A 171 -18.91 34.33 9.04
C LYS A 171 -19.28 33.30 7.98
N ILE A 172 -19.90 33.76 6.90
CA ILE A 172 -20.19 32.93 5.74
C ILE A 172 -19.16 33.27 4.67
N LEU A 173 -18.35 32.28 4.30
CA LEU A 173 -17.26 32.49 3.37
C LEU A 173 -17.66 31.98 1.99
N PHE A 174 -17.39 32.80 0.97
CA PHE A 174 -17.68 32.46 -0.41
C PHE A 174 -16.37 32.12 -1.10
N ILE A 175 -16.22 30.87 -1.51
CA ILE A 175 -14.96 30.35 -2.02
C ILE A 175 -15.15 29.95 -3.48
N GLU A 176 -14.29 30.49 -4.34
CA GLU A 176 -14.27 30.14 -5.76
C GLU A 176 -12.93 29.48 -6.08
N GLU A 177 -12.97 28.18 -6.35
CA GLU A 177 -11.78 27.40 -6.70
C GLU A 177 -10.70 27.50 -5.62
N GLY A 178 -11.13 27.44 -4.36
CA GLY A 178 -10.23 27.49 -3.24
C GLY A 178 -9.89 28.89 -2.75
N LYS A 179 -10.29 29.92 -3.48
CA LYS A 179 -9.94 31.29 -3.14
C LYS A 179 -11.14 31.97 -2.50
N ILE A 180 -10.92 32.65 -1.38
CA ILE A 180 -11.98 33.37 -0.68
C ILE A 180 -12.24 34.66 -1.45
N VAL A 181 -13.40 34.72 -2.13
CA VAL A 181 -13.74 35.92 -2.88
C VAL A 181 -14.56 36.90 -2.04
N HIS A 182 -15.31 36.40 -1.06
CA HIS A 182 -16.10 37.26 -0.20
C HIS A 182 -16.23 36.62 1.17
N THR A 183 -16.46 37.45 2.17
CA THR A 183 -16.67 36.98 3.54
C THR A 183 -17.76 37.83 4.17
N SER A 184 -18.91 37.23 4.45
CA SER A 184 -20.07 37.93 4.98
C SER A 184 -20.27 37.55 6.44
N THR A 185 -20.41 38.56 7.30
CA THR A 185 -20.76 38.32 8.69
C THR A 185 -22.20 37.83 8.78
N LEU A 186 -22.46 36.87 9.66
CA LEU A 186 -23.80 36.34 9.84
C LEU A 186 -24.76 37.44 10.25
N SER A 187 -25.91 37.49 9.58
CA SER A 187 -26.96 38.46 9.87
C SER A 187 -28.30 37.74 9.92
N GLY A 188 -29.23 38.32 10.64
CA GLY A 188 -30.55 37.75 10.82
C GLY A 188 -30.90 37.60 12.29
N SER A 189 -31.80 36.64 12.54
CA SER A 189 -32.37 36.49 13.87
C SER A 189 -31.61 35.47 14.72
N ALA A 190 -30.90 34.53 14.09
CA ALA A 190 -30.20 33.50 14.84
C ALA A 190 -29.06 34.11 15.64
N GLN A 191 -29.02 33.80 16.94
CA GLN A 191 -28.03 34.39 17.83
C GLN A 191 -26.76 33.55 17.92
N HIS A 192 -26.90 32.23 17.99
CA HIS A 192 -25.76 31.33 18.04
C HIS A 192 -25.88 30.31 16.93
N VAL A 193 -24.84 30.21 16.10
CA VAL A 193 -24.84 29.33 14.93
C VAL A 193 -23.56 28.51 14.95
N GLU A 194 -23.69 27.19 14.84
CA GLU A 194 -22.57 26.28 14.92
C GLU A 194 -22.89 25.01 14.14
N GLU A 195 -21.86 24.44 13.52
CA GLU A 195 -21.91 23.13 12.87
C GLU A 195 -23.16 23.00 11.98
N CYS A 196 -23.20 23.84 10.96
CA CYS A 196 -24.35 23.92 10.09
C CYS A 196 -24.41 22.74 9.14
N SER A 197 -25.59 22.15 9.02
CA SER A 197 -25.87 21.14 8.01
C SER A 197 -26.50 21.86 6.82
N CYS A 198 -25.72 22.05 5.76
CA CYS A 198 -26.12 22.88 4.64
C CYS A 198 -26.44 22.01 3.44
N TYR A 199 -27.50 22.39 2.73
CA TYR A 199 -27.92 21.69 1.54
C TYR A 199 -28.32 22.69 0.47
N PRO A 200 -28.12 22.37 -0.80
CA PRO A 200 -28.49 23.30 -1.87
C PRO A 200 -29.99 23.45 -2.03
N ARG A 201 -30.49 24.67 -1.82
CA ARG A 201 -31.88 25.02 -2.11
C ARG A 201 -31.85 26.12 -3.15
N TYR A 202 -31.83 25.71 -4.42
CA TYR A 202 -31.63 26.63 -5.52
C TYR A 202 -32.69 27.72 -5.50
N PRO A 203 -32.33 28.98 -5.78
CA PRO A 203 -31.02 29.47 -6.24
C PRO A 203 -29.97 29.65 -5.15
N GLY A 204 -30.23 29.22 -3.92
CA GLY A 204 -29.27 29.47 -2.86
C GLY A 204 -28.92 28.26 -2.01
N VAL A 205 -28.43 28.51 -0.80
CA VAL A 205 -28.05 27.47 0.14
C VAL A 205 -28.79 27.72 1.44
N ARG A 206 -29.35 26.65 2.01
CA ARG A 206 -30.02 26.71 3.30
C ARG A 206 -29.25 25.83 4.28
N CYS A 207 -28.99 26.37 5.47
CA CYS A 207 -28.22 25.69 6.50
C CYS A 207 -29.07 25.56 7.77
N VAL A 208 -29.06 24.36 8.35
CA VAL A 208 -29.68 24.12 9.65
C VAL A 208 -28.55 23.79 10.62
N CYS A 209 -28.41 24.60 11.66
CA CYS A 209 -27.26 24.56 12.55
C CYS A 209 -27.72 24.22 13.96
N ARG A 210 -26.79 24.24 14.91
CA ARG A 210 -27.10 24.04 16.31
C ARG A 210 -26.86 25.32 17.09
N ASP A 211 -27.80 25.64 17.97
CA ASP A 211 -27.67 26.74 18.92
C ASP A 211 -27.12 26.16 20.21
N ASN A 212 -25.84 26.41 20.46
CA ASN A 212 -25.15 25.88 21.64
C ASN A 212 -25.23 26.81 22.84
N TRP A 213 -25.99 27.89 22.74
CA TRP A 213 -25.98 28.93 23.77
C TRP A 213 -27.30 29.00 24.53
N LYS A 214 -28.42 29.23 23.85
CA LYS A 214 -29.69 29.42 24.55
C LYS A 214 -30.90 28.86 23.83
N GLY A 215 -30.75 27.92 22.92
CA GLY A 215 -31.87 27.40 22.18
C GLY A 215 -31.74 25.92 21.88
N SER A 216 -32.85 25.20 22.07
CA SER A 216 -32.97 23.83 21.62
C SER A 216 -33.64 23.72 20.26
N ASN A 217 -34.10 24.83 19.70
CA ASN A 217 -34.54 24.85 18.31
C ASN A 217 -33.36 25.14 17.39
N ARG A 218 -33.48 24.72 16.15
CA ARG A 218 -32.28 24.84 15.35
C ARG A 218 -32.29 26.10 14.51
N PRO A 219 -31.20 26.86 14.53
CA PRO A 219 -31.09 28.06 13.69
C PRO A 219 -31.08 27.70 12.21
N ILE A 220 -31.58 28.63 11.40
CA ILE A 220 -31.62 28.49 9.95
C ILE A 220 -30.79 29.62 9.34
N VAL A 221 -29.91 29.27 8.42
CA VAL A 221 -29.15 30.24 7.65
C VAL A 221 -29.52 30.08 6.18
N ASP A 222 -29.98 31.16 5.56
CA ASP A 222 -30.28 31.17 4.14
C ASP A 222 -29.24 32.02 3.42
N ILE A 223 -28.55 31.42 2.45
CA ILE A 223 -27.45 32.07 1.74
C ILE A 223 -27.83 32.16 0.27
N ASN A 224 -27.81 33.38 -0.26
CA ASN A 224 -28.06 33.61 -1.68
C ASN A 224 -26.72 33.67 -2.40
N ILE A 225 -26.49 32.74 -3.32
CA ILE A 225 -25.11 32.63 -3.90
C ILE A 225 -24.80 33.84 -4.78
N LYS A 226 -25.78 34.36 -5.49
CA LYS A 226 -25.60 35.51 -6.40
C LYS A 226 -25.38 36.81 -5.62
N ASP A 227 -26.39 37.23 -4.86
CA ASP A 227 -26.33 38.51 -4.10
C ASP A 227 -25.43 38.42 -2.87
N HIS A 228 -25.16 37.24 -2.32
CA HIS A 228 -24.32 37.05 -1.11
C HIS A 228 -25.05 37.46 0.18
N SER A 229 -26.37 37.67 0.12
CA SER A 229 -27.12 38.10 1.30
C SER A 229 -27.34 36.94 2.26
N ILE A 230 -27.36 37.25 3.55
CA ILE A 230 -27.52 36.25 4.60
C ILE A 230 -28.71 36.65 5.47
N VAL A 231 -29.62 35.70 5.70
CA VAL A 231 -30.74 35.88 6.60
C VAL A 231 -30.79 34.69 7.55
N SER A 232 -31.15 34.95 8.80
CA SER A 232 -31.13 33.93 9.84
C SER A 232 -32.49 33.86 10.53
N SER A 233 -32.84 32.65 10.96
CA SER A 233 -34.08 32.38 11.68
C SER A 233 -33.89 31.09 12.46
N TYR A 234 -34.99 30.52 12.96
CA TYR A 234 -34.97 29.27 13.68
C TYR A 234 -36.00 28.31 13.08
N VAL A 235 -35.74 27.01 13.22
CA VAL A 235 -36.71 26.02 12.76
C VAL A 235 -37.96 26.14 13.62
N CYS A 236 -39.10 26.36 12.95
CA CYS A 236 -40.33 26.69 13.67
C CYS A 236 -41.04 25.46 14.21
N SER A 237 -40.57 24.25 13.90
CA SER A 237 -41.23 23.04 14.37
C SER A 237 -41.28 23.00 15.89
N GLY A 238 -42.47 22.72 16.43
CA GLY A 238 -42.62 22.58 17.87
C GLY A 238 -41.88 21.39 18.44
N LEU A 239 -41.54 20.43 17.60
CA LEU A 239 -40.67 19.32 17.99
C LEU A 239 -39.23 19.70 17.64
N VAL A 240 -38.45 20.06 18.63
CA VAL A 240 -37.11 20.58 18.42
C VAL A 240 -36.15 19.42 18.21
N GLY A 241 -35.13 19.64 17.38
CA GLY A 241 -34.22 18.59 16.99
C GLY A 241 -32.89 18.56 17.71
N ASP A 242 -32.66 19.53 18.60
CA ASP A 242 -31.40 19.63 19.31
C ASP A 242 -31.45 18.81 20.60
N THR A 243 -30.29 18.27 20.97
CA THR A 243 -30.11 17.57 22.24
C THR A 243 -29.07 18.32 23.06
N PRO A 244 -29.36 18.71 24.32
CA PRO A 244 -30.56 18.44 25.12
C PRO A 244 -31.79 19.22 24.68
N ARG A 245 -32.96 18.78 25.16
CA ARG A 245 -34.22 19.46 24.88
C ARG A 245 -35.23 19.03 25.93
N LYS A 246 -36.37 19.70 25.93
CA LYS A 246 -37.52 19.25 26.69
C LYS A 246 -38.29 18.20 25.90
N ASN A 247 -39.07 17.42 26.63
CA ASN A 247 -39.96 16.39 26.03
C ASN A 247 -40.94 17.02 25.05
N ASP A 248 -41.57 16.21 24.18
CA ASP A 248 -42.45 16.75 23.15
C ASP A 248 -43.65 17.49 23.73
N SER A 249 -44.17 17.05 24.87
CA SER A 249 -45.32 17.72 25.47
C SER A 249 -44.95 19.09 26.02
N SER A 250 -43.72 19.27 26.48
CA SER A 250 -43.30 20.51 27.13
C SER A 250 -42.45 21.41 26.24
N SER A 251 -41.80 20.86 25.23
CA SER A 251 -40.92 21.65 24.38
C SER A 251 -41.71 22.66 23.57
N SER A 252 -41.13 23.84 23.37
CA SER A 252 -41.72 24.88 22.56
C SER A 252 -40.65 25.45 21.64
N SER A 253 -41.09 26.11 20.57
CA SER A 253 -40.16 26.67 19.60
C SER A 253 -40.61 28.08 19.25
N HIS A 254 -39.77 28.75 18.46
CA HIS A 254 -40.05 30.10 18.01
C HIS A 254 -39.52 30.25 16.59
N CYS A 255 -40.26 30.98 15.76
CA CYS A 255 -39.89 31.16 14.36
C CYS A 255 -38.72 32.13 14.17
N LEU A 256 -38.37 32.92 15.18
CA LEU A 256 -37.33 33.92 15.05
C LEU A 256 -36.32 33.92 16.18
N ASP A 257 -36.62 33.34 17.33
CA ASP A 257 -35.78 33.44 18.51
C ASP A 257 -35.48 32.06 19.06
N PRO A 258 -34.38 31.90 19.78
CA PRO A 258 -34.18 30.68 20.55
C PRO A 258 -35.24 30.54 21.62
N ASN A 259 -35.65 29.30 21.87
CA ASN A 259 -36.77 29.02 22.77
C ASN A 259 -36.40 29.08 24.24
N ASN A 260 -35.10 29.22 24.55
CA ASN A 260 -34.63 29.32 25.93
C ASN A 260 -35.07 28.13 26.76
N GLU A 261 -35.02 26.92 26.18
CA GLU A 261 -35.44 25.70 26.85
C GLU A 261 -34.36 24.65 26.65
N GLU A 262 -33.53 24.45 27.68
CA GLU A 262 -32.44 23.48 27.62
C GLU A 262 -31.55 23.74 26.42
N GLY A 263 -31.24 25.02 26.17
CA GLY A 263 -30.44 25.39 25.02
C GLY A 263 -28.97 25.59 25.27
N GLY A 264 -28.51 25.41 26.51
CA GLY A 264 -27.12 25.70 26.84
C GLY A 264 -26.12 24.79 26.19
N HIS A 265 -26.56 23.67 25.63
CA HIS A 265 -25.67 22.73 24.95
C HIS A 265 -26.30 22.39 23.60
N GLY A 266 -25.76 21.40 22.89
CA GLY A 266 -26.34 21.04 21.62
C GLY A 266 -25.63 19.86 21.00
N VAL A 267 -26.16 19.46 19.83
CA VAL A 267 -25.55 18.42 19.01
C VAL A 267 -25.77 18.81 17.56
N LYS A 268 -24.83 18.42 16.70
CA LYS A 268 -24.99 18.65 15.28
C LYS A 268 -26.14 17.81 14.73
N GLY A 269 -27.09 18.48 14.09
CA GLY A 269 -28.23 17.80 13.49
C GLY A 269 -28.56 18.36 12.13
N TRP A 270 -29.76 18.07 11.63
CA TRP A 270 -30.13 18.49 10.29
C TRP A 270 -31.64 18.62 10.21
N ALA A 271 -32.09 19.35 9.20
CA ALA A 271 -33.50 19.51 8.89
C ALA A 271 -33.61 20.11 7.49
N PHE A 272 -34.67 19.77 6.79
CA PHE A 272 -34.98 20.39 5.51
C PHE A 272 -36.48 20.45 5.34
N ASP A 273 -36.94 21.41 4.55
CA ASP A 273 -38.36 21.69 4.39
C ASP A 273 -38.89 20.99 3.15
N ASP A 274 -40.12 20.49 3.25
CA ASP A 274 -40.87 19.92 2.14
C ASP A 274 -42.16 20.71 2.05
N GLY A 275 -42.15 21.82 1.35
CA GLY A 275 -43.25 22.76 1.42
C GLY A 275 -43.26 23.40 2.79
N ASN A 276 -44.42 23.37 3.45
CA ASN A 276 -44.52 23.89 4.81
C ASN A 276 -44.10 22.87 5.86
N ASP A 277 -43.93 21.61 5.48
CA ASP A 277 -43.49 20.58 6.41
C ASP A 277 -41.97 20.58 6.52
N VAL A 278 -41.48 20.00 7.60
CA VAL A 278 -40.05 19.88 7.85
C VAL A 278 -39.71 18.41 8.06
N TRP A 279 -38.66 17.95 7.38
CA TRP A 279 -38.07 16.66 7.65
C TRP A 279 -36.87 16.86 8.55
N MET A 280 -36.86 16.21 9.71
CA MET A 280 -35.81 16.43 10.69
C MET A 280 -35.38 15.10 11.28
N GLY A 281 -34.16 15.08 11.78
CA GLY A 281 -33.67 13.97 12.56
C GLY A 281 -33.15 14.46 13.89
N ARG A 282 -33.29 13.61 14.90
CA ARG A 282 -32.81 13.94 16.24
C ARG A 282 -32.58 12.66 17.00
N THR A 283 -31.99 12.80 18.18
CA THR A 283 -31.82 11.67 19.09
C THR A 283 -33.12 11.38 19.80
N ILE A 284 -33.39 10.08 20.03
CA ILE A 284 -34.59 9.70 20.74
C ILE A 284 -34.56 10.21 22.18
N ASN A 285 -33.41 10.11 22.81
CA ASN A 285 -33.27 10.62 24.19
C ASN A 285 -33.30 12.14 24.15
N GLU A 286 -33.98 12.73 25.12
CA GLU A 286 -34.10 14.18 25.21
C GLU A 286 -32.88 14.86 25.80
N THR A 287 -32.04 14.13 26.54
CA THR A 287 -30.90 14.73 27.22
C THR A 287 -29.57 14.15 26.77
N SER A 288 -29.53 12.89 26.37
CA SER A 288 -28.31 12.24 25.91
C SER A 288 -28.40 11.94 24.42
N ARG A 289 -27.24 11.61 23.85
CA ARG A 289 -27.16 11.26 22.43
C ARG A 289 -27.36 9.75 22.28
N LEU A 290 -28.54 9.30 22.70
CA LEU A 290 -28.93 7.90 22.64
C LEU A 290 -30.06 7.75 21.64
N GLY A 291 -29.90 6.85 20.68
CA GLY A 291 -30.90 6.60 19.68
C GLY A 291 -30.94 7.69 18.62
N TYR A 292 -31.68 7.40 17.56
CA TYR A 292 -31.88 8.38 16.50
C TYR A 292 -33.17 8.08 15.78
N GLU A 293 -33.99 9.11 15.60
CA GLU A 293 -35.26 8.99 14.87
C GLU A 293 -35.37 10.13 13.87
N THR A 294 -36.06 9.85 12.76
CA THR A 294 -36.41 10.88 11.79
C THR A 294 -37.92 10.87 11.61
N PHE A 295 -38.47 12.06 11.36
CA PHE A 295 -39.90 12.20 11.15
C PHE A 295 -40.16 13.50 10.38
N LYS A 296 -41.38 13.62 9.87
CA LYS A 296 -41.85 14.83 9.22
C LYS A 296 -42.91 15.49 10.09
N VAL A 297 -42.74 16.78 10.33
CA VAL A 297 -43.70 17.57 11.11
C VAL A 297 -44.55 18.37 10.15
N ILE A 298 -45.87 18.20 10.25
CA ILE A 298 -46.80 18.94 9.39
C ILE A 298 -46.79 20.41 9.76
N GLU A 299 -46.60 21.27 8.76
CA GLU A 299 -46.50 22.71 8.95
C GLU A 299 -45.40 23.04 9.96
N GLY A 300 -44.35 22.22 10.00
CA GLY A 300 -43.30 22.40 10.96
C GLY A 300 -42.24 23.39 10.54
N TRP A 301 -42.28 23.82 9.28
CA TRP A 301 -41.37 24.85 8.80
C TRP A 301 -41.97 26.24 8.85
N SER A 302 -43.29 26.37 8.86
CA SER A 302 -43.95 27.65 8.79
C SER A 302 -44.79 28.01 10.00
N ASN A 303 -44.94 27.07 10.90
CA ASN A 303 -45.83 27.26 12.08
C ASN A 303 -45.14 26.77 13.34
N PRO A 304 -44.88 27.64 14.31
CA PRO A 304 -44.37 27.16 15.57
C PRO A 304 -45.64 26.55 16.11
N LYS A 305 -45.59 25.85 17.23
CA LYS A 305 -46.86 25.37 17.84
C LYS A 305 -47.42 24.14 17.09
N SER A 306 -46.64 23.57 16.20
CA SER A 306 -47.06 22.36 15.45
C SER A 306 -46.28 21.18 16.03
N LYS A 307 -46.98 20.25 16.66
CA LYS A 307 -46.32 19.07 17.24
C LYS A 307 -46.93 17.83 16.58
N LEU A 308 -47.41 17.96 15.36
CA LEU A 308 -48.03 16.87 14.60
C LEU A 308 -46.99 16.27 13.67
N GLN A 309 -46.40 15.16 14.08
CA GLN A 309 -45.38 14.49 13.28
C GLN A 309 -45.97 13.27 12.59
N THR A 310 -45.25 12.79 11.57
CA THR A 310 -45.67 11.63 10.80
C THR A 310 -44.45 11.04 10.10
N ASN A 311 -44.62 9.84 9.58
CA ASN A 311 -43.56 9.13 8.84
C ASN A 311 -42.33 8.95 9.72
N ARG A 312 -42.53 8.62 10.99
CA ARG A 312 -41.41 8.46 11.91
C ARG A 312 -40.68 7.15 11.65
N GLN A 313 -39.36 7.23 11.56
CA GLN A 313 -38.49 6.06 11.43
C GLN A 313 -37.50 6.05 12.57
N VAL A 314 -37.28 4.88 13.16
CA VAL A 314 -36.22 4.71 14.14
C VAL A 314 -34.96 4.29 13.39
N ILE A 315 -33.95 5.16 13.38
CA ILE A 315 -32.69 4.83 12.73
C ILE A 315 -31.81 4.04 13.68
N VAL A 316 -31.63 4.55 14.90
CA VAL A 316 -30.88 3.89 15.95
C VAL A 316 -31.82 3.73 17.14
N ASP A 317 -31.85 2.52 17.71
CA ASP A 317 -32.74 2.24 18.82
C ASP A 317 -32.37 3.11 20.02
N ARG A 318 -33.39 3.42 20.83
CA ARG A 318 -33.22 4.38 21.92
C ARG A 318 -32.16 3.95 22.93
N GLY A 319 -31.90 2.65 23.04
CA GLY A 319 -30.88 2.17 23.95
C GLY A 319 -29.47 2.20 23.41
N ASP A 320 -29.29 2.60 22.15
CA ASP A 320 -27.98 2.59 21.50
C ASP A 320 -27.48 4.00 21.28
N ARG A 321 -26.16 4.13 21.20
CA ARG A 321 -25.51 5.43 21.17
C ARG A 321 -25.53 6.03 19.76
N SER A 322 -25.85 7.31 19.69
CA SER A 322 -25.75 8.07 18.45
C SER A 322 -24.77 9.23 18.65
N GLY A 323 -24.73 10.16 17.70
CA GLY A 323 -23.85 11.31 17.80
C GLY A 323 -24.21 12.40 16.83
N TYR A 324 -23.20 12.99 16.19
CA TYR A 324 -23.46 14.02 15.19
C TYR A 324 -24.23 13.43 14.02
N SER A 325 -25.10 14.25 13.43
CA SER A 325 -25.81 13.89 12.22
C SER A 325 -25.84 15.09 11.30
N GLY A 326 -25.81 14.82 10.01
CA GLY A 326 -25.80 15.89 9.03
C GLY A 326 -26.44 15.44 7.74
N ILE A 327 -26.68 16.41 6.88
CA ILE A 327 -27.36 16.19 5.62
C ILE A 327 -26.34 16.23 4.49
N PHE A 328 -26.68 15.57 3.39
CA PHE A 328 -25.95 15.74 2.14
C PHE A 328 -26.89 15.44 0.99
N SER A 329 -26.73 16.17 -0.11
CA SER A 329 -27.64 16.11 -1.23
C SER A 329 -26.98 15.37 -2.39
N VAL A 330 -27.75 14.52 -3.05
CA VAL A 330 -27.29 13.73 -4.17
C VAL A 330 -28.17 14.03 -5.36
N GLU A 331 -27.55 14.45 -6.47
CA GLU A 331 -28.31 14.76 -7.68
C GLU A 331 -28.77 13.48 -8.35
N GLY A 332 -30.05 13.41 -8.66
CA GLY A 332 -30.63 12.27 -9.34
C GLY A 332 -30.79 12.52 -10.83
N LYS A 333 -31.58 11.64 -11.45
CA LYS A 333 -31.84 11.77 -12.89
C LYS A 333 -32.56 13.07 -13.19
N SER A 334 -33.53 13.40 -12.32
CA SER A 334 -34.39 14.60 -12.53
C SER A 334 -34.60 15.45 -11.26
N CYS A 335 -34.26 14.93 -10.10
CA CYS A 335 -34.53 15.66 -8.85
C CYS A 335 -33.30 15.61 -7.96
N ILE A 336 -33.27 16.43 -6.91
CA ILE A 336 -32.16 16.40 -5.90
C ILE A 336 -32.67 15.64 -4.68
N ASN A 337 -31.94 14.62 -4.27
CA ASN A 337 -32.33 13.78 -3.12
C ASN A 337 -31.61 14.28 -1.87
N ARG A 338 -32.30 14.19 -0.76
CA ARG A 338 -31.72 14.53 0.52
C ARG A 338 -31.38 13.24 1.26
N CYS A 339 -30.13 13.15 1.72
CA CYS A 339 -29.65 12.01 2.47
C CYS A 339 -29.01 12.50 3.76
N PHE A 340 -28.96 11.63 4.76
CA PHE A 340 -28.35 12.00 6.02
C PHE A 340 -27.52 10.83 6.55
N TYR A 341 -26.51 11.20 7.33
CA TYR A 341 -25.67 10.25 8.04
C TYR A 341 -25.89 10.43 9.53
N VAL A 342 -25.67 9.36 10.30
CA VAL A 342 -25.67 9.41 11.75
C VAL A 342 -24.35 8.83 12.24
N GLU A 343 -23.65 9.59 13.08
CA GLU A 343 -22.43 9.14 13.71
C GLU A 343 -22.79 8.36 14.96
N LEU A 344 -22.23 7.16 15.09
CA LEU A 344 -22.51 6.28 16.21
C LEU A 344 -21.27 6.26 17.10
N ILE A 345 -21.27 7.14 18.10
CA ILE A 345 -20.13 7.31 18.99
C ILE A 345 -20.08 6.15 19.98
N ARG A 346 -18.90 5.54 20.10
CA ARG A 346 -18.64 4.53 21.11
C ARG A 346 -17.36 4.89 21.83
N GLY A 347 -17.32 4.62 23.13
CA GLY A 347 -16.09 4.82 23.86
C GLY A 347 -16.15 5.76 25.05
N ARG A 348 -15.05 6.43 25.28
CA ARG A 348 -14.85 7.13 26.55
C ARG A 348 -15.60 8.42 26.76
N LYS A 349 -15.77 8.68 28.06
CA LYS A 349 -16.58 9.76 28.63
C LYS A 349 -18.05 9.37 28.72
N GLU A 350 -18.47 8.26 28.13
CA GLU A 350 -19.77 7.66 28.42
C GLU A 350 -19.72 6.15 28.62
N GLU A 351 -18.76 5.46 28.02
CA GLU A 351 -18.53 4.04 28.24
C GLU A 351 -17.08 3.87 28.67
N THR A 352 -16.87 3.55 29.95
CA THR A 352 -15.54 3.57 30.54
C THR A 352 -14.83 2.23 30.46
N GLU A 353 -15.42 1.23 29.78
CA GLU A 353 -14.75 -0.05 29.64
C GLU A 353 -13.61 0.00 28.63
N VAL A 354 -13.48 1.07 27.85
CA VAL A 354 -12.38 1.24 26.92
C VAL A 354 -11.76 2.61 27.16
N LEU A 355 -10.51 2.76 26.72
CA LEU A 355 -9.75 3.98 26.92
C LEU A 355 -9.90 4.96 25.77
N TRP A 356 -10.56 4.57 24.69
CA TRP A 356 -10.60 5.35 23.47
C TRP A 356 -12.01 5.88 23.22
N THR A 357 -12.10 6.83 22.29
CA THR A 357 -13.35 7.34 21.77
C THR A 357 -13.30 7.31 20.25
N SER A 358 -14.26 6.62 19.64
CA SER A 358 -14.33 6.52 18.19
C SER A 358 -15.79 6.46 17.78
N ASN A 359 -16.02 6.28 16.48
CA ASN A 359 -17.38 6.33 15.96
C ASN A 359 -17.52 5.40 14.77
N SER A 360 -18.76 5.01 14.52
CA SER A 360 -19.20 4.38 13.29
C SER A 360 -20.21 5.30 12.61
N ILE A 361 -20.57 4.99 11.38
CA ILE A 361 -21.49 5.82 10.63
C ILE A 361 -22.53 4.94 9.95
N VAL A 362 -23.78 5.42 9.95
CA VAL A 362 -24.87 4.81 9.21
C VAL A 362 -25.48 5.88 8.33
N VAL A 363 -25.71 5.54 7.06
CA VAL A 363 -26.14 6.50 6.05
C VAL A 363 -27.51 6.10 5.55
N PHE A 364 -28.44 7.06 5.53
CA PHE A 364 -29.77 6.86 4.98
C PHE A 364 -30.03 7.88 3.89
N CYS A 365 -30.83 7.50 2.90
CA CYS A 365 -31.15 8.38 1.79
C CYS A 365 -32.67 8.45 1.64
N GLY A 366 -33.13 9.64 1.25
CA GLY A 366 -34.55 9.83 1.04
C GLY A 366 -35.08 8.97 -0.10
N THR A 367 -36.32 8.53 0.05
CA THR A 367 -36.94 7.67 -0.94
C THR A 367 -38.37 8.15 -1.19
N SER A 368 -38.81 7.99 -2.43
CA SER A 368 -40.21 8.20 -2.77
C SER A 368 -41.00 6.90 -2.71
N GLY A 369 -40.34 5.78 -2.47
CA GLY A 369 -40.98 4.48 -2.38
C GLY A 369 -41.40 4.15 -0.97
N THR A 370 -41.49 2.86 -0.70
CA THR A 370 -41.88 2.36 0.60
C THR A 370 -40.68 1.76 1.33
N TYR A 371 -40.82 1.63 2.64
CA TYR A 371 -39.74 1.14 3.48
C TYR A 371 -40.35 0.49 4.71
N GLY A 372 -39.56 -0.33 5.38
CA GLY A 372 -40.01 -0.98 6.59
C GLY A 372 -39.43 -0.34 7.83
N THR A 373 -39.23 -1.14 8.87
CA THR A 373 -38.63 -0.67 10.11
C THR A 373 -37.35 -1.46 10.38
N GLY A 374 -36.65 -1.03 11.42
CA GLY A 374 -35.42 -1.69 11.81
C GLY A 374 -34.62 -0.80 12.73
N SER A 375 -33.40 -1.25 13.02
CA SER A 375 -32.47 -0.46 13.81
C SER A 375 -31.07 -0.88 13.39
N TRP A 376 -30.18 0.09 13.21
CA TRP A 376 -28.82 -0.15 12.74
C TRP A 376 -27.84 0.54 13.67
N PRO A 377 -27.59 -0.05 14.84
CA PRO A 377 -26.64 0.55 15.78
C PRO A 377 -25.20 0.22 15.42
N ASP A 378 -24.26 0.67 16.25
CA ASP A 378 -22.85 0.40 16.01
C ASP A 378 -22.58 -1.11 16.08
N GLY A 379 -23.06 -1.77 17.13
CA GLY A 379 -22.99 -3.21 17.24
C GLY A 379 -21.73 -3.78 17.83
N ALA A 380 -20.73 -2.96 18.13
CA ALA A 380 -19.52 -3.47 18.76
C ALA A 380 -19.79 -3.78 20.23
N ASP A 381 -19.08 -4.79 20.75
CA ASP A 381 -19.17 -5.17 22.16
C ASP A 381 -17.88 -4.72 22.82
N LEU A 382 -17.94 -3.58 23.53
CA LEU A 382 -16.74 -3.00 24.11
C LEU A 382 -16.21 -3.79 25.29
N ASN A 383 -17.01 -4.65 25.90
CA ASN A 383 -16.52 -5.52 26.97
C ASN A 383 -15.46 -6.51 26.46
N LEU A 384 -15.55 -6.91 25.20
CA LEU A 384 -14.58 -7.85 24.63
C LEU A 384 -13.53 -7.17 23.75
N MET A 385 -13.62 -5.86 23.55
CA MET A 385 -12.70 -5.18 22.68
C MET A 385 -11.43 -4.79 23.43
N PRO A 386 -10.30 -4.68 22.72
CA PRO A 386 -9.07 -4.21 23.38
C PRO A 386 -9.22 -2.81 23.93
N ILE A 387 -8.58 -2.57 25.08
CA ILE A 387 -8.66 -1.27 25.73
C ILE A 387 -7.59 -0.33 25.18
N GLU B 1 -24.10 0.75 -25.13
CA GLU B 1 -23.80 1.00 -23.69
C GLU B 1 -24.71 0.10 -22.86
N TYR B 2 -25.96 -0.10 -23.24
CA TYR B 2 -26.79 -1.08 -22.50
C TYR B 2 -26.52 -2.46 -23.05
N ARG B 3 -26.29 -3.46 -22.20
CA ARG B 3 -26.05 -4.86 -22.51
C ARG B 3 -27.36 -5.49 -22.95
N ASN B 4 -27.32 -6.18 -24.10
CA ASN B 4 -28.50 -6.91 -24.61
C ASN B 4 -28.31 -8.43 -24.60
N TRP B 5 -27.09 -8.94 -24.43
CA TRP B 5 -26.83 -10.38 -24.38
C TRP B 5 -27.37 -11.09 -25.61
N SER B 6 -27.30 -10.44 -26.77
CA SER B 6 -27.96 -10.95 -27.96
C SER B 6 -27.20 -12.07 -28.64
N LYS B 7 -25.95 -12.34 -28.23
CA LYS B 7 -25.16 -13.38 -28.86
C LYS B 7 -25.68 -14.76 -28.44
N PRO B 8 -25.40 -15.79 -29.24
CA PRO B 8 -25.84 -17.14 -28.87
C PRO B 8 -25.08 -17.70 -27.68
N GLN B 9 -25.62 -18.73 -27.05
CA GLN B 9 -24.93 -19.39 -25.95
C GLN B 9 -23.71 -20.13 -26.47
N CYS B 10 -22.61 -20.03 -25.73
CA CYS B 10 -21.38 -20.71 -26.10
C CYS B 10 -21.58 -22.21 -26.08
N GLY B 11 -20.97 -22.90 -27.05
CA GLY B 11 -20.93 -24.34 -27.01
C GLY B 11 -20.10 -24.78 -25.83
N ILE B 12 -20.70 -25.55 -24.92
CA ILE B 12 -20.07 -25.93 -23.66
C ILE B 12 -19.93 -27.44 -23.62
N THR B 13 -18.69 -27.91 -23.47
CA THR B 13 -18.40 -29.31 -23.22
C THR B 13 -18.06 -29.58 -21.77
N GLY B 14 -18.08 -28.55 -20.93
CA GLY B 14 -17.66 -28.67 -19.55
C GLY B 14 -17.25 -27.33 -19.03
N PHE B 15 -16.53 -27.36 -17.92
CA PHE B 15 -16.14 -26.14 -17.22
C PHE B 15 -14.66 -26.21 -16.86
N ALA B 16 -14.00 -25.06 -16.90
CA ALA B 16 -12.60 -24.94 -16.58
C ALA B 16 -12.41 -24.04 -15.37
N PRO B 17 -11.39 -24.30 -14.54
CA PRO B 17 -11.18 -23.47 -13.35
C PRO B 17 -10.92 -22.02 -13.72
N PHE B 18 -11.55 -21.13 -13.00
CA PHE B 18 -11.45 -19.71 -13.31
C PHE B 18 -10.89 -18.90 -12.16
N SER B 19 -11.38 -19.08 -10.94
CA SER B 19 -10.96 -18.24 -9.83
C SER B 19 -11.14 -19.01 -8.52
N LYS B 20 -10.24 -18.73 -7.58
CA LYS B 20 -10.32 -19.25 -6.23
C LYS B 20 -10.04 -18.11 -5.25
N ASP B 21 -10.77 -18.09 -4.14
CA ASP B 21 -10.66 -17.01 -3.18
C ASP B 21 -9.60 -17.25 -2.12
N ASN B 22 -9.55 -18.46 -1.56
CA ASN B 22 -8.68 -18.82 -0.44
C ASN B 22 -8.92 -17.95 0.79
N SER B 23 -10.15 -17.47 0.97
CA SER B 23 -10.42 -16.47 2.01
C SER B 23 -10.16 -17.03 3.41
N ILE B 24 -10.63 -18.25 3.68
CA ILE B 24 -10.49 -18.80 5.03
C ILE B 24 -9.03 -19.10 5.34
N ARG B 25 -8.29 -19.60 4.36
CA ARG B 25 -6.86 -19.86 4.57
C ARG B 25 -6.11 -18.56 4.87
N LEU B 26 -6.45 -17.49 4.15
CA LEU B 26 -5.83 -16.20 4.41
C LEU B 26 -6.31 -15.59 5.73
N SER B 27 -7.47 -16.01 6.22
CA SER B 27 -8.00 -15.47 7.47
C SER B 27 -7.16 -15.88 8.68
N ALA B 28 -6.43 -16.99 8.60
CA ALA B 28 -5.62 -17.43 9.74
C ALA B 28 -4.54 -16.41 10.07
N GLY B 29 -3.91 -15.83 9.05
CA GLY B 29 -3.08 -14.67 9.25
C GLY B 29 -3.48 -13.53 8.32
N GLY B 30 -4.03 -12.46 8.87
CA GLY B 30 -4.55 -11.38 8.06
C GLY B 30 -6.02 -11.11 8.34
N ASP B 31 -6.44 -9.86 8.16
CA ASP B 31 -7.81 -9.44 8.47
C ASP B 31 -8.68 -9.65 7.24
N ILE B 32 -9.56 -10.65 7.31
CA ILE B 32 -10.43 -11.02 6.20
C ILE B 32 -11.86 -11.01 6.70
N TRP B 33 -12.75 -10.43 5.89
CA TRP B 33 -14.17 -10.33 6.26
C TRP B 33 -14.78 -11.71 6.46
N VAL B 34 -15.68 -11.80 7.43
CA VAL B 34 -16.55 -12.96 7.58
C VAL B 34 -17.72 -12.78 6.63
N THR B 35 -17.90 -13.72 5.71
CA THR B 35 -18.89 -13.60 4.66
C THR B 35 -19.70 -14.89 4.55
N ARG B 36 -20.82 -14.78 3.85
CA ARG B 36 -21.60 -15.94 3.41
C ARG B 36 -22.49 -15.46 2.27
N GLU B 37 -23.11 -16.40 1.58
CA GLU B 37 -23.94 -16.14 0.41
C GLU B 37 -23.23 -15.28 -0.62
N PRO B 38 -22.10 -15.73 -1.18
CA PRO B 38 -21.42 -14.95 -2.21
C PRO B 38 -22.03 -15.19 -3.58
N TYR B 39 -21.62 -14.35 -4.53
CA TYR B 39 -21.95 -14.54 -5.93
C TYR B 39 -20.99 -13.71 -6.77
N VAL B 40 -20.99 -13.97 -8.07
CA VAL B 40 -20.11 -13.30 -9.02
C VAL B 40 -20.96 -12.59 -10.05
N SER B 41 -20.63 -11.32 -10.30
CA SER B 41 -21.20 -10.56 -11.41
C SER B 41 -20.05 -9.87 -12.12
N CYS B 42 -20.24 -9.64 -13.42
CA CYS B 42 -19.22 -9.02 -14.24
C CYS B 42 -19.79 -7.81 -14.96
N ASP B 43 -19.01 -6.74 -14.99
CA ASP B 43 -19.28 -5.63 -15.90
C ASP B 43 -18.70 -5.99 -17.27
N PRO B 44 -18.86 -5.14 -18.30
CA PRO B 44 -18.32 -5.48 -19.62
C PRO B 44 -16.81 -5.71 -19.64
N ASP B 45 -16.09 -5.19 -18.65
CA ASP B 45 -14.63 -5.29 -18.61
C ASP B 45 -14.15 -6.49 -17.81
N LYS B 46 -14.57 -6.61 -16.54
CA LYS B 46 -14.03 -7.64 -15.66
C LYS B 46 -15.16 -8.13 -14.75
N CYS B 47 -14.85 -9.13 -13.94
CA CYS B 47 -15.81 -9.75 -13.04
C CYS B 47 -15.55 -9.30 -11.61
N TYR B 48 -16.62 -9.27 -10.82
CA TYR B 48 -16.55 -8.88 -9.43
C TYR B 48 -17.15 -9.96 -8.56
N GLN B 49 -16.59 -10.13 -7.37
CA GLN B 49 -17.13 -11.06 -6.39
C GLN B 49 -17.88 -10.27 -5.33
N PHE B 50 -19.08 -10.73 -5.01
CA PHE B 50 -19.91 -10.12 -3.99
C PHE B 50 -20.11 -11.13 -2.86
N ALA B 51 -20.33 -10.61 -1.66
CA ALA B 51 -20.66 -11.45 -0.52
C ALA B 51 -21.35 -10.60 0.52
N LEU B 52 -22.18 -11.24 1.32
CA LEU B 52 -22.85 -10.60 2.44
C LEU B 52 -21.92 -10.71 3.64
N GLY B 53 -21.28 -9.59 3.98
CA GLY B 53 -20.41 -9.55 5.14
C GLY B 53 -21.21 -9.64 6.44
N GLN B 54 -20.52 -9.99 7.52
CA GLN B 54 -21.14 -10.04 8.83
C GLN B 54 -20.73 -8.88 9.71
N GLY B 55 -20.18 -7.81 9.13
CA GLY B 55 -19.76 -6.66 9.91
C GLY B 55 -18.54 -6.92 10.76
N THR B 56 -17.77 -7.97 10.45
CA THR B 56 -16.62 -8.33 11.26
C THR B 56 -15.63 -9.09 10.39
N THR B 57 -14.39 -9.12 10.85
CA THR B 57 -13.39 -10.00 10.28
C THR B 57 -13.40 -11.33 11.02
N LEU B 58 -12.56 -12.28 10.58
CA LEU B 58 -12.59 -13.60 11.17
C LEU B 58 -11.82 -13.68 12.49
N ASN B 59 -10.59 -13.16 12.53
CA ASN B 59 -9.83 -13.10 13.77
C ASN B 59 -10.29 -11.91 14.61
N ASN B 60 -11.51 -12.03 15.12
CA ASN B 60 -12.25 -10.95 15.72
C ASN B 60 -13.17 -11.50 16.80
N VAL B 61 -13.39 -10.70 17.86
CA VAL B 61 -14.33 -11.12 18.89
C VAL B 61 -15.74 -11.14 18.36
N HIS B 62 -16.05 -10.29 17.38
CA HIS B 62 -17.39 -10.21 16.81
C HIS B 62 -17.67 -11.33 15.81
N SER B 63 -16.68 -12.15 15.49
CA SER B 63 -16.87 -13.31 14.64
C SER B 63 -17.67 -14.41 15.32
N ASN B 64 -17.95 -14.27 16.60
CA ASN B 64 -18.70 -15.30 17.36
C ASN B 64 -20.13 -15.38 16.88
N ASN B 65 -20.61 -16.61 16.86
CA ASN B 65 -21.97 -16.91 16.39
C ASN B 65 -22.35 -16.06 15.17
N THR B 66 -21.51 -16.13 14.14
CA THR B 66 -21.80 -15.52 12.85
C THR B 66 -22.63 -16.44 11.96
N VAL B 67 -23.27 -17.45 12.57
CA VAL B 67 -24.16 -18.33 11.83
C VAL B 67 -25.52 -17.69 11.55
N ARG B 68 -25.84 -16.60 12.25
CA ARG B 68 -27.12 -15.91 12.04
C ARG B 68 -27.15 -15.30 10.65
N ASP B 69 -28.31 -15.39 10.00
CA ASP B 69 -28.43 -14.96 8.62
C ASP B 69 -28.80 -13.49 8.47
N ARG B 70 -29.51 -12.92 9.45
CA ARG B 70 -30.01 -11.55 9.35
C ARG B 70 -29.61 -10.78 10.60
N THR B 71 -28.67 -9.85 10.43
CA THR B 71 -28.24 -8.94 11.47
C THR B 71 -28.22 -7.53 10.89
N PRO B 72 -28.35 -6.51 11.73
CA PRO B 72 -28.26 -5.13 11.22
C PRO B 72 -26.88 -4.79 10.65
N TYR B 73 -25.85 -5.54 11.00
CA TYR B 73 -24.48 -5.25 10.63
C TYR B 73 -24.06 -5.88 9.30
N ARG B 74 -24.94 -6.65 8.68
CA ARG B 74 -24.62 -7.31 7.43
C ARG B 74 -24.65 -6.30 6.28
N THR B 75 -23.61 -6.33 5.45
CA THR B 75 -23.48 -5.44 4.32
C THR B 75 -23.01 -6.25 3.12
N LEU B 76 -23.26 -5.73 1.92
CA LEU B 76 -22.82 -6.35 0.68
C LEU B 76 -21.42 -5.87 0.35
N LEU B 77 -20.47 -6.79 0.33
CA LEU B 77 -19.08 -6.49 -0.01
C LEU B 77 -18.86 -6.70 -1.50
N MET B 78 -17.99 -5.90 -2.09
CA MET B 78 -17.74 -5.92 -3.53
C MET B 78 -16.26 -5.73 -3.79
N ASN B 79 -15.62 -6.77 -4.32
CA ASN B 79 -14.26 -6.69 -4.84
C ASN B 79 -14.24 -7.22 -6.27
N GLU B 80 -13.18 -6.88 -6.99
CA GLU B 80 -12.88 -7.57 -8.23
C GLU B 80 -12.63 -9.05 -7.95
N LEU B 81 -13.04 -9.90 -8.89
CA LEU B 81 -12.86 -11.34 -8.71
C LEU B 81 -11.39 -11.68 -8.54
N GLY B 82 -11.04 -12.31 -7.43
CA GLY B 82 -9.67 -12.61 -7.14
C GLY B 82 -9.11 -11.81 -5.98
N VAL B 83 -9.71 -10.65 -5.70
CA VAL B 83 -9.28 -9.88 -4.53
C VAL B 83 -10.04 -10.39 -3.32
N PRO B 84 -9.35 -10.96 -2.33
CA PRO B 84 -10.04 -11.40 -1.12
C PRO B 84 -10.64 -10.22 -0.36
N PHE B 85 -11.70 -10.52 0.39
CA PHE B 85 -12.42 -9.49 1.13
C PHE B 85 -11.57 -9.07 2.33
N HIS B 86 -10.64 -8.15 2.06
CA HIS B 86 -9.76 -7.61 3.09
C HIS B 86 -10.37 -6.31 3.64
N LEU B 87 -9.61 -5.61 4.48
CA LEU B 87 -10.14 -4.43 5.16
C LEU B 87 -10.36 -3.25 4.22
N GLY B 88 -9.74 -3.23 3.06
CA GLY B 88 -9.99 -2.21 2.07
C GLY B 88 -11.18 -2.47 1.20
N THR B 89 -11.92 -3.54 1.46
CA THR B 89 -13.09 -3.89 0.65
C THR B 89 -14.20 -2.87 0.86
N LYS B 90 -14.88 -2.52 -0.23
CA LYS B 90 -16.00 -1.59 -0.16
C LYS B 90 -17.29 -2.36 0.10
N GLN B 91 -18.00 -1.99 1.15
CA GLN B 91 -19.37 -2.46 1.37
C GLN B 91 -20.31 -1.45 0.76
N VAL B 92 -21.05 -1.88 -0.27
CA VAL B 92 -21.81 -0.95 -1.10
C VAL B 92 -23.21 -0.67 -0.58
N CYS B 93 -23.68 -1.43 0.41
CA CYS B 93 -25.02 -1.23 0.94
C CYS B 93 -25.20 -2.08 2.19
N ILE B 94 -26.25 -1.77 2.95
CA ILE B 94 -26.66 -2.58 4.08
C ILE B 94 -27.61 -3.65 3.57
N ALA B 95 -27.24 -4.92 3.75
CA ALA B 95 -28.06 -6.00 3.22
C ALA B 95 -27.72 -7.31 3.92
N TRP B 96 -28.76 -8.04 4.31
CA TRP B 96 -28.61 -9.47 4.57
C TRP B 96 -29.25 -10.31 3.48
N SER B 97 -29.74 -9.68 2.42
CA SER B 97 -30.11 -10.34 1.17
C SER B 97 -29.80 -9.38 0.03
N SER B 98 -29.17 -9.90 -1.02
CA SER B 98 -28.62 -8.99 -2.02
C SER B 98 -28.71 -9.61 -3.40
N SER B 99 -28.64 -8.72 -4.40
CA SER B 99 -28.53 -9.10 -5.80
C SER B 99 -27.93 -7.92 -6.54
N SER B 100 -27.01 -8.21 -7.47
CA SER B 100 -26.25 -7.15 -8.10
C SER B 100 -26.30 -7.31 -9.62
N CYS B 101 -26.38 -6.17 -10.30
CA CYS B 101 -26.54 -6.09 -11.74
C CYS B 101 -25.61 -5.04 -12.32
N HIS B 102 -25.03 -5.35 -13.48
CA HIS B 102 -24.43 -4.33 -14.33
C HIS B 102 -25.17 -4.35 -15.65
N ASP B 103 -25.80 -3.22 -16.00
CA ASP B 103 -26.61 -3.11 -17.21
C ASP B 103 -25.82 -2.63 -18.42
N GLY B 104 -24.49 -2.54 -18.30
CA GLY B 104 -23.65 -2.01 -19.34
C GLY B 104 -23.24 -0.58 -19.14
N LYS B 105 -23.96 0.16 -18.29
CA LYS B 105 -23.63 1.54 -17.95
C LYS B 105 -23.19 1.69 -16.51
N ALA B 106 -23.89 1.04 -15.58
CA ALA B 106 -23.64 1.23 -14.16
C ALA B 106 -24.06 -0.01 -13.41
N TRP B 107 -23.60 -0.12 -12.16
CA TRP B 107 -23.99 -1.21 -11.30
C TRP B 107 -25.34 -0.94 -10.65
N LEU B 108 -26.18 -1.96 -10.58
CA LEU B 108 -27.41 -1.93 -9.82
C LEU B 108 -27.29 -2.93 -8.67
N HIS B 109 -27.47 -2.44 -7.45
CA HIS B 109 -27.42 -3.28 -6.26
C HIS B 109 -28.79 -3.28 -5.60
N VAL B 110 -29.33 -4.48 -5.38
CA VAL B 110 -30.61 -4.65 -4.71
C VAL B 110 -30.31 -5.20 -3.32
N CYS B 111 -30.65 -4.44 -2.29
CA CYS B 111 -30.21 -4.73 -0.94
C CYS B 111 -31.41 -4.73 0.00
N ILE B 112 -31.56 -5.80 0.76
CA ILE B 112 -32.64 -5.96 1.72
C ILE B 112 -32.06 -6.01 3.13
N THR B 113 -32.59 -5.17 4.01
CA THR B 113 -32.16 -5.16 5.41
C THR B 113 -33.35 -4.75 6.27
N GLY B 114 -33.12 -4.67 7.57
CA GLY B 114 -34.14 -4.27 8.51
C GLY B 114 -34.74 -5.44 9.27
N ASP B 115 -35.92 -5.21 9.81
CA ASP B 115 -36.60 -6.22 10.61
C ASP B 115 -37.05 -7.39 9.74
N ASP B 116 -37.23 -8.54 10.39
CA ASP B 116 -37.66 -9.73 9.67
C ASP B 116 -39.03 -9.54 9.03
N LYS B 117 -39.98 -8.98 9.78
CA LYS B 117 -41.34 -8.81 9.29
C LYS B 117 -41.58 -7.45 8.64
N ASN B 118 -40.59 -6.57 8.63
CA ASN B 118 -40.74 -5.26 8.01
C ASN B 118 -39.46 -4.91 7.26
N ALA B 119 -38.95 -5.86 6.49
CA ALA B 119 -37.70 -5.64 5.76
C ALA B 119 -37.89 -4.61 4.65
N THR B 120 -36.83 -3.86 4.39
CA THR B 120 -36.80 -2.85 3.34
C THR B 120 -35.83 -3.27 2.25
N ALA B 121 -36.28 -3.21 1.01
CA ALA B 121 -35.43 -3.46 -0.16
C ALA B 121 -35.01 -2.11 -0.74
N SER B 122 -33.72 -1.84 -0.72
CA SER B 122 -33.18 -0.61 -1.28
C SER B 122 -32.57 -0.89 -2.65
N PHE B 123 -32.90 -0.04 -3.61
CA PHE B 123 -32.43 -0.18 -4.98
C PHE B 123 -31.39 0.90 -5.25
N ILE B 124 -30.13 0.51 -5.36
CA ILE B 124 -29.03 1.43 -5.48
C ILE B 124 -28.42 1.25 -6.86
N TYR B 125 -28.49 2.30 -7.68
CA TYR B 125 -28.00 2.27 -9.05
C TYR B 125 -27.02 3.42 -9.23
N ASN B 126 -25.85 3.10 -9.81
CA ASN B 126 -24.81 4.09 -10.07
C ASN B 126 -24.42 4.87 -8.82
N GLY B 127 -24.35 4.18 -7.69
CA GLY B 127 -24.01 4.82 -6.43
C GLY B 127 -25.10 5.65 -5.82
N ARG B 128 -26.32 5.55 -6.25
CA ARG B 128 -27.36 6.41 -5.66
C ARG B 128 -28.54 5.54 -5.36
N LEU B 129 -29.19 5.80 -4.27
CA LEU B 129 -30.43 5.15 -3.85
C LEU B 129 -31.54 5.74 -4.71
N VAL B 130 -32.07 4.93 -5.62
CA VAL B 130 -33.10 5.41 -6.54
C VAL B 130 -34.49 5.02 -6.06
N ASP B 131 -34.69 3.77 -5.69
CA ASP B 131 -36.02 3.30 -5.30
C ASP B 131 -35.91 2.47 -4.03
N SER B 132 -37.08 2.12 -3.50
CA SER B 132 -37.17 1.35 -2.26
C SER B 132 -38.56 0.76 -2.17
N VAL B 133 -38.63 -0.46 -1.63
CA VAL B 133 -39.91 -1.15 -1.45
C VAL B 133 -39.88 -1.88 -0.11
N VAL B 134 -41.05 -1.99 0.50
CA VAL B 134 -41.22 -2.66 1.78
C VAL B 134 -41.69 -4.10 1.52
N SER B 135 -41.55 -4.94 2.54
CA SER B 135 -42.09 -6.28 2.49
C SER B 135 -43.59 -6.25 2.19
N TRP B 136 -44.05 -7.14 1.32
CA TRP B 136 -45.47 -7.20 1.03
C TRP B 136 -46.18 -8.29 1.82
N SER B 137 -45.45 -9.33 2.24
CA SER B 137 -46.03 -10.41 3.03
C SER B 137 -45.65 -10.32 4.51
N LYS B 138 -44.90 -9.30 4.90
CA LYS B 138 -44.51 -9.07 6.29
C LYS B 138 -43.81 -10.29 6.88
N ASP B 139 -42.92 -10.82 6.07
CA ASP B 139 -42.07 -11.95 6.43
C ASP B 139 -40.67 -11.64 5.90
N ILE B 140 -39.79 -12.64 5.88
CA ILE B 140 -38.40 -12.39 5.51
C ILE B 140 -38.36 -12.13 4.01
N LEU B 141 -38.28 -10.86 3.64
CA LEU B 141 -38.15 -10.48 2.24
C LEU B 141 -36.74 -10.83 1.76
N ARG B 142 -36.67 -11.61 0.69
CA ARG B 142 -35.41 -12.17 0.23
C ARG B 142 -35.33 -12.08 -1.28
N THR B 143 -34.10 -12.07 -1.79
CA THR B 143 -33.86 -11.96 -3.23
C THR B 143 -32.93 -13.07 -3.70
N GLN B 144 -32.42 -12.95 -4.92
CA GLN B 144 -31.78 -14.08 -5.59
C GLN B 144 -30.53 -14.56 -4.87
N GLU B 145 -29.82 -13.66 -4.18
CA GLU B 145 -28.48 -13.93 -3.64
C GLU B 145 -27.48 -14.25 -4.73
N SER B 146 -27.74 -13.81 -5.95
CA SER B 146 -26.85 -14.01 -7.08
C SER B 146 -26.99 -12.81 -8.01
N GLU B 147 -26.33 -12.86 -9.15
CA GLU B 147 -26.47 -11.79 -10.12
C GLU B 147 -27.87 -11.79 -10.71
N CYS B 148 -28.43 -10.60 -10.85
CA CYS B 148 -29.63 -10.41 -11.65
C CYS B 148 -29.22 -10.13 -13.09
N VAL B 149 -30.20 -10.10 -13.98
CA VAL B 149 -29.95 -9.98 -15.41
C VAL B 149 -30.59 -8.70 -15.93
N CYS B 150 -29.82 -7.89 -16.64
CA CYS B 150 -30.32 -6.73 -17.35
C CYS B 150 -30.23 -6.95 -18.85
N ILE B 151 -31.31 -6.60 -19.54
CA ILE B 151 -31.36 -6.60 -21.00
C ILE B 151 -31.93 -5.26 -21.42
N ASN B 152 -31.25 -4.60 -22.35
CA ASN B 152 -31.73 -3.34 -23.03
C ASN B 152 -32.10 -2.29 -22.01
N GLY B 153 -31.33 -2.28 -20.98
CA GLY B 153 -31.52 -1.30 -19.94
C GLY B 153 -32.52 -1.67 -18.87
N THR B 154 -33.23 -2.79 -19.03
CA THR B 154 -34.19 -3.26 -18.04
C THR B 154 -33.60 -4.44 -17.28
N CYS B 155 -33.43 -4.29 -15.98
CA CYS B 155 -32.98 -5.37 -15.10
C CYS B 155 -34.17 -6.01 -14.41
N THR B 156 -34.07 -7.32 -14.18
CA THR B 156 -35.14 -8.07 -13.54
C THR B 156 -34.60 -8.77 -12.29
N VAL B 157 -35.35 -8.69 -11.20
CA VAL B 157 -35.00 -9.31 -9.93
C VAL B 157 -36.19 -10.12 -9.44
N VAL B 158 -35.92 -11.32 -8.93
CA VAL B 158 -36.94 -12.18 -8.36
C VAL B 158 -36.91 -12.01 -6.84
N MET B 159 -38.03 -11.62 -6.26
CA MET B 159 -38.15 -11.39 -4.83
C MET B 159 -39.22 -12.29 -4.25
N THR B 160 -38.90 -12.93 -3.13
CA THR B 160 -39.83 -13.80 -2.42
C THR B 160 -40.10 -13.21 -1.05
N ASP B 161 -41.36 -13.30 -0.62
CA ASP B 161 -41.77 -12.84 0.70
C ASP B 161 -42.86 -13.78 1.22
N GLY B 162 -42.64 -14.35 2.39
CA GLY B 162 -43.61 -15.24 2.98
C GLY B 162 -42.91 -16.41 3.64
N SER B 163 -43.68 -17.49 3.82
CA SER B 163 -43.19 -18.67 4.53
C SER B 163 -42.10 -19.37 3.73
N ALA B 164 -41.07 -19.86 4.44
CA ALA B 164 -40.05 -20.67 3.82
C ALA B 164 -40.51 -22.11 3.62
N SER B 165 -41.50 -22.56 4.39
CA SER B 165 -42.08 -23.90 4.24
C SER B 165 -43.59 -23.72 4.09
N GLY B 166 -44.01 -23.53 2.85
CA GLY B 166 -45.39 -23.19 2.57
C GLY B 166 -45.45 -22.19 1.43
N LYS B 167 -46.68 -21.84 1.06
CA LYS B 167 -46.85 -20.89 -0.04
C LYS B 167 -46.35 -19.52 0.36
N ALA B 168 -45.52 -18.94 -0.50
CA ALA B 168 -44.96 -17.60 -0.30
C ALA B 168 -45.29 -16.75 -1.51
N ASP B 169 -45.13 -15.44 -1.36
CA ASP B 169 -45.43 -14.47 -2.40
C ASP B 169 -44.15 -14.11 -3.12
N THR B 170 -44.04 -14.53 -4.37
CA THR B 170 -42.87 -14.26 -5.20
C THR B 170 -43.24 -13.22 -6.25
N LYS B 171 -42.40 -12.20 -6.38
CA LYS B 171 -42.62 -11.13 -7.34
C LYS B 171 -41.38 -10.94 -8.20
N ILE B 172 -41.60 -10.64 -9.47
CA ILE B 172 -40.53 -10.33 -10.41
C ILE B 172 -40.56 -8.83 -10.64
N LEU B 173 -39.48 -8.15 -10.27
CA LEU B 173 -39.40 -6.70 -10.33
C LEU B 173 -38.55 -6.28 -11.51
N PHE B 174 -39.09 -5.42 -12.36
CA PHE B 174 -38.38 -4.86 -13.50
C PHE B 174 -37.88 -3.47 -13.12
N ILE B 175 -36.56 -3.28 -13.16
CA ILE B 175 -35.91 -2.08 -12.68
C ILE B 175 -35.15 -1.42 -13.82
N GLU B 176 -35.41 -0.13 -14.02
CA GLU B 176 -34.76 0.65 -15.06
C GLU B 176 -34.01 1.80 -14.40
N GLU B 177 -32.67 1.75 -14.48
CA GLU B 177 -31.80 2.78 -13.89
C GLU B 177 -32.10 2.98 -12.41
N GLY B 178 -32.34 1.87 -11.69
CA GLY B 178 -32.61 1.91 -10.28
C GLY B 178 -34.06 2.10 -9.91
N LYS B 179 -34.92 2.43 -10.88
CA LYS B 179 -36.32 2.70 -10.63
C LYS B 179 -37.16 1.48 -10.98
N ILE B 180 -38.05 1.10 -10.08
CA ILE B 180 -38.96 -0.01 -10.32
C ILE B 180 -40.06 0.47 -11.27
N VAL B 181 -40.06 -0.04 -12.49
CA VAL B 181 -41.07 0.37 -13.47
C VAL B 181 -42.26 -0.58 -13.49
N HIS B 182 -42.05 -1.85 -13.13
CA HIS B 182 -43.14 -2.83 -13.14
C HIS B 182 -42.87 -3.88 -12.06
N THR B 183 -43.95 -4.46 -11.55
CA THR B 183 -43.86 -5.53 -10.58
C THR B 183 -44.87 -6.61 -10.98
N SER B 184 -44.37 -7.80 -11.28
CA SER B 184 -45.19 -8.90 -11.75
C SER B 184 -45.23 -9.99 -10.69
N THR B 185 -46.43 -10.43 -10.33
CA THR B 185 -46.58 -11.57 -9.44
C THR B 185 -46.21 -12.85 -10.17
N LEU B 186 -45.50 -13.73 -9.47
CA LEU B 186 -45.08 -14.99 -10.06
C LEU B 186 -46.29 -15.79 -10.53
N SER B 187 -46.23 -16.24 -11.77
CA SER B 187 -47.31 -17.03 -12.35
C SER B 187 -46.71 -18.27 -12.99
N GLY B 188 -47.48 -19.34 -13.02
CA GLY B 188 -47.00 -20.59 -13.58
C GLY B 188 -47.25 -21.72 -12.62
N SER B 189 -46.56 -22.83 -12.86
CA SER B 189 -46.77 -24.05 -12.10
C SER B 189 -45.75 -24.25 -10.98
N ALA B 190 -44.82 -23.32 -10.79
CA ALA B 190 -43.87 -23.41 -9.68
C ALA B 190 -44.55 -22.90 -8.41
N GLN B 191 -44.43 -23.67 -7.33
CA GLN B 191 -45.15 -23.35 -6.10
C GLN B 191 -44.29 -22.60 -5.10
N HIS B 192 -43.02 -22.97 -4.95
CA HIS B 192 -42.09 -22.27 -4.06
C HIS B 192 -40.85 -21.89 -4.85
N VAL B 193 -40.52 -20.60 -4.84
CA VAL B 193 -39.41 -20.07 -5.61
C VAL B 193 -38.56 -19.20 -4.70
N GLU B 194 -37.27 -19.53 -4.59
CA GLU B 194 -36.34 -18.76 -3.78
C GLU B 194 -34.96 -18.81 -4.42
N GLU B 195 -34.17 -17.77 -4.15
CA GLU B 195 -32.74 -17.71 -4.48
C GLU B 195 -32.49 -18.16 -5.91
N CYS B 196 -33.12 -17.46 -6.86
CA CYS B 196 -33.05 -17.86 -8.25
C CYS B 196 -31.67 -17.59 -8.83
N SER B 197 -31.14 -18.56 -9.57
CA SER B 197 -29.93 -18.38 -10.36
C SER B 197 -30.37 -18.04 -11.78
N CYS B 198 -30.25 -16.78 -12.15
CA CYS B 198 -30.78 -16.26 -13.40
C CYS B 198 -29.67 -16.01 -14.39
N TYR B 199 -29.96 -16.28 -15.66
CA TYR B 199 -29.03 -15.99 -16.74
C TYR B 199 -29.80 -15.42 -17.92
N PRO B 200 -29.15 -14.61 -18.75
CA PRO B 200 -29.83 -14.09 -19.94
C PRO B 200 -30.02 -15.15 -21.01
N ARG B 201 -31.22 -15.41 -21.45
CA ARG B 201 -31.55 -16.33 -22.55
C ARG B 201 -32.33 -15.50 -23.55
N TYR B 202 -31.67 -14.71 -24.38
CA TYR B 202 -32.27 -13.70 -25.23
C TYR B 202 -33.39 -14.30 -26.07
N PRO B 203 -34.52 -13.62 -26.22
CA PRO B 203 -34.83 -12.26 -25.76
C PRO B 203 -35.36 -12.18 -24.34
N GLY B 204 -35.04 -13.13 -23.46
CA GLY B 204 -35.59 -13.09 -22.13
C GLY B 204 -34.60 -13.46 -21.04
N VAL B 205 -35.11 -13.70 -19.83
CA VAL B 205 -34.32 -14.12 -18.70
C VAL B 205 -34.89 -15.43 -18.17
N ARG B 206 -34.02 -16.41 -17.92
CA ARG B 206 -34.41 -17.68 -17.37
C ARG B 206 -33.74 -17.87 -16.01
N CYS B 207 -34.52 -18.28 -15.01
CA CYS B 207 -34.05 -18.43 -13.65
C CYS B 207 -34.30 -19.87 -13.20
N VAL B 208 -33.29 -20.47 -12.59
CA VAL B 208 -33.41 -21.78 -11.96
C VAL B 208 -33.27 -21.57 -10.46
N CYS B 209 -34.36 -21.81 -9.73
CA CYS B 209 -34.49 -21.45 -8.33
C CYS B 209 -34.50 -22.72 -7.47
N ARG B 210 -34.74 -22.55 -6.17
CA ARG B 210 -34.87 -23.67 -5.26
C ARG B 210 -36.28 -23.73 -4.69
N ASP B 211 -36.84 -24.94 -4.67
CA ASP B 211 -38.11 -25.20 -4.00
C ASP B 211 -37.78 -25.64 -2.57
N ASN B 212 -38.15 -24.81 -1.61
CA ASN B 212 -37.85 -25.07 -0.21
C ASN B 212 -38.99 -25.75 0.52
N TRP B 213 -40.07 -26.09 -0.17
CA TRP B 213 -41.27 -26.54 0.51
C TRP B 213 -41.62 -27.98 0.15
N LYS B 214 -41.72 -28.28 -1.15
CA LYS B 214 -42.25 -29.56 -1.59
C LYS B 214 -41.45 -30.22 -2.71
N GLY B 215 -40.28 -29.69 -3.06
CA GLY B 215 -39.60 -30.24 -4.21
C GLY B 215 -38.09 -30.26 -4.18
N SER B 216 -37.50 -31.42 -4.54
CA SER B 216 -36.08 -31.50 -4.78
C SER B 216 -35.73 -31.21 -6.23
N ASN B 217 -36.71 -31.10 -7.11
CA ASN B 217 -36.45 -30.57 -8.44
C ASN B 217 -36.47 -29.04 -8.40
N ARG B 218 -35.74 -28.45 -9.34
CA ARG B 218 -35.62 -27.00 -9.21
C ARG B 218 -36.64 -26.28 -10.07
N PRO B 219 -37.32 -25.27 -9.53
CA PRO B 219 -38.27 -24.49 -10.33
C PRO B 219 -37.56 -23.67 -11.39
N ILE B 220 -38.30 -23.37 -12.44
CA ILE B 220 -37.82 -22.52 -13.54
C ILE B 220 -38.76 -21.35 -13.69
N VAL B 221 -38.20 -20.15 -13.77
CA VAL B 221 -38.95 -18.93 -14.04
C VAL B 221 -38.45 -18.35 -15.36
N ASP B 222 -39.34 -18.23 -16.33
CA ASP B 222 -39.00 -17.67 -17.64
C ASP B 222 -39.60 -16.27 -17.73
N ILE B 223 -38.72 -15.27 -17.82
CA ILE B 223 -39.12 -13.87 -17.84
C ILE B 223 -38.91 -13.30 -19.23
N ASN B 224 -39.99 -12.77 -19.82
CA ASN B 224 -39.92 -12.09 -21.11
C ASN B 224 -39.75 -10.59 -20.84
N ILE B 225 -38.61 -10.05 -21.24
CA ILE B 225 -38.35 -8.63 -21.00
C ILE B 225 -39.26 -7.76 -21.86
N LYS B 226 -39.59 -8.22 -23.06
CA LYS B 226 -40.34 -7.39 -24.00
C LYS B 226 -41.73 -7.05 -23.47
N ASP B 227 -42.43 -8.03 -22.89
CA ASP B 227 -43.80 -7.83 -22.45
C ASP B 227 -44.03 -8.21 -20.99
N HIS B 228 -42.97 -8.44 -20.22
CA HIS B 228 -43.05 -8.67 -18.77
C HIS B 228 -44.01 -9.82 -18.43
N SER B 229 -43.88 -10.92 -19.18
CA SER B 229 -44.68 -12.11 -18.94
C SER B 229 -43.86 -13.14 -18.20
N ILE B 230 -44.50 -13.82 -17.25
CA ILE B 230 -43.85 -14.81 -16.40
C ILE B 230 -44.56 -16.15 -16.57
N VAL B 231 -43.78 -17.19 -16.81
CA VAL B 231 -44.26 -18.57 -16.79
C VAL B 231 -43.32 -19.37 -15.88
N SER B 232 -43.83 -20.45 -15.31
CA SER B 232 -43.07 -21.23 -14.35
C SER B 232 -43.23 -22.72 -14.61
N SER B 233 -42.17 -23.46 -14.31
CA SER B 233 -42.16 -24.92 -14.40
C SER B 233 -41.01 -25.42 -13.53
N TYR B 234 -40.65 -26.69 -13.69
CA TYR B 234 -39.52 -27.28 -12.98
C TYR B 234 -38.56 -27.88 -14.00
N VAL B 235 -37.43 -28.38 -13.52
CA VAL B 235 -36.46 -29.04 -14.39
C VAL B 235 -36.86 -30.51 -14.54
N CYS B 236 -36.97 -30.98 -15.79
CA CYS B 236 -37.43 -32.35 -16.03
C CYS B 236 -36.41 -33.38 -15.60
N SER B 237 -35.15 -32.98 -15.42
CA SER B 237 -34.06 -33.93 -15.20
C SER B 237 -34.35 -34.90 -14.07
N GLY B 238 -34.26 -36.20 -14.36
CA GLY B 238 -34.48 -37.22 -13.35
C GLY B 238 -33.42 -37.19 -12.27
N LEU B 239 -32.27 -36.59 -12.59
CA LEU B 239 -31.23 -36.31 -11.61
C LEU B 239 -31.48 -34.90 -11.07
N VAL B 240 -32.13 -34.80 -9.92
CA VAL B 240 -32.50 -33.51 -9.38
C VAL B 240 -31.28 -32.81 -8.81
N GLY B 241 -31.36 -31.48 -8.71
CA GLY B 241 -30.22 -30.68 -8.34
C GLY B 241 -30.26 -30.06 -6.96
N ASP B 242 -31.35 -30.28 -6.22
CA ASP B 242 -31.46 -29.71 -4.89
C ASP B 242 -30.88 -30.66 -3.84
N THR B 243 -30.46 -30.08 -2.72
CA THR B 243 -29.99 -30.83 -1.56
C THR B 243 -30.78 -30.34 -0.35
N PRO B 244 -31.46 -31.24 0.38
CA PRO B 244 -31.48 -32.70 0.27
C PRO B 244 -32.30 -33.23 -0.91
N ARG B 245 -32.10 -34.49 -1.25
CA ARG B 245 -32.79 -35.17 -2.34
C ARG B 245 -32.71 -36.67 -2.11
N LYS B 246 -33.42 -37.42 -2.94
CA LYS B 246 -33.24 -38.86 -2.95
C LYS B 246 -32.03 -39.22 -3.81
N ASN B 247 -31.57 -40.45 -3.67
CA ASN B 247 -30.39 -40.96 -4.41
C ASN B 247 -30.73 -41.01 -5.90
N ASP B 248 -29.74 -41.23 -6.76
CA ASP B 248 -29.91 -41.23 -8.20
C ASP B 248 -30.86 -42.32 -8.68
N SER B 249 -30.90 -43.45 -7.98
CA SER B 249 -31.73 -44.57 -8.42
C SER B 249 -33.21 -44.34 -8.14
N SER B 250 -33.52 -43.56 -7.10
CA SER B 250 -34.90 -43.38 -6.67
C SER B 250 -35.44 -41.97 -6.89
N SER B 251 -34.65 -41.06 -7.44
CA SER B 251 -35.13 -39.70 -7.66
C SER B 251 -36.06 -39.65 -8.87
N SER B 252 -36.77 -38.53 -9.00
CA SER B 252 -37.72 -38.33 -10.09
C SER B 252 -38.03 -36.85 -10.23
N SER B 253 -38.65 -36.50 -11.35
CA SER B 253 -39.04 -35.12 -11.63
C SER B 253 -40.30 -35.12 -12.49
N HIS B 254 -40.96 -33.96 -12.56
CA HIS B 254 -42.19 -33.83 -13.31
C HIS B 254 -42.10 -32.62 -14.21
N CYS B 255 -41.34 -31.58 -13.84
CA CYS B 255 -41.21 -30.31 -14.54
C CYS B 255 -42.54 -29.63 -14.87
N LEU B 256 -43.62 -30.07 -14.24
CA LEU B 256 -44.80 -29.24 -14.04
C LEU B 256 -45.16 -29.08 -12.58
N ASP B 257 -44.74 -29.98 -11.71
CA ASP B 257 -45.05 -29.97 -10.30
C ASP B 257 -43.83 -30.44 -9.53
N PRO B 258 -43.69 -30.04 -8.27
CA PRO B 258 -42.58 -30.56 -7.46
C PRO B 258 -42.74 -32.06 -7.24
N ASN B 259 -41.60 -32.74 -7.15
CA ASN B 259 -41.57 -34.20 -7.10
C ASN B 259 -41.96 -34.76 -5.75
N ASN B 260 -42.12 -33.91 -4.72
CA ASN B 260 -42.51 -34.34 -3.38
C ASN B 260 -41.54 -35.38 -2.82
N GLU B 261 -40.25 -35.21 -3.10
CA GLU B 261 -39.22 -36.14 -2.67
C GLU B 261 -38.17 -35.38 -1.87
N GLU B 262 -38.32 -35.39 -0.54
CA GLU B 262 -37.36 -34.74 0.36
C GLU B 262 -37.18 -33.28 -0.01
N GLY B 263 -38.30 -32.61 -0.26
CA GLY B 263 -38.27 -31.22 -0.67
C GLY B 263 -38.46 -30.23 0.46
N GLY B 264 -38.37 -30.71 1.70
CA GLY B 264 -38.65 -29.85 2.84
C GLY B 264 -37.61 -28.76 3.01
N HIS B 265 -36.39 -28.99 2.54
CA HIS B 265 -35.34 -27.98 2.62
C HIS B 265 -34.74 -27.78 1.23
N GLY B 266 -33.62 -27.07 1.14
CA GLY B 266 -33.01 -26.87 -0.16
C GLY B 266 -31.68 -26.15 -0.03
N VAL B 267 -31.05 -25.96 -1.19
CA VAL B 267 -29.83 -25.18 -1.31
C VAL B 267 -29.90 -24.44 -2.64
N LYS B 268 -29.32 -23.25 -2.67
CA LYS B 268 -29.29 -22.48 -3.90
C LYS B 268 -28.37 -23.15 -4.91
N GLY B 269 -28.89 -23.38 -6.10
CA GLY B 269 -28.13 -24.03 -7.16
C GLY B 269 -28.42 -23.41 -8.51
N TRP B 270 -27.92 -24.03 -9.58
CA TRP B 270 -28.06 -23.48 -10.92
C TRP B 270 -28.26 -24.60 -11.92
N ALA B 271 -28.81 -24.23 -13.08
CA ALA B 271 -28.94 -25.10 -14.23
C ALA B 271 -29.16 -24.22 -15.45
N PHE B 272 -28.72 -24.70 -16.61
CA PHE B 272 -29.03 -24.02 -17.87
C PHE B 272 -29.14 -25.08 -18.96
N ASP B 273 -29.89 -24.74 -20.00
CA ASP B 273 -30.26 -25.68 -21.04
C ASP B 273 -29.29 -25.61 -22.21
N ASP B 274 -28.94 -26.77 -22.74
CA ASP B 274 -28.14 -26.90 -23.96
C ASP B 274 -29.01 -27.67 -24.96
N GLY B 275 -29.85 -26.97 -25.69
CA GLY B 275 -30.83 -27.65 -26.52
C GLY B 275 -31.84 -28.35 -25.63
N ASN B 276 -31.97 -29.66 -25.81
CA ASN B 276 -32.80 -30.47 -24.93
C ASN B 276 -32.05 -30.93 -23.68
N ASP B 277 -30.73 -30.77 -23.65
CA ASP B 277 -29.94 -31.19 -22.52
C ASP B 277 -29.81 -30.06 -21.50
N VAL B 278 -29.48 -30.43 -20.26
CA VAL B 278 -29.32 -29.47 -19.18
C VAL B 278 -27.95 -29.65 -18.55
N TRP B 279 -27.24 -28.54 -18.38
CA TRP B 279 -26.05 -28.52 -17.54
C TRP B 279 -26.46 -28.05 -16.15
N MET B 280 -26.14 -28.89 -15.19
CA MET B 280 -26.47 -28.56 -13.79
C MET B 280 -25.33 -28.86 -12.81
N GLY B 281 -25.33 -28.18 -11.69
CA GLY B 281 -24.40 -28.51 -10.62
C GLY B 281 -25.17 -28.77 -9.35
N ARG B 282 -24.59 -29.62 -8.51
CA ARG B 282 -25.22 -29.98 -7.24
C ARG B 282 -24.15 -30.50 -6.30
N THR B 283 -24.52 -30.62 -5.03
CA THR B 283 -23.67 -31.28 -4.05
C THR B 283 -23.58 -32.76 -4.36
N ILE B 284 -22.38 -33.33 -4.16
CA ILE B 284 -22.21 -34.75 -4.35
C ILE B 284 -22.98 -35.53 -3.28
N ASN B 285 -23.05 -34.98 -2.09
CA ASN B 285 -23.80 -35.61 -1.00
C ASN B 285 -25.28 -35.30 -1.23
N GLU B 286 -26.11 -36.32 -1.23
CA GLU B 286 -27.52 -36.16 -1.56
C GLU B 286 -28.33 -35.53 -0.43
N THR B 287 -27.80 -35.47 0.78
CA THR B 287 -28.53 -34.92 1.92
C THR B 287 -27.79 -33.79 2.62
N SER B 288 -26.51 -33.60 2.34
CA SER B 288 -25.70 -32.57 2.98
C SER B 288 -24.96 -31.76 1.91
N ARG B 289 -24.55 -30.55 2.30
CA ARG B 289 -23.83 -29.65 1.40
C ARG B 289 -22.34 -29.99 1.41
N LEU B 290 -22.06 -31.23 1.02
CA LEU B 290 -20.70 -31.76 0.93
C LEU B 290 -20.39 -32.10 -0.53
N GLY B 291 -19.26 -31.62 -1.01
CA GLY B 291 -18.85 -31.87 -2.37
C GLY B 291 -19.68 -31.08 -3.37
N TYR B 292 -19.19 -31.05 -4.60
CA TYR B 292 -19.91 -30.40 -5.69
C TYR B 292 -19.54 -31.06 -7.01
N GLU B 293 -20.55 -31.40 -7.80
CA GLU B 293 -20.36 -32.02 -9.10
C GLU B 293 -21.20 -31.29 -10.14
N THR B 294 -20.67 -31.22 -11.36
CA THR B 294 -21.42 -30.72 -12.50
C THR B 294 -21.44 -31.79 -13.57
N PHE B 295 -22.52 -31.84 -14.34
CA PHE B 295 -22.67 -32.82 -15.40
C PHE B 295 -23.75 -32.34 -16.35
N LYS B 296 -23.89 -33.07 -17.46
CA LYS B 296 -24.92 -32.81 -18.45
C LYS B 296 -25.88 -34.00 -18.47
N VAL B 297 -27.18 -33.71 -18.49
CA VAL B 297 -28.21 -34.74 -18.59
C VAL B 297 -28.77 -34.73 -20.00
N ILE B 298 -28.73 -35.88 -20.66
CA ILE B 298 -29.23 -36.01 -22.01
C ILE B 298 -30.75 -35.96 -21.98
N GLU B 299 -31.30 -34.97 -22.66
CA GLU B 299 -32.77 -34.75 -22.72
C GLU B 299 -33.27 -34.38 -21.34
N GLY B 300 -32.42 -33.77 -20.55
CA GLY B 300 -32.76 -33.44 -19.19
C GLY B 300 -33.61 -32.20 -19.01
N TRP B 301 -33.65 -31.33 -20.01
CA TRP B 301 -34.48 -30.14 -19.94
C TRP B 301 -35.87 -30.35 -20.50
N SER B 302 -36.09 -31.39 -21.30
CA SER B 302 -37.36 -31.60 -21.97
C SER B 302 -38.01 -32.94 -21.68
N ASN B 303 -37.33 -33.74 -20.85
CA ASN B 303 -37.81 -35.11 -20.59
C ASN B 303 -37.67 -35.47 -19.12
N PRO B 304 -38.79 -35.57 -18.38
CA PRO B 304 -38.71 -36.06 -17.01
C PRO B 304 -38.38 -37.48 -17.36
N LYS B 305 -37.75 -38.24 -16.47
CA LYS B 305 -37.44 -39.67 -16.72
C LYS B 305 -36.00 -39.86 -17.19
N SER B 306 -35.41 -38.86 -17.85
CA SER B 306 -34.00 -38.99 -18.24
C SER B 306 -33.10 -38.96 -17.00
N LYS B 307 -32.15 -39.89 -16.95
CA LYS B 307 -31.20 -40.04 -15.85
C LYS B 307 -29.85 -40.30 -16.49
N LEU B 308 -29.77 -40.19 -17.82
CA LEU B 308 -28.52 -40.40 -18.58
C LEU B 308 -27.63 -39.19 -18.38
N GLN B 309 -26.45 -39.46 -17.93
CA GLN B 309 -25.48 -38.45 -17.52
C GLN B 309 -24.24 -38.51 -18.39
N THR B 310 -23.57 -37.37 -18.52
CA THR B 310 -22.33 -37.28 -19.27
C THR B 310 -21.56 -36.06 -18.80
N ASN B 311 -20.26 -36.04 -19.12
CA ASN B 311 -19.40 -34.88 -18.91
C ASN B 311 -19.36 -34.47 -17.43
N ARG B 312 -19.31 -35.46 -16.55
CA ARG B 312 -19.32 -35.20 -15.12
C ARG B 312 -17.97 -34.64 -14.66
N GLN B 313 -18.03 -33.57 -13.89
CA GLN B 313 -16.86 -32.95 -13.30
C GLN B 313 -17.03 -32.87 -11.79
N VAL B 314 -15.98 -33.24 -11.07
CA VAL B 314 -15.96 -33.01 -9.63
C VAL B 314 -15.30 -31.67 -9.37
N ILE B 315 -16.09 -30.71 -8.86
CA ILE B 315 -15.53 -29.41 -8.52
C ILE B 315 -14.98 -29.43 -7.10
N VAL B 316 -15.78 -29.93 -6.16
CA VAL B 316 -15.38 -30.07 -4.77
C VAL B 316 -15.50 -31.54 -4.41
N ASP B 317 -14.47 -32.07 -3.76
CA ASP B 317 -14.42 -33.48 -3.42
C ASP B 317 -15.56 -33.84 -2.47
N ARG B 318 -15.95 -35.11 -2.54
CA ARG B 318 -17.16 -35.57 -1.85
C ARG B 318 -17.12 -35.30 -0.35
N GLY B 319 -15.97 -35.45 0.29
CA GLY B 319 -15.83 -35.21 1.70
C GLY B 319 -15.58 -33.77 2.10
N ASP B 320 -15.48 -32.86 1.14
CA ASP B 320 -15.21 -31.46 1.42
C ASP B 320 -16.50 -30.66 1.39
N ARG B 321 -16.53 -29.55 2.12
CA ARG B 321 -17.76 -28.80 2.31
C ARG B 321 -18.02 -27.87 1.13
N SER B 322 -19.29 -27.79 0.74
CA SER B 322 -19.74 -26.85 -0.28
C SER B 322 -20.87 -26.00 0.29
N GLY B 323 -21.56 -25.25 -0.56
CA GLY B 323 -22.64 -24.42 -0.10
C GLY B 323 -23.51 -23.93 -1.23
N TYR B 324 -23.88 -22.65 -1.18
CA TYR B 324 -24.64 -22.05 -2.27
C TYR B 324 -23.82 -22.09 -3.56
N SER B 325 -24.53 -22.22 -4.68
CA SER B 325 -23.91 -22.12 -5.98
C SER B 325 -24.86 -21.37 -6.90
N GLY B 326 -24.29 -20.56 -7.78
CA GLY B 326 -25.10 -19.80 -8.70
C GLY B 326 -24.37 -19.65 -10.02
N ILE B 327 -25.08 -19.10 -10.98
CA ILE B 327 -24.59 -18.96 -12.34
C ILE B 327 -24.35 -17.47 -12.62
N PHE B 328 -23.37 -17.20 -13.47
CA PHE B 328 -23.22 -15.87 -14.02
C PHE B 328 -22.74 -15.99 -15.46
N SER B 329 -23.23 -15.09 -16.31
CA SER B 329 -22.99 -15.14 -17.73
C SER B 329 -21.98 -14.06 -18.12
N VAL B 330 -21.08 -14.43 -19.03
CA VAL B 330 -20.03 -13.52 -19.51
C VAL B 330 -20.13 -13.45 -21.03
N GLU B 331 -20.21 -12.23 -21.56
CA GLU B 331 -20.26 -12.04 -23.00
C GLU B 331 -18.88 -12.27 -23.59
N GLY B 332 -18.81 -13.12 -24.62
CA GLY B 332 -17.58 -13.38 -25.32
C GLY B 332 -17.49 -12.59 -26.63
N LYS B 333 -16.53 -13.00 -27.45
CA LYS B 333 -16.35 -12.36 -28.75
C LYS B 333 -17.55 -12.60 -29.66
N SER B 334 -18.10 -13.82 -29.65
CA SER B 334 -19.23 -14.17 -30.50
C SER B 334 -20.29 -15.01 -29.79
N CYS B 335 -20.13 -15.29 -28.50
CA CYS B 335 -20.96 -16.23 -27.80
C CYS B 335 -21.02 -15.87 -26.33
N ILE B 336 -22.14 -16.18 -25.69
CA ILE B 336 -22.37 -15.91 -24.27
C ILE B 336 -21.96 -17.15 -23.50
N ASN B 337 -21.04 -16.99 -22.56
CA ASN B 337 -20.50 -18.07 -21.77
C ASN B 337 -21.23 -18.16 -20.44
N ARG B 338 -21.49 -19.39 -19.99
CA ARG B 338 -22.10 -19.65 -18.70
C ARG B 338 -21.03 -20.09 -17.72
N CYS B 339 -20.90 -19.36 -16.62
CA CYS B 339 -19.96 -19.66 -15.56
C CYS B 339 -20.73 -19.84 -14.26
N PHE B 340 -20.11 -20.53 -13.31
CA PHE B 340 -20.74 -20.70 -12.01
C PHE B 340 -19.69 -20.57 -10.91
N TYR B 341 -20.18 -20.24 -9.71
CA TYR B 341 -19.38 -20.19 -8.51
C TYR B 341 -19.92 -21.22 -7.53
N VAL B 342 -19.04 -21.71 -6.65
CA VAL B 342 -19.42 -22.58 -5.55
C VAL B 342 -18.95 -21.95 -4.25
N GLU B 343 -19.87 -21.75 -3.32
CA GLU B 343 -19.54 -21.24 -1.99
C GLU B 343 -19.06 -22.40 -1.13
N LEU B 344 -17.92 -22.23 -0.50
CA LEU B 344 -17.31 -23.27 0.34
C LEU B 344 -17.46 -22.85 1.80
N ILE B 345 -18.55 -23.27 2.42
CA ILE B 345 -18.87 -22.87 3.79
C ILE B 345 -17.99 -23.64 4.78
N ARG B 346 -17.39 -22.91 5.70
CA ARG B 346 -16.64 -23.50 6.80
C ARG B 346 -17.13 -22.87 8.10
N GLY B 347 -17.28 -23.67 9.14
CA GLY B 347 -17.62 -23.10 10.43
C GLY B 347 -18.81 -23.71 11.14
N ARG B 348 -19.52 -22.86 11.84
CA ARG B 348 -20.53 -23.35 12.80
C ARG B 348 -21.82 -23.89 12.26
N LYS B 349 -22.39 -24.77 13.10
CA LYS B 349 -23.57 -25.58 12.82
C LYS B 349 -23.21 -26.83 12.02
N GLU B 350 -21.98 -26.96 11.53
CA GLU B 350 -21.47 -28.22 10.99
C GLU B 350 -20.06 -28.53 11.43
N GLU B 351 -19.26 -27.55 11.83
CA GLU B 351 -17.91 -27.75 12.37
C GLU B 351 -17.82 -26.92 13.64
N THR B 352 -17.65 -27.60 14.77
CA THR B 352 -17.77 -26.98 16.08
C THR B 352 -16.43 -26.62 16.71
N GLU B 353 -15.32 -26.75 15.98
CA GLU B 353 -14.02 -26.36 16.49
C GLU B 353 -13.76 -24.86 16.38
N VAL B 354 -14.65 -24.13 15.72
CA VAL B 354 -14.57 -22.67 15.64
C VAL B 354 -15.93 -22.10 16.00
N LEU B 355 -15.93 -20.84 16.43
CA LEU B 355 -17.16 -20.15 16.80
C LEU B 355 -17.77 -19.37 15.65
N TRP B 356 -17.08 -19.26 14.52
CA TRP B 356 -17.52 -18.44 13.41
C TRP B 356 -18.05 -19.31 12.28
N THR B 357 -18.82 -18.67 11.40
CA THR B 357 -19.25 -19.27 10.15
C THR B 357 -18.84 -18.34 9.02
N SER B 358 -18.11 -18.87 8.04
CA SER B 358 -17.62 -18.06 6.94
C SER B 358 -17.48 -18.98 5.72
N ASN B 359 -17.05 -18.40 4.61
CA ASN B 359 -16.98 -19.15 3.36
C ASN B 359 -15.78 -18.69 2.53
N SER B 360 -15.40 -19.55 1.60
CA SER B 360 -14.55 -19.23 0.46
C SER B 360 -15.32 -19.55 -0.81
N ILE B 361 -14.83 -19.05 -1.94
CA ILE B 361 -15.48 -19.29 -3.21
C ILE B 361 -14.51 -19.94 -4.17
N VAL B 362 -15.06 -20.70 -5.12
CA VAL B 362 -14.31 -21.20 -6.26
C VAL B 362 -15.18 -21.00 -7.50
N VAL B 363 -14.58 -20.55 -8.59
CA VAL B 363 -15.31 -20.12 -9.78
C VAL B 363 -14.86 -20.96 -10.96
N PHE B 364 -15.82 -21.46 -11.72
CA PHE B 364 -15.56 -22.20 -12.95
C PHE B 364 -16.33 -21.56 -14.09
N CYS B 365 -15.72 -21.57 -15.27
CA CYS B 365 -16.34 -21.02 -16.46
C CYS B 365 -16.47 -22.10 -17.53
N GLY B 366 -17.55 -22.02 -18.30
CA GLY B 366 -17.77 -22.99 -19.35
C GLY B 366 -16.70 -22.91 -20.43
N THR B 367 -16.40 -24.06 -21.01
CA THR B 367 -15.36 -24.15 -22.03
C THR B 367 -15.83 -25.04 -23.16
N SER B 368 -15.46 -24.66 -24.38
CA SER B 368 -15.63 -25.51 -25.54
C SER B 368 -14.40 -26.37 -25.81
N GLY B 369 -13.34 -26.18 -25.05
CA GLY B 369 -12.13 -26.96 -25.18
C GLY B 369 -12.14 -28.18 -24.27
N THR B 370 -10.96 -28.69 -24.00
CA THR B 370 -10.78 -29.87 -23.16
C THR B 370 -10.31 -29.46 -21.77
N TYR B 371 -10.50 -30.37 -20.82
CA TYR B 371 -10.17 -30.13 -19.43
C TYR B 371 -9.88 -31.45 -18.76
N GLY B 372 -9.22 -31.38 -17.61
CA GLY B 372 -8.92 -32.58 -16.85
C GLY B 372 -9.80 -32.75 -15.63
N THR B 373 -9.24 -33.32 -14.57
CA THR B 373 -9.93 -33.51 -13.31
C THR B 373 -9.20 -32.77 -12.21
N GLY B 374 -9.85 -32.72 -11.04
CA GLY B 374 -9.25 -32.10 -9.89
C GLY B 374 -10.31 -31.83 -8.84
N SER B 375 -9.85 -31.29 -7.71
CA SER B 375 -10.75 -30.88 -6.65
C SER B 375 -10.16 -29.63 -6.03
N TRP B 376 -10.98 -28.61 -5.82
CA TRP B 376 -10.54 -27.30 -5.34
C TRP B 376 -11.35 -26.94 -4.10
N PRO B 377 -11.03 -27.56 -2.95
CA PRO B 377 -11.81 -27.28 -1.73
C PRO B 377 -11.39 -25.99 -1.07
N ASP B 378 -12.00 -25.67 0.07
CA ASP B 378 -11.58 -24.50 0.83
C ASP B 378 -10.15 -24.64 1.31
N GLY B 379 -9.82 -25.78 1.91
CA GLY B 379 -8.44 -26.09 2.25
C GLY B 379 -7.91 -25.54 3.55
N ALA B 380 -8.73 -24.83 4.31
CA ALA B 380 -8.29 -24.33 5.61
C ALA B 380 -8.38 -25.44 6.66
N ASP B 381 -7.37 -25.50 7.53
CA ASP B 381 -7.34 -26.45 8.62
C ASP B 381 -7.90 -25.76 9.85
N LEU B 382 -9.20 -25.99 10.12
CA LEU B 382 -9.87 -25.29 11.20
C LEU B 382 -9.40 -25.72 12.58
N ASN B 383 -8.75 -26.88 12.70
CA ASN B 383 -8.19 -27.30 13.97
C ASN B 383 -7.03 -26.41 14.42
N LEU B 384 -6.39 -25.70 13.49
CA LEU B 384 -5.28 -24.81 13.81
C LEU B 384 -5.64 -23.33 13.71
N MET B 385 -6.84 -23.00 13.26
CA MET B 385 -7.22 -21.61 13.09
C MET B 385 -7.73 -21.02 14.40
N PRO B 386 -7.59 -19.70 14.58
CA PRO B 386 -8.16 -19.06 15.77
C PRO B 386 -9.68 -19.15 15.78
N ILE B 387 -10.25 -19.18 16.98
CA ILE B 387 -11.69 -19.29 17.16
C ILE B 387 -12.42 -18.10 16.56
N GLU C 1 1.93 20.15 -22.23
CA GLU C 1 2.31 18.81 -21.72
C GLU C 1 3.60 18.86 -20.88
N TYR C 2 4.71 19.39 -21.38
CA TYR C 2 5.94 19.56 -20.55
C TYR C 2 5.80 20.79 -19.69
N ARG C 3 5.87 20.65 -18.37
CA ARG C 3 5.90 21.75 -17.39
C ARG C 3 7.09 22.69 -17.63
N ASN C 4 6.81 24.00 -17.67
CA ASN C 4 7.82 25.05 -17.95
C ASN C 4 7.98 25.99 -16.75
N TRP C 5 6.98 26.10 -15.88
CA TRP C 5 7.05 26.93 -14.67
C TRP C 5 7.27 28.41 -15.00
N SER C 6 6.62 28.90 -16.06
CA SER C 6 6.82 30.29 -16.47
C SER C 6 5.99 31.27 -15.66
N LYS C 7 5.10 30.81 -14.80
CA LYS C 7 4.32 31.71 -13.97
C LYS C 7 5.21 32.35 -12.91
N PRO C 8 4.85 33.55 -12.44
CA PRO C 8 5.64 34.19 -11.38
C PRO C 8 5.53 33.45 -10.06
N GLN C 9 6.33 33.84 -9.08
CA GLN C 9 6.24 33.26 -7.75
C GLN C 9 5.10 33.91 -6.98
N CYS C 10 4.27 33.07 -6.35
CA CYS C 10 3.16 33.57 -5.57
C CYS C 10 3.66 34.45 -4.43
N GLY C 11 2.90 35.51 -4.14
CA GLY C 11 3.19 36.33 -2.99
C GLY C 11 2.98 35.51 -1.72
N ILE C 12 4.00 35.44 -0.88
CA ILE C 12 3.96 34.60 0.31
C ILE C 12 4.10 35.47 1.54
N THR C 13 3.12 35.39 2.43
CA THR C 13 3.18 36.01 3.74
C THR C 13 3.49 34.99 4.83
N GLY C 14 3.69 33.73 4.47
CA GLY C 14 3.89 32.67 5.43
C GLY C 14 3.43 31.36 4.84
N PHE C 15 3.27 30.38 5.73
CA PHE C 15 2.93 29.03 5.31
C PHE C 15 1.78 28.50 6.15
N ALA C 16 0.88 27.77 5.52
CA ALA C 16 -0.30 27.18 6.14
C ALA C 16 -0.17 25.66 6.15
N PRO C 17 -0.70 25.00 7.17
CA PRO C 17 -0.56 23.54 7.27
C PRO C 17 -1.19 22.84 6.08
N PHE C 18 -0.49 21.83 5.58
CA PHE C 18 -0.99 21.15 4.39
C PHE C 18 -1.22 19.66 4.60
N SER C 19 -0.25 18.94 5.16
CA SER C 19 -0.37 17.49 5.23
C SER C 19 0.43 16.97 6.42
N LYS C 20 0.02 15.79 6.89
CA LYS C 20 0.64 15.11 8.02
C LYS C 20 0.25 13.64 7.95
N ASP C 21 1.23 12.74 8.07
CA ASP C 21 0.96 11.33 7.88
C ASP C 21 0.76 10.56 9.18
N ASN C 22 1.31 11.03 10.30
CA ASN C 22 1.23 10.33 11.59
C ASN C 22 1.79 8.91 11.46
N SER C 23 2.89 8.77 10.74
CA SER C 23 3.42 7.45 10.39
C SER C 23 3.82 6.66 11.63
N ILE C 24 4.57 7.29 12.54
CA ILE C 24 5.03 6.58 13.74
C ILE C 24 3.86 6.26 14.66
N ARG C 25 2.91 7.18 14.77
CA ARG C 25 1.73 6.91 15.60
C ARG C 25 0.91 5.75 15.05
N LEU C 26 0.78 5.67 13.73
CA LEU C 26 0.07 4.55 13.11
C LEU C 26 0.89 3.27 13.12
N SER C 27 2.21 3.37 13.29
CA SER C 27 3.04 2.18 13.35
C SER C 27 2.77 1.32 14.58
N ALA C 28 2.34 1.93 15.68
CA ALA C 28 2.14 1.19 16.92
C ALA C 28 1.07 0.12 16.75
N GLY C 29 -0.01 0.44 16.05
CA GLY C 29 -0.96 -0.57 15.61
C GLY C 29 -1.12 -0.51 14.11
N GLY C 30 -0.62 -1.53 13.42
CA GLY C 30 -0.61 -1.50 11.97
C GLY C 30 0.79 -1.59 11.40
N ASP C 31 0.89 -2.05 10.15
CA ASP C 31 2.18 -2.32 9.52
C ASP C 31 2.56 -1.14 8.64
N ILE C 32 3.56 -0.38 9.09
CA ILE C 32 3.98 0.85 8.43
C ILE C 32 5.46 0.74 8.10
N TRP C 33 5.83 1.14 6.88
CA TRP C 33 7.21 1.08 6.44
C TRP C 33 8.11 1.90 7.35
N VAL C 34 9.31 1.38 7.58
CA VAL C 34 10.37 2.15 8.22
C VAL C 34 11.05 2.98 7.13
N THR C 35 11.01 4.30 7.27
CA THR C 35 11.45 5.21 6.23
C THR C 35 12.40 6.25 6.80
N ARG C 36 13.16 6.88 5.91
CA ARG C 36 13.91 8.08 6.22
C ARG C 36 14.15 8.83 4.91
N GLU C 37 14.71 10.03 5.03
CA GLU C 37 14.95 10.94 3.92
C GLU C 37 13.72 11.09 3.02
N PRO C 38 12.60 11.57 3.53
CA PRO C 38 11.40 11.74 2.71
C PRO C 38 11.45 13.05 1.93
N TYR C 39 10.55 13.15 0.96
CA TYR C 39 10.33 14.41 0.25
C TYR C 39 8.98 14.33 -0.44
N VAL C 40 8.53 15.49 -0.91
CA VAL C 40 7.24 15.64 -1.59
C VAL C 40 7.48 16.16 -2.99
N SER C 41 6.84 15.53 -3.97
CA SER C 41 6.87 16.00 -5.35
C SER C 41 5.51 15.75 -5.96
N CYS C 42 5.06 16.68 -6.79
CA CYS C 42 3.70 16.68 -7.31
C CYS C 42 3.73 16.58 -8.83
N ASP C 43 2.84 15.75 -9.38
CA ASP C 43 2.55 15.80 -10.81
C ASP C 43 1.59 16.97 -11.01
N PRO C 44 1.27 17.37 -12.25
CA PRO C 44 0.40 18.55 -12.42
C PRO C 44 -1.01 18.39 -11.86
N ASP C 45 -1.35 17.25 -11.27
CA ASP C 45 -2.68 17.03 -10.69
C ASP C 45 -2.67 16.91 -9.17
N LYS C 46 -1.85 16.02 -8.62
CA LYS C 46 -1.82 15.80 -7.18
C LYS C 46 -0.38 15.63 -6.70
N CYS C 47 -0.20 15.76 -5.40
CA CYS C 47 1.12 15.67 -4.80
C CYS C 47 1.37 14.26 -4.27
N TYR C 48 2.64 13.86 -4.31
CA TYR C 48 3.06 12.54 -3.87
C TYR C 48 4.14 12.67 -2.81
N GLN C 49 4.10 11.78 -1.83
CA GLN C 49 5.15 11.69 -0.82
C GLN C 49 6.08 10.54 -1.17
N PHE C 50 7.38 10.77 -1.01
CA PHE C 50 8.41 9.79 -1.27
C PHE C 50 9.24 9.59 -0.02
N ALA C 51 9.82 8.40 0.12
CA ALA C 51 10.73 8.14 1.21
C ALA C 51 11.62 6.95 0.84
N LEU C 52 12.75 6.85 1.51
CA LEU C 52 13.67 5.73 1.35
C LEU C 52 13.34 4.73 2.45
N GLY C 53 12.70 3.63 2.06
CA GLY C 53 12.37 2.59 2.99
C GLY C 53 13.60 1.81 3.41
N GLN C 54 13.45 1.06 4.50
CA GLN C 54 14.53 0.20 4.99
C GLN C 54 14.25 -1.27 4.76
N GLY C 55 13.36 -1.59 3.82
CA GLY C 55 13.02 -2.97 3.54
C GLY C 55 12.29 -3.68 4.66
N THR C 56 11.60 -2.93 5.51
CA THR C 56 10.97 -3.51 6.69
C THR C 56 9.84 -2.60 7.15
N THR C 57 8.96 -3.16 7.96
CA THR C 57 7.98 -2.37 8.69
C THR C 57 8.52 -2.10 10.10
N LEU C 58 7.78 -1.30 10.86
CA LEU C 58 8.27 -0.93 12.19
C LEU C 58 8.08 -2.04 13.20
N ASN C 59 6.88 -2.63 13.28
CA ASN C 59 6.64 -3.77 14.17
C ASN C 59 7.18 -5.05 13.52
N ASN C 60 8.51 -5.10 13.42
CA ASN C 60 9.22 -6.11 12.66
C ASN C 60 10.55 -6.37 13.33
N VAL C 61 11.04 -7.60 13.17
CA VAL C 61 12.38 -7.91 13.68
C VAL C 61 13.44 -7.18 12.88
N HIS C 62 13.17 -6.93 11.59
CA HIS C 62 14.15 -6.29 10.72
C HIS C 62 14.23 -4.77 10.91
N SER C 63 13.35 -4.19 11.73
CA SER C 63 13.47 -2.76 12.04
C SER C 63 14.57 -2.48 13.04
N ASN C 64 15.10 -3.49 13.69
CA ASN C 64 16.27 -3.31 14.59
C ASN C 64 17.41 -2.71 13.80
N ASN C 65 18.02 -1.72 14.38
CA ASN C 65 19.22 -1.08 13.84
C ASN C 65 19.00 -0.65 12.38
N THR C 66 18.02 0.24 12.20
CA THR C 66 17.71 0.81 10.90
C THR C 66 18.22 2.23 10.76
N VAL C 67 19.28 2.57 11.50
CA VAL C 67 19.80 3.93 11.46
C VAL C 67 20.78 4.13 10.30
N ARG C 68 21.31 3.05 9.74
CA ARG C 68 22.27 3.17 8.65
C ARG C 68 21.59 3.61 7.36
N ASP C 69 22.26 4.47 6.60
CA ASP C 69 21.64 5.09 5.43
C ASP C 69 21.75 4.23 4.19
N ARG C 70 22.73 3.33 4.11
CA ARG C 70 22.98 2.57 2.89
C ARG C 70 22.92 1.08 3.19
N THR C 71 21.84 0.45 2.73
CA THR C 71 21.69 -1.00 2.77
C THR C 71 21.18 -1.45 1.41
N PRO C 72 21.41 -2.71 1.04
CA PRO C 72 20.90 -3.21 -0.24
C PRO C 72 19.38 -3.26 -0.33
N TYR C 73 18.68 -3.21 0.80
CA TYR C 73 17.24 -3.38 0.83
C TYR C 73 16.46 -2.07 0.79
N ARG C 74 17.15 -0.93 0.78
CA ARG C 74 16.47 0.34 0.72
C ARG C 74 15.86 0.54 -0.66
N THR C 75 14.59 0.97 -0.68
CA THR C 75 13.86 1.23 -1.91
C THR C 75 13.12 2.54 -1.77
N LEU C 76 12.84 3.17 -2.91
CA LEU C 76 12.11 4.43 -2.93
C LEU C 76 10.61 4.13 -2.93
N LEU C 77 9.95 4.47 -1.82
CA LEU C 77 8.52 4.29 -1.69
C LEU C 77 7.79 5.53 -2.19
N MET C 78 6.61 5.32 -2.76
CA MET C 78 5.84 6.40 -3.38
C MET C 78 4.36 6.18 -3.13
N ASN C 79 3.75 7.10 -2.37
CA ASN C 79 2.32 7.16 -2.19
C ASN C 79 1.82 8.54 -2.55
N GLU C 80 0.49 8.65 -2.68
CA GLU C 80 -0.14 9.95 -2.72
C GLU C 80 0.11 10.67 -1.40
N LEU C 81 0.27 11.98 -1.48
CA LEU C 81 0.47 12.79 -0.28
C LEU C 81 -0.71 12.61 0.65
N GLY C 82 -0.45 12.09 1.85
CA GLY C 82 -1.51 11.80 2.79
C GLY C 82 -1.61 10.33 3.12
N VAL C 83 -1.38 9.47 2.13
CA VAL C 83 -1.47 8.03 2.35
C VAL C 83 -0.23 7.56 3.09
N PRO C 84 -0.36 7.00 4.30
CA PRO C 84 0.81 6.50 5.01
C PRO C 84 1.40 5.28 4.31
N PHE C 85 2.69 5.07 4.52
CA PHE C 85 3.44 4.02 3.83
C PHE C 85 3.05 2.66 4.43
N HIS C 86 1.89 2.18 4.00
CA HIS C 86 1.39 0.87 4.41
C HIS C 86 1.96 -0.20 3.49
N LEU C 87 1.52 -1.45 3.65
CA LEU C 87 2.06 -2.56 2.88
C LEU C 87 1.67 -2.50 1.41
N GLY C 88 0.64 -1.75 1.04
CA GLY C 88 0.28 -1.57 -0.35
C GLY C 88 1.09 -0.53 -1.07
N THR C 89 2.04 0.10 -0.39
CA THR C 89 2.85 1.14 -1.00
C THR C 89 3.75 0.56 -2.09
N LYS C 90 3.87 1.29 -3.19
CA LYS C 90 4.73 0.88 -4.29
C LYS C 90 6.15 1.40 -4.05
N GLN C 91 7.12 0.49 -4.04
CA GLN C 91 8.52 0.87 -4.07
C GLN C 91 8.96 0.89 -5.52
N VAL C 92 9.26 2.08 -6.04
CA VAL C 92 9.44 2.28 -7.47
C VAL C 92 10.84 1.94 -7.96
N CYS C 93 11.82 1.81 -7.07
CA CYS C 93 13.18 1.50 -7.48
C CYS C 93 14.00 1.13 -6.26
N ILE C 94 15.20 0.61 -6.51
CA ILE C 94 16.16 0.32 -5.45
C ILE C 94 17.05 1.54 -5.26
N ALA C 95 17.09 2.07 -4.04
CA ALA C 95 17.84 3.30 -3.80
C ALA C 95 18.03 3.50 -2.30
N TRP C 96 19.27 3.76 -1.89
CA TRP C 96 19.52 4.41 -0.61
C TRP C 96 19.79 5.90 -0.78
N SER C 97 19.66 6.42 -2.00
CA SER C 97 19.67 7.85 -2.28
C SER C 97 18.85 8.08 -3.52
N SER C 98 17.91 9.02 -3.45
CA SER C 98 16.91 9.13 -4.50
C SER C 98 16.57 10.59 -4.76
N SER C 99 16.00 10.83 -5.94
CA SER C 99 15.41 12.10 -6.32
C SER C 99 14.35 11.81 -7.39
N SER C 100 13.21 12.51 -7.28
CA SER C 100 12.08 12.22 -8.15
C SER C 100 11.64 13.49 -8.86
N CYS C 101 11.20 13.32 -10.10
CA CYS C 101 10.78 14.39 -10.99
C CYS C 101 9.51 14.01 -11.72
N HIS C 102 8.64 14.99 -11.90
CA HIS C 102 7.58 14.89 -12.89
C HIS C 102 7.71 16.07 -13.85
N ASP C 103 7.88 15.78 -15.13
CA ASP C 103 8.13 16.79 -16.14
C ASP C 103 6.84 17.28 -16.80
N GLY C 104 5.69 16.86 -16.30
CA GLY C 104 4.42 17.14 -16.93
C GLY C 104 3.86 16.00 -17.75
N LYS C 105 4.70 15.04 -18.14
CA LYS C 105 4.29 13.87 -18.90
C LYS C 105 4.43 12.58 -18.10
N ALA C 106 5.54 12.40 -17.40
CA ALA C 106 5.80 11.16 -16.69
C ALA C 106 6.72 11.44 -15.51
N TRP C 107 6.79 10.48 -14.61
CA TRP C 107 7.68 10.58 -13.46
C TRP C 107 9.10 10.16 -13.83
N LEU C 108 10.06 10.92 -13.32
CA LEU C 108 11.48 10.57 -13.42
C LEU C 108 12.00 10.28 -12.03
N HIS C 109 12.57 9.09 -11.84
CA HIS C 109 13.17 8.69 -10.57
C HIS C 109 14.66 8.47 -10.78
N VAL C 110 15.47 9.16 -9.98
CA VAL C 110 16.91 8.98 -9.95
C VAL C 110 17.23 8.18 -8.70
N CYS C 111 17.72 6.96 -8.89
CA CYS C 111 17.87 6.01 -7.79
C CYS C 111 19.31 5.51 -7.75
N ILE C 112 19.95 5.64 -6.59
CA ILE C 112 21.33 5.26 -6.41
C ILE C 112 21.39 4.11 -5.41
N THR C 113 22.01 3.01 -5.83
CA THR C 113 22.19 1.86 -4.96
C THR C 113 23.51 1.18 -5.32
N GLY C 114 23.86 0.17 -4.55
CA GLY C 114 25.08 -0.58 -4.81
C GLY C 114 26.18 -0.31 -3.82
N ASP C 115 27.41 -0.69 -4.18
CA ASP C 115 28.54 -0.51 -3.29
C ASP C 115 28.86 0.96 -3.08
N ASP C 116 29.49 1.26 -1.94
CA ASP C 116 29.91 2.62 -1.67
C ASP C 116 30.97 3.09 -2.68
N LYS C 117 31.92 2.22 -3.00
CA LYS C 117 32.95 2.59 -3.96
C LYS C 117 32.43 2.56 -5.40
N ASN C 118 31.42 1.74 -5.65
CA ASN C 118 30.89 1.54 -7.00
C ASN C 118 29.38 1.62 -6.96
N ALA C 119 28.85 2.84 -7.03
CA ALA C 119 27.42 3.05 -6.97
C ALA C 119 26.86 3.30 -8.37
N THR C 120 25.64 2.81 -8.59
CA THR C 120 24.94 3.00 -9.84
C THR C 120 23.74 3.91 -9.62
N ALA C 121 23.61 4.93 -10.47
CA ALA C 121 22.45 5.80 -10.49
C ALA C 121 21.57 5.38 -11.66
N SER C 122 20.45 4.73 -11.36
CA SER C 122 19.49 4.33 -12.38
C SER C 122 18.49 5.45 -12.61
N PHE C 123 18.18 5.70 -13.87
CA PHE C 123 17.24 6.75 -14.26
C PHE C 123 16.00 6.07 -14.85
N ILE C 124 14.90 6.12 -14.11
CA ILE C 124 13.66 5.47 -14.50
C ILE C 124 12.66 6.54 -14.88
N TYR C 125 12.26 6.54 -16.14
CA TYR C 125 11.30 7.51 -16.67
C TYR C 125 10.13 6.74 -17.26
N ASN C 126 8.91 7.12 -16.85
CA ASN C 126 7.69 6.45 -17.30
C ASN C 126 7.72 4.95 -17.01
N GLY C 127 8.27 4.57 -15.86
CA GLY C 127 8.25 3.18 -15.44
C GLY C 127 9.31 2.30 -16.07
N ARG C 128 10.19 2.86 -16.89
CA ARG C 128 11.24 2.09 -17.54
C ARG C 128 12.60 2.66 -17.19
N LEU C 129 13.60 1.78 -17.12
CA LEU C 129 14.98 2.22 -16.95
C LEU C 129 15.47 2.75 -18.30
N VAL C 130 15.78 4.04 -18.34
CA VAL C 130 16.18 4.68 -19.60
C VAL C 130 17.69 4.89 -19.64
N ASP C 131 18.32 5.11 -18.50
CA ASP C 131 19.75 5.38 -18.45
C ASP C 131 20.29 4.99 -17.08
N SER C 132 21.61 4.86 -17.01
CA SER C 132 22.30 4.60 -15.76
C SER C 132 23.69 5.18 -15.85
N VAL C 133 24.22 5.62 -14.70
CA VAL C 133 25.58 6.16 -14.64
C VAL C 133 26.25 5.62 -13.39
N VAL C 134 27.56 5.40 -13.49
CA VAL C 134 28.36 4.88 -12.40
C VAL C 134 28.98 6.04 -11.65
N SER C 135 29.43 5.77 -10.44
CA SER C 135 30.17 6.75 -9.65
C SER C 135 31.40 7.23 -10.41
N TRP C 136 31.66 8.53 -10.35
CA TRP C 136 32.84 9.08 -10.99
C TRP C 136 34.00 9.25 -10.02
N SER C 137 33.71 9.52 -8.75
CA SER C 137 34.73 9.66 -7.73
C SER C 137 34.97 8.38 -6.95
N LYS C 138 34.23 7.32 -7.24
CA LYS C 138 34.38 6.01 -6.60
C LYS C 138 34.22 6.13 -5.08
N ASP C 139 33.33 7.03 -4.68
CA ASP C 139 32.97 7.21 -3.28
C ASP C 139 31.44 7.14 -3.23
N ILE C 140 30.86 7.53 -2.09
CA ILE C 140 29.42 7.40 -1.91
C ILE C 140 28.74 8.40 -2.85
N LEU C 141 28.20 7.88 -3.95
CA LEU C 141 27.46 8.73 -4.87
C LEU C 141 26.08 9.03 -4.30
N ARG C 142 25.75 10.31 -4.22
CA ARG C 142 24.53 10.75 -3.54
C ARG C 142 23.85 11.83 -4.37
N THR C 143 22.55 12.00 -4.11
CA THR C 143 21.73 12.95 -4.84
C THR C 143 20.92 13.81 -3.85
N GLN C 144 19.97 14.57 -4.27
CA GLN C 144 19.26 15.61 -3.46
C GLN C 144 18.45 15.12 -2.28
N GLU C 145 17.71 14.03 -2.38
CA GLU C 145 16.84 13.50 -1.31
C GLU C 145 15.62 14.39 -1.34
N SER C 146 15.28 14.83 -2.51
CA SER C 146 14.17 15.78 -2.71
C SER C 146 13.85 15.83 -4.18
N GLU C 147 12.87 16.62 -4.49
CA GLU C 147 12.41 16.81 -5.87
C GLU C 147 13.45 17.52 -6.74
N CYS C 148 13.61 16.99 -7.91
CA CYS C 148 14.35 17.72 -8.92
C CYS C 148 13.37 18.55 -9.75
N VAL C 149 13.91 19.36 -10.66
CA VAL C 149 13.11 20.30 -11.43
C VAL C 149 13.25 19.99 -12.91
N CYS C 150 12.13 20.02 -13.62
CA CYS C 150 12.09 19.86 -15.07
C CYS C 150 11.49 21.10 -15.71
N ILE C 151 12.16 21.64 -16.72
CA ILE C 151 11.66 22.75 -17.51
C ILE C 151 11.76 22.36 -18.97
N ASN C 152 10.63 22.42 -19.67
CA ASN C 152 10.55 22.08 -21.11
C ASN C 152 11.06 20.66 -21.33
N GLY C 153 10.72 19.74 -20.43
CA GLY C 153 11.06 18.36 -20.57
C GLY C 153 12.50 18.02 -20.22
N THR C 154 13.29 19.00 -19.80
CA THR C 154 14.66 18.78 -19.38
C THR C 154 14.71 18.88 -17.86
N CYS C 155 14.98 17.75 -17.21
CA CYS C 155 15.09 17.71 -15.76
C CYS C 155 16.55 17.83 -15.35
N THR C 156 16.79 18.55 -14.26
CA THR C 156 18.13 18.76 -13.75
C THR C 156 18.23 18.15 -12.36
N VAL C 157 19.31 17.39 -12.13
CA VAL C 157 19.55 16.73 -10.86
C VAL C 157 20.98 17.04 -10.42
N VAL C 158 21.15 17.39 -9.15
CA VAL C 158 22.46 17.61 -8.56
C VAL C 158 22.91 16.31 -7.90
N MET C 159 24.08 15.81 -8.29
CA MET C 159 24.63 14.59 -7.73
C MET C 159 26.04 14.85 -7.24
N THR C 160 26.36 14.33 -6.06
CA THR C 160 27.66 14.53 -5.43
C THR C 160 28.35 13.18 -5.23
N ASP C 161 29.66 13.17 -5.45
CA ASP C 161 30.47 11.98 -5.26
C ASP C 161 31.78 12.40 -4.59
N GLY C 162 32.14 11.71 -3.51
CA GLY C 162 33.32 12.02 -2.74
C GLY C 162 33.00 12.10 -1.28
N SER C 163 33.96 12.60 -0.51
CA SER C 163 33.78 12.76 0.93
C SER C 163 33.18 14.12 1.26
N ALA C 164 32.30 14.13 2.25
CA ALA C 164 31.62 15.34 2.68
C ALA C 164 32.56 16.36 3.31
N SER C 165 33.78 15.96 3.67
CA SER C 165 34.80 16.89 4.14
C SER C 165 36.10 16.83 3.36
N GLY C 166 36.36 15.76 2.61
CA GLY C 166 37.48 15.70 1.70
C GLY C 166 37.11 16.24 0.33
N LYS C 167 37.80 15.73 -0.68
CA LYS C 167 37.47 16.11 -2.05
C LYS C 167 36.15 15.48 -2.48
N ALA C 168 35.25 16.31 -2.99
CA ALA C 168 33.94 15.86 -3.42
C ALA C 168 33.63 16.47 -4.78
N ASP C 169 33.21 15.64 -5.72
CA ASP C 169 32.86 16.09 -7.06
C ASP C 169 31.34 16.18 -7.20
N THR C 170 30.86 17.38 -7.46
CA THR C 170 29.43 17.63 -7.63
C THR C 170 29.15 17.90 -9.10
N LYS C 171 28.17 17.19 -9.64
CA LYS C 171 27.80 17.32 -11.04
C LYS C 171 26.32 17.63 -11.15
N ILE C 172 25.97 18.41 -12.17
CA ILE C 172 24.59 18.69 -12.51
C ILE C 172 24.28 17.91 -13.78
N LEU C 173 23.29 17.04 -13.70
CA LEU C 173 22.91 16.18 -14.81
C LEU C 173 21.62 16.69 -15.43
N PHE C 174 21.62 16.86 -16.75
CA PHE C 174 20.46 17.30 -17.50
C PHE C 174 19.85 16.07 -18.16
N ILE C 175 18.62 15.73 -17.77
CA ILE C 175 17.98 14.49 -18.18
C ILE C 175 16.73 14.81 -18.97
N GLU C 176 16.61 14.21 -20.15
CA GLU C 176 15.46 14.39 -21.03
C GLU C 176 14.81 13.04 -21.25
N GLU C 177 13.60 12.86 -20.74
CA GLU C 177 12.84 11.62 -20.89
C GLU C 177 13.64 10.41 -20.37
N GLY C 178 14.37 10.62 -19.28
CA GLY C 178 15.16 9.59 -18.66
C GLY C 178 16.56 9.43 -19.20
N LYS C 179 16.91 10.15 -20.27
CA LYS C 179 18.24 10.04 -20.86
C LYS C 179 19.12 11.21 -20.42
N ILE C 180 20.34 10.90 -20.00
CA ILE C 180 21.30 11.92 -19.61
C ILE C 180 21.86 12.53 -20.89
N VAL C 181 21.45 13.76 -21.18
CA VAL C 181 21.88 14.42 -22.41
C VAL C 181 23.07 15.34 -22.18
N HIS C 182 23.32 15.76 -20.94
CA HIS C 182 24.45 16.61 -20.64
C HIS C 182 24.83 16.43 -19.17
N THR C 183 26.12 16.62 -18.89
CA THR C 183 26.63 16.54 -17.53
C THR C 183 27.67 17.65 -17.37
N SER C 184 27.40 18.57 -16.46
CA SER C 184 28.26 19.71 -16.21
C SER C 184 28.78 19.67 -14.78
N THR C 185 30.08 19.81 -14.61
CA THR C 185 30.67 19.84 -13.28
C THR C 185 30.32 21.15 -12.57
N LEU C 186 30.33 21.11 -11.25
CA LEU C 186 29.96 22.28 -10.46
C LEU C 186 31.04 23.35 -10.55
N SER C 187 30.61 24.57 -10.86
CA SER C 187 31.51 25.71 -11.00
C SER C 187 30.95 26.88 -10.20
N GLY C 188 31.84 27.56 -9.49
CA GLY C 188 31.44 28.71 -8.69
C GLY C 188 32.15 28.69 -7.36
N SER C 189 31.61 29.50 -6.44
CA SER C 189 32.25 29.72 -5.15
C SER C 189 31.84 28.70 -4.09
N ALA C 190 30.85 27.87 -4.32
CA ALA C 190 30.49 26.80 -3.35
C ALA C 190 31.32 25.53 -3.57
N GLN C 191 31.72 24.83 -2.49
CA GLN C 191 32.64 23.68 -2.67
C GLN C 191 32.05 22.37 -2.14
N HIS C 192 31.38 22.38 -0.99
CA HIS C 192 30.70 21.17 -0.45
C HIS C 192 29.20 21.35 -0.71
N VAL C 193 28.69 20.66 -1.70
CA VAL C 193 27.28 20.85 -2.09
C VAL C 193 26.61 19.49 -2.04
N GLU C 194 25.59 19.40 -1.23
CA GLU C 194 24.91 18.14 -1.00
C GLU C 194 23.45 18.40 -0.67
N GLU C 195 22.62 17.42 -0.98
CA GLU C 195 21.19 17.42 -0.64
C GLU C 195 20.53 18.76 -0.96
N CYS C 196 20.55 19.08 -2.25
CA CYS C 196 20.05 20.37 -2.69
C CYS C 196 18.53 20.38 -2.73
N SER C 197 17.96 21.42 -2.13
CA SER C 197 16.54 21.71 -2.24
C SER C 197 16.37 22.64 -3.43
N CYS C 198 15.97 22.06 -4.56
CA CYS C 198 15.90 22.79 -5.82
C CYS C 198 14.45 23.20 -6.10
N TYR C 199 14.30 24.36 -6.73
CA TYR C 199 12.99 24.83 -7.12
C TYR C 199 13.10 25.59 -8.44
N PRO C 200 12.05 25.59 -9.26
CA PRO C 200 12.11 26.29 -10.54
C PRO C 200 12.06 27.80 -10.40
N ARG C 201 13.02 28.52 -10.97
CA ARG C 201 13.04 30.00 -10.97
C ARG C 201 13.22 30.44 -12.42
N TYR C 202 12.18 30.38 -13.25
CA TYR C 202 12.23 30.51 -14.70
C TYR C 202 13.02 31.77 -15.09
N PRO C 203 13.92 31.66 -16.08
CA PRO C 203 14.19 30.51 -16.94
C PRO C 203 15.21 29.52 -16.39
N GLY C 204 15.44 29.46 -15.08
CA GLY C 204 16.43 28.55 -14.56
C GLY C 204 15.96 27.73 -13.37
N VAL C 205 16.90 27.05 -12.72
CA VAL C 205 16.65 26.28 -11.51
C VAL C 205 17.63 26.75 -10.44
N ARG C 206 17.12 27.01 -9.25
CA ARG C 206 17.93 27.45 -8.13
C ARG C 206 17.85 26.42 -7.01
N CYS C 207 19.00 26.01 -6.51
CA CYS C 207 19.10 24.98 -5.47
C CYS C 207 19.77 25.57 -4.25
N VAL C 208 19.20 25.31 -3.08
CA VAL C 208 19.82 25.62 -1.80
C VAL C 208 20.23 24.31 -1.15
N CYS C 209 21.53 24.15 -0.93
CA CYS C 209 22.11 22.87 -0.59
C CYS C 209 22.68 22.89 0.83
N ARG C 210 23.36 21.81 1.18
CA ARG C 210 23.88 21.60 2.53
C ARG C 210 25.40 21.47 2.48
N ASP C 211 26.07 22.22 3.35
CA ASP C 211 27.52 22.19 3.48
C ASP C 211 27.88 21.38 4.72
N ASN C 212 28.75 20.38 4.55
CA ASN C 212 29.04 19.44 5.62
C ASN C 212 30.44 19.59 6.22
N TRP C 213 31.29 20.46 5.68
CA TRP C 213 32.62 20.61 6.28
C TRP C 213 32.82 22.02 6.84
N LYS C 214 32.62 23.06 6.05
CA LYS C 214 33.10 24.37 6.45
C LYS C 214 31.99 25.34 6.85
N GLY C 215 30.87 25.33 6.13
CA GLY C 215 29.87 26.39 6.26
C GLY C 215 28.62 25.95 6.99
N SER C 216 28.12 26.83 7.86
CA SER C 216 26.76 26.75 8.37
C SER C 216 25.80 27.61 7.57
N ASN C 217 26.30 28.37 6.59
CA ASN C 217 25.44 29.02 5.61
C ASN C 217 25.15 28.05 4.46
N ARG C 218 23.99 28.23 3.86
CA ARG C 218 23.71 27.19 2.88
C ARG C 218 24.23 27.58 1.49
N PRO C 219 24.89 26.65 0.81
CA PRO C 219 25.33 26.93 -0.56
C PRO C 219 24.13 27.09 -1.50
N ILE C 220 24.35 27.89 -2.54
CA ILE C 220 23.36 28.10 -3.59
C ILE C 220 23.96 27.63 -4.91
N VAL C 221 23.19 26.82 -5.65
CA VAL C 221 23.53 26.43 -7.00
C VAL C 221 22.49 27.02 -7.93
N ASP C 222 22.92 27.87 -8.85
CA ASP C 222 22.05 28.46 -9.86
C ASP C 222 22.33 27.77 -11.19
N ILE C 223 21.29 27.23 -11.81
CA ILE C 223 21.42 26.46 -13.03
C ILE C 223 20.63 27.16 -14.14
N ASN C 224 21.32 27.55 -15.19
CA ASN C 224 20.68 28.09 -16.39
C ASN C 224 20.26 26.92 -17.27
N ILE C 225 18.95 26.72 -17.41
CA ILE C 225 18.45 25.54 -18.11
C ILE C 225 18.74 25.60 -19.60
N LYS C 226 18.84 26.81 -20.16
CA LYS C 226 19.09 26.97 -21.60
C LYS C 226 20.56 26.73 -21.94
N ASP C 227 21.47 27.44 -21.27
CA ASP C 227 22.89 27.33 -21.57
C ASP C 227 23.60 26.25 -20.77
N HIS C 228 22.93 25.62 -19.82
CA HIS C 228 23.54 24.61 -18.94
C HIS C 228 24.73 25.17 -18.18
N SER C 229 24.68 26.46 -17.86
CA SER C 229 25.74 27.12 -17.12
C SER C 229 25.39 27.12 -15.64
N ILE C 230 26.39 26.91 -14.79
CA ILE C 230 26.21 26.76 -13.36
C ILE C 230 26.89 27.93 -12.65
N VAL C 231 26.20 28.48 -11.66
CA VAL C 231 26.73 29.53 -10.80
C VAL C 231 26.53 29.11 -9.35
N SER C 232 27.57 29.24 -8.54
CA SER C 232 27.53 28.83 -7.15
C SER C 232 27.79 30.01 -6.23
N SER C 233 27.08 30.03 -5.10
CA SER C 233 27.25 31.05 -4.08
C SER C 233 26.69 30.48 -2.77
N TYR C 234 26.49 31.35 -1.78
CA TYR C 234 25.88 30.97 -0.52
C TYR C 234 24.75 31.93 -0.20
N VAL C 235 23.91 31.54 0.78
CA VAL C 235 22.82 32.41 1.20
C VAL C 235 23.37 33.56 2.03
N CYS C 236 22.92 34.78 1.72
CA CYS C 236 23.51 35.98 2.29
C CYS C 236 23.01 36.30 3.69
N SER C 237 21.89 35.73 4.13
CA SER C 237 21.31 36.14 5.41
C SER C 237 22.24 35.83 6.56
N GLY C 238 22.37 36.80 7.47
CA GLY C 238 23.16 36.59 8.67
C GLY C 238 22.58 35.55 9.60
N LEU C 239 21.30 35.22 9.45
CA LEU C 239 20.67 34.11 10.16
C LEU C 239 20.79 32.89 9.27
N VAL C 240 21.76 32.04 9.57
CA VAL C 240 22.03 30.88 8.73
C VAL C 240 21.01 29.77 9.01
N GLY C 241 20.88 28.87 8.05
CA GLY C 241 19.83 27.86 8.12
C GLY C 241 20.29 26.44 8.41
N ASP C 242 21.59 26.23 8.54
CA ASP C 242 22.14 24.90 8.75
C ASP C 242 22.22 24.58 10.24
N THR C 243 22.19 23.27 10.54
CA THR C 243 22.36 22.76 11.90
C THR C 243 23.52 21.78 11.87
N PRO C 244 24.58 21.97 12.67
CA PRO C 244 24.77 22.98 13.72
C PRO C 244 25.02 24.39 13.20
N ARG C 245 24.86 25.38 14.07
CA ARG C 245 25.13 26.77 13.75
C ARG C 245 25.39 27.52 15.06
N LYS C 246 25.79 28.77 14.92
CA LYS C 246 26.01 29.66 16.09
C LYS C 246 24.70 30.40 16.37
N ASN C 247 24.59 31.07 17.49
CA ASN C 247 23.42 31.88 17.88
C ASN C 247 23.10 32.89 16.79
N ASP C 248 21.96 33.50 16.89
CA ASP C 248 21.56 34.54 15.90
C ASP C 248 22.39 35.80 16.12
N SER C 249 22.95 35.96 17.32
CA SER C 249 23.71 37.18 17.65
C SER C 249 25.14 37.06 17.16
N SER C 250 25.68 35.88 17.24
CA SER C 250 27.10 35.62 16.96
C SER C 250 27.35 34.99 15.59
N SER C 251 26.29 34.66 14.84
CA SER C 251 26.49 34.04 13.55
C SER C 251 26.81 35.08 12.49
N SER C 252 27.35 34.61 11.37
CA SER C 252 27.67 35.47 10.24
C SER C 252 27.54 34.65 8.97
N SER C 253 27.43 35.34 7.84
CA SER C 253 27.40 34.73 6.53
C SER C 253 28.23 35.59 5.57
N HIS C 254 28.67 34.99 4.48
CA HIS C 254 29.49 35.70 3.51
C HIS C 254 28.83 35.67 2.14
N CYS C 255 28.19 34.55 1.83
CA CYS C 255 27.44 34.34 0.58
C CYS C 255 28.26 34.57 -0.67
N LEU C 256 29.58 34.45 -0.52
CA LEU C 256 30.47 34.05 -1.60
C LEU C 256 31.46 32.99 -1.14
N ASP C 257 31.45 32.63 0.13
CA ASP C 257 32.34 31.64 0.74
C ASP C 257 31.63 31.06 1.95
N PRO C 258 32.07 29.91 2.44
CA PRO C 258 31.55 29.41 3.72
C PRO C 258 31.97 30.33 4.86
N ASN C 259 31.11 30.39 5.88
CA ASN C 259 31.33 31.27 7.01
C ASN C 259 32.30 30.68 8.04
N ASN C 260 32.65 29.40 7.90
CA ASN C 260 33.56 28.72 8.80
C ASN C 260 33.10 28.81 10.25
N GLU C 261 31.80 28.65 10.48
CA GLU C 261 31.22 28.72 11.81
C GLU C 261 30.42 27.45 12.07
N GLU C 262 31.00 26.52 12.82
CA GLU C 262 30.32 25.31 13.25
C GLU C 262 29.73 24.56 12.05
N GLY C 263 30.52 24.51 10.99
CA GLY C 263 30.05 23.96 9.73
C GLY C 263 30.47 22.54 9.45
N GLY C 264 31.01 21.85 10.45
CA GLY C 264 31.57 20.53 10.27
C GLY C 264 30.54 19.42 10.12
N HIS C 265 29.27 19.80 10.15
CA HIS C 265 28.16 18.87 9.93
C HIS C 265 27.05 19.68 9.28
N GLY C 266 25.87 19.09 9.14
CA GLY C 266 24.78 19.82 8.53
C GLY C 266 23.48 19.04 8.55
N VAL C 267 22.48 19.61 7.89
CA VAL C 267 21.19 18.98 7.72
C VAL C 267 20.59 19.52 6.43
N LYS C 268 19.81 18.69 5.74
CA LYS C 268 19.13 19.13 4.54
C LYS C 268 18.09 20.19 4.89
N GLY C 269 18.13 21.31 4.17
CA GLY C 269 17.21 22.40 4.41
C GLY C 269 16.90 23.15 3.14
N TRP C 270 16.11 24.21 3.24
CA TRP C 270 15.63 24.92 2.06
C TRP C 270 15.66 26.41 2.33
N ALA C 271 15.68 27.17 1.23
CA ALA C 271 15.52 28.61 1.24
C ALA C 271 15.14 29.04 -0.17
N PHE C 272 14.29 30.05 -0.27
CA PHE C 272 13.97 30.64 -1.56
C PHE C 272 13.86 32.15 -1.39
N ASP C 273 14.11 32.87 -2.47
CA ASP C 273 14.22 34.32 -2.43
C ASP C 273 12.88 34.98 -2.75
N ASP C 274 12.62 36.09 -2.08
CA ASP C 274 11.46 36.93 -2.35
C ASP C 274 11.98 38.34 -2.61
N GLY C 275 12.32 38.63 -3.85
CA GLY C 275 13.02 39.87 -4.14
C GLY C 275 14.38 39.84 -3.51
N ASN C 276 14.67 40.83 -2.67
CA ASN C 276 15.92 40.83 -1.91
C ASN C 276 15.83 40.02 -0.63
N ASP C 277 14.62 39.64 -0.20
CA ASP C 277 14.45 38.88 1.02
C ASP C 277 14.57 37.39 0.74
N VAL C 278 14.76 36.62 1.81
CA VAL C 278 14.86 35.17 1.73
C VAL C 278 13.85 34.56 2.69
N TRP C 279 13.07 33.61 2.20
CA TRP C 279 12.26 32.75 3.05
C TRP C 279 13.04 31.47 3.31
N MET C 280 13.19 31.12 4.59
CA MET C 280 14.03 30.00 4.97
C MET C 280 13.42 29.26 6.14
N GLY C 281 13.77 27.99 6.24
CA GLY C 281 13.40 27.19 7.39
C GLY C 281 14.62 26.57 8.01
N ARG C 282 14.55 26.33 9.31
CA ARG C 282 15.65 25.73 10.04
C ARG C 282 15.12 25.13 11.34
N THR C 283 15.95 24.33 11.98
CA THR C 283 15.66 23.85 13.31
C THR C 283 15.75 25.00 14.30
N ILE C 284 14.89 24.97 15.32
CA ILE C 284 14.95 25.97 16.37
C ILE C 284 16.21 25.81 17.20
N ASN C 285 16.60 24.57 17.48
CA ASN C 285 17.87 24.26 18.18
C ASN C 285 19.04 24.52 17.24
N GLU C 286 20.05 25.21 17.74
CA GLU C 286 21.22 25.49 16.92
C GLU C 286 22.20 24.34 16.84
N THR C 287 22.07 23.32 17.69
CA THR C 287 23.02 22.22 17.70
C THR C 287 22.41 20.88 17.29
N SER C 288 21.16 20.63 17.63
CA SER C 288 20.48 19.39 17.28
C SER C 288 19.24 19.66 16.45
N ARG C 289 18.74 18.60 15.82
CA ARG C 289 17.56 18.69 14.97
C ARG C 289 16.30 18.64 15.85
N LEU C 290 16.14 19.69 16.63
CA LEU C 290 15.01 19.85 17.55
C LEU C 290 14.22 21.08 17.13
N GLY C 291 12.93 20.92 16.91
CA GLY C 291 12.08 22.01 16.52
C GLY C 291 12.28 22.43 15.08
N TYR C 292 11.36 23.25 14.59
CA TYR C 292 11.48 23.78 13.24
C TYR C 292 10.75 25.11 13.16
N GLU C 293 11.42 26.10 12.58
CA GLU C 293 10.87 27.44 12.42
C GLU C 293 11.10 27.92 10.99
N THR C 294 10.18 28.73 10.50
CA THR C 294 10.35 29.43 9.24
C THR C 294 10.18 30.92 9.48
N PHE C 295 10.88 31.73 8.69
CA PHE C 295 10.80 33.18 8.83
C PHE C 295 11.34 33.80 7.54
N LYS C 296 11.12 35.10 7.40
CA LYS C 296 11.59 35.87 6.27
C LYS C 296 12.63 36.87 6.77
N VAL C 297 13.81 36.85 6.17
CA VAL C 297 14.89 37.76 6.52
C VAL C 297 14.87 38.92 5.54
N ILE C 298 14.81 40.14 6.07
CA ILE C 298 14.75 41.34 5.24
C ILE C 298 16.11 41.55 4.59
N GLU C 299 16.11 41.61 3.25
CA GLU C 299 17.34 41.71 2.46
C GLU C 299 18.32 40.60 2.81
N GLY C 300 17.79 39.44 3.21
CA GLY C 300 18.61 38.31 3.55
C GLY C 300 19.11 37.50 2.38
N TRP C 301 18.65 37.80 1.17
CA TRP C 301 19.15 37.13 -0.02
C TRP C 301 20.27 37.90 -0.70
N SER C 302 20.45 39.18 -0.37
CA SER C 302 21.41 40.02 -1.05
C SER C 302 22.44 40.68 -0.15
N ASN C 303 22.10 40.97 1.11
CA ASN C 303 22.97 41.72 2.00
C ASN C 303 23.35 40.86 3.19
N PRO C 304 24.64 40.53 3.37
CA PRO C 304 25.06 39.88 4.62
C PRO C 304 25.05 40.85 5.78
N LYS C 305 25.17 40.36 6.98
CA LYS C 305 25.12 41.34 8.09
C LYS C 305 23.66 41.79 8.21
N SER C 306 22.73 40.95 7.76
CA SER C 306 21.32 41.24 7.94
C SER C 306 20.73 40.17 8.84
N LYS C 307 20.11 40.60 9.94
CA LYS C 307 19.54 39.70 10.94
C LYS C 307 18.13 40.17 11.30
N LEU C 308 17.45 40.75 10.32
CA LEU C 308 16.12 41.32 10.52
C LEU C 308 15.09 40.25 10.18
N GLN C 309 14.60 39.56 11.21
CA GLN C 309 13.57 38.56 11.05
C GLN C 309 12.20 39.20 10.90
N THR C 310 11.30 38.45 10.26
CA THR C 310 9.88 38.80 10.24
C THR C 310 9.09 37.57 9.83
N ASN C 311 7.80 37.57 10.18
CA ASN C 311 6.87 36.52 9.81
C ASN C 311 7.35 35.14 10.27
N ARG C 312 7.85 35.07 11.51
CA ARG C 312 8.32 33.80 12.03
C ARG C 312 7.15 32.87 12.33
N GLN C 313 7.32 31.60 11.98
CA GLN C 313 6.33 30.57 12.28
C GLN C 313 7.02 29.38 12.92
N VAL C 314 6.39 28.85 13.96
CA VAL C 314 6.86 27.62 14.59
C VAL C 314 6.14 26.45 13.93
N ILE C 315 6.89 25.61 13.22
CA ILE C 315 6.29 24.44 12.60
C ILE C 315 6.33 23.26 13.57
N VAL C 316 7.48 23.03 14.20
CA VAL C 316 7.65 21.98 15.19
C VAL C 316 8.17 22.64 16.46
N ASP C 317 7.58 22.29 17.59
CA ASP C 317 8.00 22.86 18.86
C ASP C 317 9.45 22.51 19.14
N ARG C 318 10.16 23.45 19.79
CA ARG C 318 11.59 23.31 20.01
C ARG C 318 11.94 22.04 20.79
N GLY C 319 11.02 21.57 21.64
CA GLY C 319 11.26 20.33 22.36
C GLY C 319 11.05 19.08 21.54
N ASP C 320 10.48 19.20 20.35
CA ASP C 320 10.16 18.04 19.53
C ASP C 320 11.21 17.83 18.44
N ARG C 321 11.25 16.61 17.91
CA ARG C 321 12.30 16.20 16.99
C ARG C 321 11.93 16.53 15.56
N SER C 322 12.87 17.12 14.83
CA SER C 322 12.74 17.40 13.41
C SER C 322 13.85 16.64 12.67
N GLY C 323 14.01 16.95 11.38
CA GLY C 323 15.02 16.31 10.58
C GLY C 323 15.25 17.01 9.26
N TYR C 324 15.38 16.24 8.19
CA TYR C 324 15.53 16.83 6.85
C TYR C 324 14.31 17.68 6.52
N SER C 325 14.55 18.78 5.82
CA SER C 325 13.47 19.58 5.27
C SER C 325 13.84 19.94 3.83
N GLY C 326 12.82 20.15 3.02
CA GLY C 326 13.08 20.47 1.63
C GLY C 326 11.92 21.23 1.05
N ILE C 327 12.17 21.79 -0.13
CA ILE C 327 11.19 22.61 -0.82
C ILE C 327 10.59 21.81 -1.97
N PHE C 328 9.32 22.07 -2.26
CA PHE C 328 8.71 21.60 -3.48
C PHE C 328 7.73 22.67 -3.96
N SER C 329 7.60 22.78 -5.27
CA SER C 329 6.82 23.83 -5.90
C SER C 329 5.55 23.26 -6.48
N VAL C 330 4.44 23.96 -6.28
CA VAL C 330 3.15 23.59 -6.83
C VAL C 330 2.68 24.72 -7.72
N GLU C 331 2.40 24.41 -8.98
CA GLU C 331 1.84 25.39 -9.89
C GLU C 331 0.42 25.73 -9.48
N GLY C 332 0.11 27.02 -9.43
CA GLY C 332 -1.19 27.50 -9.10
C GLY C 332 -1.96 27.99 -10.30
N LYS C 333 -3.07 28.66 -10.06
CA LYS C 333 -3.86 29.24 -11.17
C LYS C 333 -3.02 30.30 -11.91
N SER C 334 -2.34 31.16 -11.19
CA SER C 334 -1.62 32.25 -11.83
C SER C 334 -0.18 32.41 -11.38
N CYS C 335 0.29 31.65 -10.40
CA CYS C 335 1.66 31.80 -9.92
C CYS C 335 2.18 30.45 -9.44
N ILE C 336 3.47 30.41 -9.15
CA ILE C 336 4.15 29.22 -8.63
C ILE C 336 4.22 29.36 -7.12
N ASN C 337 3.65 28.40 -6.41
CA ASN C 337 3.71 28.38 -4.96
C ASN C 337 4.92 27.57 -4.48
N ARG C 338 5.51 28.03 -3.38
CA ARG C 338 6.59 27.30 -2.73
C ARG C 338 6.05 26.65 -1.46
N CYS C 339 6.24 25.34 -1.35
CA CYS C 339 5.84 24.58 -0.18
C CYS C 339 7.06 23.86 0.36
N PHE C 340 6.98 23.43 1.62
CA PHE C 340 8.07 22.68 2.21
C PHE C 340 7.52 21.57 3.09
N TYR C 341 8.33 20.53 3.24
CA TYR C 341 8.06 19.42 4.14
C TYR C 341 9.14 19.38 5.20
N VAL C 342 8.78 18.88 6.37
CA VAL C 342 9.75 18.64 7.44
C VAL C 342 9.67 17.18 7.83
N GLU C 343 10.82 16.51 7.83
CA GLU C 343 10.92 15.13 8.28
C GLU C 343 11.05 15.13 9.80
N LEU C 344 10.22 14.33 10.46
CA LEU C 344 10.21 14.24 11.92
C LEU C 344 10.80 12.89 12.30
N ILE C 345 12.11 12.86 12.52
CA ILE C 345 12.84 11.64 12.83
C ILE C 345 12.55 11.22 14.26
N ARG C 346 12.21 9.95 14.44
CA ARG C 346 12.09 9.37 15.77
C ARG C 346 12.89 8.08 15.81
N GLY C 347 13.57 7.84 16.93
CA GLY C 347 14.27 6.58 17.08
C GLY C 347 15.72 6.68 17.50
N ARG C 348 16.53 5.74 17.01
CA ARG C 348 17.85 5.49 17.56
C ARG C 348 18.83 6.62 17.23
N LYS C 349 19.90 6.65 18.02
CA LYS C 349 21.00 7.62 18.08
C LYS C 349 20.56 8.92 18.74
N GLU C 350 19.26 9.10 18.99
CA GLU C 350 18.78 10.20 19.83
C GLU C 350 17.71 9.77 20.82
N GLU C 351 17.00 8.68 20.57
CA GLU C 351 15.99 8.13 21.47
C GLU C 351 16.27 6.63 21.57
N THR C 352 16.78 6.19 22.71
CA THR C 352 17.29 4.84 22.85
C THR C 352 16.30 3.88 23.49
N GLU C 353 15.04 4.27 23.65
CA GLU C 353 14.03 3.35 24.16
C GLU C 353 13.44 2.47 23.07
N VAL C 354 13.82 2.68 21.81
CA VAL C 354 13.44 1.80 20.71
C VAL C 354 14.70 1.46 19.94
N LEU C 355 14.62 0.38 19.16
CA LEU C 355 15.74 -0.10 18.36
C LEU C 355 15.71 0.40 16.92
N TRP C 356 14.65 1.09 16.51
CA TRP C 356 14.47 1.46 15.12
C TRP C 356 14.66 2.96 14.94
N THR C 357 14.84 3.36 13.69
CA THR C 357 14.86 4.75 13.28
C THR C 357 13.87 4.92 12.14
N SER C 358 12.94 5.86 12.30
CA SER C 358 11.93 6.13 11.27
C SER C 358 11.47 7.56 11.41
N ASN C 359 10.57 7.99 10.54
CA ASN C 359 10.14 9.37 10.50
C ASN C 359 8.69 9.47 10.07
N SER C 360 8.07 10.59 10.44
CA SER C 360 6.85 11.08 9.81
C SER C 360 7.18 12.40 9.14
N ILE C 361 6.20 12.98 8.45
CA ILE C 361 6.40 14.27 7.80
C ILE C 361 5.24 15.19 8.15
N VAL C 362 5.52 16.48 8.06
CA VAL C 362 4.50 17.51 8.09
C VAL C 362 4.78 18.45 6.91
N VAL C 363 3.74 18.82 6.18
CA VAL C 363 3.89 19.60 4.96
C VAL C 363 3.17 20.92 5.13
N PHE C 364 3.85 22.01 4.75
CA PHE C 364 3.28 23.33 4.76
C PHE C 364 3.43 23.94 3.37
N CYS C 365 2.45 24.74 2.98
CA CYS C 365 2.44 25.40 1.69
C CYS C 365 2.35 26.91 1.87
N GLY C 366 3.04 27.63 0.99
CA GLY C 366 3.00 29.07 1.03
C GLY C 366 1.60 29.59 0.84
N THR C 367 1.28 30.67 1.56
CA THR C 367 -0.04 31.25 1.51
C THR C 367 0.08 32.77 1.40
N SER C 368 -0.82 33.36 0.62
CA SER C 368 -0.94 34.80 0.54
C SER C 368 -1.90 35.36 1.58
N GLY C 369 -2.63 34.51 2.28
CA GLY C 369 -3.59 34.94 3.27
C GLY C 369 -3.00 35.01 4.66
N THR C 370 -3.88 34.81 5.64
CA THR C 370 -3.48 34.87 7.04
C THR C 370 -3.45 33.48 7.65
N TYR C 371 -2.77 33.37 8.79
CA TYR C 371 -2.60 32.10 9.47
C TYR C 371 -2.40 32.38 10.95
N GLY C 372 -2.57 31.34 11.75
CA GLY C 372 -2.35 31.43 13.18
C GLY C 372 -1.05 30.78 13.61
N THR C 373 -1.02 30.29 14.84
CA THR C 373 0.14 29.59 15.36
C THR C 373 -0.23 28.15 15.69
N GLY C 374 0.80 27.36 16.00
CA GLY C 374 0.59 25.98 16.38
C GLY C 374 1.90 25.22 16.31
N SER C 375 1.80 23.92 16.57
CA SER C 375 2.95 23.04 16.48
C SER C 375 2.43 21.66 16.10
N TRP C 376 3.10 21.01 15.16
CA TRP C 376 2.64 19.74 14.60
C TRP C 376 3.77 18.72 14.70
N PRO C 377 4.02 18.19 15.89
CA PRO C 377 5.12 17.23 16.07
C PRO C 377 4.75 15.84 15.57
N ASP C 378 5.69 14.91 15.67
CA ASP C 378 5.40 13.52 15.34
C ASP C 378 4.27 12.99 16.22
N GLY C 379 4.37 13.16 17.53
CA GLY C 379 3.30 12.83 18.44
C GLY C 379 3.29 11.41 18.97
N ALA C 380 4.19 10.56 18.50
CA ALA C 380 4.26 9.20 19.01
C ALA C 380 5.03 9.16 20.32
N ASP C 381 4.52 8.38 21.27
CA ASP C 381 5.20 8.17 22.55
C ASP C 381 5.96 6.86 22.45
N LEU C 382 7.29 6.95 22.40
CA LEU C 382 8.14 5.79 22.20
C LEU C 382 8.26 4.91 23.44
N ASN C 383 7.92 5.43 24.62
CA ASN C 383 7.96 4.62 25.82
C ASN C 383 6.95 3.48 25.79
N LEU C 384 5.81 3.67 25.12
CA LEU C 384 4.80 2.64 24.99
C LEU C 384 4.82 1.92 23.65
N MET C 385 5.67 2.34 22.72
CA MET C 385 5.71 1.74 21.40
C MET C 385 6.55 0.49 21.41
N PRO C 386 6.30 -0.45 20.50
CA PRO C 386 7.13 -1.66 20.42
C PRO C 386 8.59 -1.30 20.15
N ILE C 387 9.48 -1.99 20.84
CA ILE C 387 10.90 -1.66 20.82
C ILE C 387 11.58 -2.28 19.61
N GLU D 1 -2.42 -0.70 -31.74
CA GLU D 1 -2.82 -1.21 -30.43
C GLU D 1 -2.12 -2.52 -30.13
N TYR D 2 -2.14 -3.44 -31.09
CA TYR D 2 -1.38 -4.68 -30.94
C TYR D 2 0.12 -4.38 -30.91
N ARG D 3 0.83 -5.10 -30.05
CA ARG D 3 2.27 -5.00 -29.92
C ARG D 3 2.93 -5.86 -30.98
N ASN D 4 3.85 -5.27 -31.73
CA ASN D 4 4.61 -6.01 -32.78
C ASN D 4 6.09 -6.15 -32.43
N TRP D 5 6.63 -5.40 -31.49
CA TRP D 5 8.03 -5.52 -31.08
C TRP D 5 8.97 -5.34 -32.27
N SER D 6 8.63 -4.43 -33.17
CA SER D 6 9.38 -4.27 -34.41
C SER D 6 10.67 -3.51 -34.23
N LYS D 7 10.88 -2.87 -33.08
CA LYS D 7 12.09 -2.10 -32.86
C LYS D 7 13.28 -3.03 -32.69
N PRO D 8 14.49 -2.55 -32.99
CA PRO D 8 15.68 -3.37 -32.77
C PRO D 8 15.96 -3.59 -31.28
N GLN D 9 16.98 -4.37 -30.96
CA GLN D 9 17.37 -4.58 -29.58
C GLN D 9 18.29 -3.45 -29.14
N CYS D 10 18.05 -2.94 -27.94
CA CYS D 10 18.87 -1.88 -27.39
C CYS D 10 20.29 -2.37 -27.17
N GLY D 11 21.26 -1.49 -27.44
CA GLY D 11 22.64 -1.79 -27.15
C GLY D 11 22.81 -1.94 -25.65
N ILE D 12 23.30 -3.10 -25.21
CA ILE D 12 23.38 -3.43 -23.81
C ILE D 12 24.85 -3.60 -23.43
N THR D 13 25.30 -2.79 -22.48
CA THR D 13 26.62 -2.95 -21.87
C THR D 13 26.54 -3.64 -20.52
N GLY D 14 25.35 -4.02 -20.08
CA GLY D 14 25.16 -4.58 -18.76
C GLY D 14 23.76 -4.30 -18.28
N PHE D 15 23.58 -4.43 -16.98
CA PHE D 15 22.26 -4.30 -16.37
C PHE D 15 22.33 -3.43 -15.14
N ALA D 16 21.29 -2.62 -14.95
CA ALA D 16 21.17 -1.72 -13.81
C ALA D 16 20.02 -2.16 -12.91
N PRO D 17 20.12 -1.93 -11.60
CA PRO D 17 19.05 -2.36 -10.69
C PRO D 17 17.73 -1.67 -11.04
N PHE D 18 16.66 -2.44 -10.97
CA PHE D 18 15.35 -1.89 -11.31
C PHE D 18 14.35 -1.96 -10.18
N SER D 19 14.18 -3.13 -9.56
CA SER D 19 13.14 -3.30 -8.56
C SER D 19 13.55 -4.34 -7.54
N LYS D 20 12.97 -4.22 -6.35
CA LYS D 20 13.19 -5.16 -5.26
C LYS D 20 11.99 -5.08 -4.33
N ASP D 21 11.34 -6.23 -4.08
CA ASP D 21 10.08 -6.23 -3.35
C ASP D 21 10.23 -6.41 -1.85
N ASN D 22 11.33 -7.02 -1.38
CA ASN D 22 11.57 -7.22 0.06
C ASN D 22 10.44 -8.01 0.70
N SER D 23 9.93 -9.01 -0.01
CA SER D 23 8.72 -9.71 0.43
C SER D 23 8.93 -10.43 1.76
N ILE D 24 10.03 -11.17 1.89
CA ILE D 24 10.24 -11.96 3.10
C ILE D 24 10.52 -11.05 4.29
N ARG D 25 11.29 -9.98 4.07
CA ARG D 25 11.57 -9.05 5.16
C ARG D 25 10.29 -8.38 5.66
N LEU D 26 9.40 -8.00 4.75
CA LEU D 26 8.12 -7.44 5.14
C LEU D 26 7.18 -8.49 5.72
N SER D 27 7.42 -9.76 5.43
CA SER D 27 6.59 -10.84 5.97
C SER D 27 6.71 -10.95 7.49
N ALA D 28 7.85 -10.57 8.06
CA ALA D 28 8.04 -10.72 9.50
C ALA D 28 7.04 -9.88 10.28
N GLY D 29 6.76 -8.66 9.82
CA GLY D 29 5.66 -7.90 10.34
C GLY D 29 4.75 -7.43 9.22
N GLY D 30 3.54 -7.98 9.16
CA GLY D 30 2.65 -7.70 8.06
C GLY D 30 2.20 -8.95 7.34
N ASP D 31 1.09 -8.86 6.61
CA ASP D 31 0.48 -10.02 5.97
C ASP D 31 0.89 -10.07 4.51
N ILE D 32 1.82 -10.96 4.18
CA ILE D 32 2.38 -11.07 2.85
C ILE D 32 2.19 -12.49 2.35
N TRP D 33 1.80 -12.62 1.09
CA TRP D 33 1.56 -13.93 0.48
C TRP D 33 2.83 -14.77 0.49
N VAL D 34 2.65 -16.08 0.62
CA VAL D 34 3.71 -17.04 0.35
C VAL D 34 3.66 -17.37 -1.13
N THR D 35 4.77 -17.17 -1.82
CA THR D 35 4.83 -17.30 -3.27
C THR D 35 6.06 -18.11 -3.68
N ARG D 36 6.07 -18.51 -4.94
CA ARG D 36 7.24 -19.07 -5.59
C ARG D 36 7.02 -18.94 -7.09
N GLU D 37 8.09 -19.20 -7.85
CA GLU D 37 8.11 -19.08 -9.30
C GLU D 37 7.56 -17.74 -9.78
N PRO D 38 8.18 -16.63 -9.41
CA PRO D 38 7.70 -15.33 -9.86
C PRO D 38 8.22 -15.01 -11.26
N TYR D 39 7.63 -13.97 -11.85
CA TYR D 39 8.12 -13.44 -13.11
C TYR D 39 7.56 -12.04 -13.30
N VAL D 40 8.12 -11.32 -14.26
CA VAL D 40 7.73 -9.95 -14.54
C VAL D 40 7.28 -9.86 -15.99
N SER D 41 6.14 -9.23 -16.20
CA SER D 41 5.66 -8.89 -17.53
C SER D 41 5.10 -7.48 -17.49
N CYS D 42 5.19 -6.78 -18.60
CA CYS D 42 4.82 -5.37 -18.66
C CYS D 42 3.78 -5.14 -19.76
N ASP D 43 2.77 -4.35 -19.44
CA ASP D 43 1.90 -3.78 -20.45
C ASP D 43 2.59 -2.54 -21.03
N PRO D 44 2.07 -1.97 -22.14
CA PRO D 44 2.75 -0.81 -22.73
C PRO D 44 2.92 0.38 -21.81
N ASP D 45 2.31 0.38 -20.64
CA ASP D 45 2.53 1.46 -19.65
C ASP D 45 3.38 1.00 -18.45
N LYS D 46 2.98 -0.05 -17.73
CA LYS D 46 3.64 -0.47 -16.47
C LYS D 46 4.17 -1.90 -16.50
N CYS D 47 5.02 -2.20 -15.58
CA CYS D 47 5.53 -3.55 -15.39
C CYS D 47 4.76 -4.13 -14.22
N TYR D 48 4.34 -5.35 -14.37
CA TYR D 48 3.66 -6.08 -13.29
C TYR D 48 4.50 -7.22 -12.86
N GLN D 49 4.37 -7.60 -11.62
CA GLN D 49 5.02 -8.77 -11.07
C GLN D 49 3.99 -9.86 -10.84
N PHE D 50 4.36 -11.09 -11.19
CA PHE D 50 3.50 -12.25 -11.02
C PHE D 50 4.20 -13.27 -10.14
N ALA D 51 3.41 -14.08 -9.45
CA ALA D 51 3.93 -15.18 -8.68
C ALA D 51 2.82 -16.19 -8.45
N LEU D 52 3.22 -17.42 -8.19
CA LEU D 52 2.30 -18.49 -7.84
C LEU D 52 2.20 -18.52 -6.32
N GLY D 53 1.08 -18.02 -5.80
CA GLY D 53 0.85 -18.06 -4.38
C GLY D 53 0.54 -19.46 -3.89
N GLN D 54 0.68 -19.66 -2.59
CA GLN D 54 0.36 -20.94 -1.98
C GLN D 54 -0.97 -20.93 -1.24
N GLY D 55 -1.80 -19.91 -1.48
CA GLY D 55 -3.08 -19.83 -0.80
C GLY D 55 -2.99 -19.42 0.64
N THR D 56 -1.89 -18.78 1.04
CA THR D 56 -1.65 -18.47 2.44
C THR D 56 -0.68 -17.30 2.52
N THR D 57 -0.70 -16.65 3.68
CA THR D 57 0.33 -15.67 4.01
C THR D 57 1.45 -16.36 4.78
N LEU D 58 2.55 -15.65 5.00
CA LEU D 58 3.69 -16.27 5.67
C LEU D 58 3.44 -16.49 7.15
N ASN D 59 2.93 -15.49 7.87
CA ASN D 59 2.61 -15.62 9.29
C ASN D 59 1.24 -16.29 9.44
N ASN D 60 1.20 -17.55 9.06
CA ASN D 60 -0.05 -18.30 8.91
C ASN D 60 0.22 -19.77 9.21
N VAL D 61 -0.78 -20.43 9.80
CA VAL D 61 -0.64 -21.86 10.06
C VAL D 61 -0.58 -22.64 8.76
N HIS D 62 -1.08 -22.05 7.66
CA HIS D 62 -1.10 -22.74 6.38
C HIS D 62 0.18 -22.57 5.59
N SER D 63 1.13 -21.76 6.08
CA SER D 63 2.42 -21.65 5.41
C SER D 63 3.29 -22.87 5.65
N ASN D 64 2.91 -23.77 6.55
CA ASN D 64 3.59 -25.06 6.76
C ASN D 64 3.49 -25.90 5.51
N ASN D 65 4.58 -26.52 5.12
CA ASN D 65 4.66 -27.39 3.96
C ASN D 65 4.32 -26.67 2.65
N THR D 66 4.74 -25.41 2.54
CA THR D 66 4.60 -24.67 1.30
C THR D 66 5.73 -24.96 0.32
N VAL D 67 6.50 -26.03 0.57
CA VAL D 67 7.52 -26.47 -0.37
C VAL D 67 6.92 -27.32 -1.49
N ARG D 68 5.69 -27.79 -1.33
CA ARG D 68 5.01 -28.56 -2.38
C ARG D 68 4.76 -27.67 -3.59
N ASP D 69 4.95 -28.23 -4.78
CA ASP D 69 4.86 -27.46 -6.01
C ASP D 69 3.44 -27.32 -6.53
N ARG D 70 2.60 -28.33 -6.37
CA ARG D 70 1.27 -28.36 -6.97
C ARG D 70 0.23 -28.66 -5.91
N THR D 71 -0.57 -27.65 -5.56
CA THR D 71 -1.66 -27.80 -4.61
C THR D 71 -2.89 -27.16 -5.24
N PRO D 72 -4.10 -27.58 -4.82
CA PRO D 72 -5.32 -26.95 -5.37
C PRO D 72 -5.47 -25.48 -5.01
N TYR D 73 -4.77 -25.00 -3.99
CA TYR D 73 -4.94 -23.63 -3.51
C TYR D 73 -4.00 -22.62 -4.16
N ARG D 74 -3.11 -23.07 -5.03
CA ARG D 74 -2.20 -22.15 -5.69
C ARG D 74 -2.93 -21.30 -6.70
N THR D 75 -2.68 -20.00 -6.67
CA THR D 75 -3.27 -19.05 -7.60
C THR D 75 -2.17 -18.12 -8.10
N LEU D 76 -2.40 -17.53 -9.26
CA LEU D 76 -1.46 -16.59 -9.86
C LEU D 76 -1.75 -15.20 -9.32
N LEU D 77 -0.83 -14.65 -8.55
CA LEU D 77 -0.93 -13.30 -8.03
C LEU D 77 -0.38 -12.31 -9.04
N MET D 78 -0.98 -11.13 -9.10
CA MET D 78 -0.62 -10.11 -10.07
C MET D 78 -0.66 -8.76 -9.38
N ASN D 79 0.50 -8.15 -9.20
CA ASN D 79 0.60 -6.80 -8.64
C ASN D 79 1.44 -5.95 -9.58
N GLU D 80 1.39 -4.64 -9.38
CA GLU D 80 2.34 -3.76 -10.04
C GLU D 80 3.74 -4.03 -9.53
N LEU D 81 4.72 -3.91 -10.41
CA LEU D 81 6.10 -4.15 -10.02
C LEU D 81 6.51 -3.18 -8.93
N GLY D 82 6.87 -3.70 -7.77
CA GLY D 82 7.19 -2.88 -6.62
C GLY D 82 6.22 -3.06 -5.48
N VAL D 83 4.94 -3.22 -5.79
CA VAL D 83 3.95 -3.46 -4.75
C VAL D 83 4.10 -4.90 -4.26
N PRO D 84 4.44 -5.10 -2.99
CA PRO D 84 4.54 -6.47 -2.47
C PRO D 84 3.18 -7.15 -2.43
N PHE D 85 3.22 -8.48 -2.46
CA PHE D 85 2.00 -9.29 -2.49
C PHE D 85 1.34 -9.24 -1.11
N HIS D 86 0.65 -8.15 -0.84
CA HIS D 86 -0.10 -7.95 0.39
C HIS D 86 -1.48 -8.58 0.24
N LEU D 87 -2.36 -8.36 1.23
CA LEU D 87 -3.66 -9.01 1.21
C LEU D 87 -4.61 -8.44 0.16
N GLY D 88 -4.36 -7.24 -0.34
CA GLY D 88 -5.15 -6.68 -1.41
C GLY D 88 -4.74 -7.13 -2.79
N THR D 89 -3.77 -8.03 -2.89
CA THR D 89 -3.30 -8.50 -4.19
C THR D 89 -4.37 -9.34 -4.87
N LYS D 90 -4.53 -9.14 -6.18
CA LYS D 90 -5.49 -9.91 -6.96
C LYS D 90 -4.87 -11.20 -7.45
N GLN D 91 -5.53 -12.33 -7.19
CA GLN D 91 -5.18 -13.59 -7.81
C GLN D 91 -6.05 -13.77 -9.04
N VAL D 92 -5.42 -13.82 -10.21
CA VAL D 92 -6.14 -13.75 -11.48
C VAL D 92 -6.65 -15.09 -11.96
N CYS D 93 -6.16 -16.20 -11.40
CA CYS D 93 -6.57 -17.52 -11.84
C CYS D 93 -6.04 -18.55 -10.85
N ILE D 94 -6.56 -19.76 -10.97
CA ILE D 94 -6.04 -20.91 -10.22
C ILE D 94 -4.93 -21.53 -11.07
N ALA D 95 -3.73 -21.61 -10.50
CA ALA D 95 -2.59 -22.09 -11.26
C ALA D 95 -1.46 -22.49 -10.33
N TRP D 96 -0.90 -23.68 -10.53
CA TRP D 96 0.42 -24.01 -10.03
C TRP D 96 1.46 -24.02 -11.15
N SER D 97 1.07 -23.63 -12.36
CA SER D 97 1.99 -23.36 -13.45
C SER D 97 1.36 -22.27 -14.32
N SER D 98 2.16 -21.26 -14.66
CA SER D 98 1.56 -20.05 -15.17
C SER D 98 2.46 -19.40 -16.22
N SER D 99 1.83 -18.54 -17.03
CA SER D 99 2.52 -17.69 -17.98
C SER D 99 1.56 -16.56 -18.35
N SER D 100 2.09 -15.34 -18.44
CA SER D 100 1.25 -14.18 -18.62
C SER D 100 1.72 -13.35 -19.82
N CYS D 101 0.76 -12.82 -20.55
CA CYS D 101 0.97 -12.09 -21.80
C CYS D 101 0.15 -10.81 -21.82
N HIS D 102 0.75 -9.75 -22.36
CA HIS D 102 -0.02 -8.57 -22.76
C HIS D 102 0.26 -8.30 -24.22
N ASP D 103 -0.75 -8.47 -25.07
CA ASP D 103 -0.61 -8.31 -26.50
C ASP D 103 -0.77 -6.86 -26.96
N GLY D 104 -0.77 -5.91 -26.03
CA GLY D 104 -1.00 -4.52 -26.32
C GLY D 104 -2.41 -4.06 -26.10
N LYS D 105 -3.37 -4.98 -26.04
CA LYS D 105 -4.77 -4.64 -25.82
C LYS D 105 -5.28 -5.15 -24.47
N ALA D 106 -4.88 -6.36 -24.08
CA ALA D 106 -5.39 -6.96 -22.86
C ALA D 106 -4.39 -8.01 -22.38
N TRP D 107 -4.55 -8.43 -21.13
CA TRP D 107 -3.69 -9.44 -20.55
C TRP D 107 -4.18 -10.84 -20.91
N LEU D 108 -3.24 -11.70 -21.27
CA LEU D 108 -3.50 -13.13 -21.43
C LEU D 108 -2.82 -13.87 -20.29
N HIS D 109 -3.56 -14.77 -19.65
CA HIS D 109 -3.03 -15.60 -18.58
C HIS D 109 -3.24 -17.06 -18.94
N VAL D 110 -2.15 -17.83 -18.97
CA VAL D 110 -2.20 -19.26 -19.17
C VAL D 110 -1.97 -19.91 -17.82
N CYS D 111 -2.99 -20.61 -17.32
CA CYS D 111 -3.01 -21.10 -15.95
C CYS D 111 -3.28 -22.59 -15.96
N ILE D 112 -2.40 -23.36 -15.32
CA ILE D 112 -2.51 -24.82 -15.26
C ILE D 112 -2.78 -25.23 -13.83
N THR D 113 -3.80 -26.06 -13.64
CA THR D 113 -4.19 -26.52 -12.32
C THR D 113 -4.90 -27.86 -12.48
N GLY D 114 -5.22 -28.48 -11.36
CA GLY D 114 -5.88 -29.76 -11.34
C GLY D 114 -4.95 -30.89 -10.95
N ASP D 115 -5.35 -32.10 -11.33
CA ASP D 115 -4.57 -33.28 -10.99
C ASP D 115 -3.24 -33.29 -11.73
N ASP D 116 -2.24 -33.92 -11.11
CA ASP D 116 -0.92 -34.00 -11.73
C ASP D 116 -0.97 -34.72 -13.06
N LYS D 117 -1.74 -35.80 -13.14
CA LYS D 117 -1.85 -36.59 -14.36
C LYS D 117 -3.05 -36.23 -15.22
N ASN D 118 -3.86 -35.26 -14.79
CA ASN D 118 -4.99 -34.80 -15.59
C ASN D 118 -5.14 -33.28 -15.46
N ALA D 119 -4.03 -32.56 -15.58
CA ALA D 119 -4.03 -31.11 -15.41
C ALA D 119 -4.83 -30.41 -16.50
N THR D 120 -5.38 -29.26 -16.15
CA THR D 120 -6.12 -28.41 -17.08
C THR D 120 -5.40 -27.09 -17.24
N ALA D 121 -5.23 -26.65 -18.48
CA ALA D 121 -4.66 -25.34 -18.79
C ALA D 121 -5.79 -24.41 -19.21
N SER D 122 -6.02 -23.37 -18.42
CA SER D 122 -7.01 -22.36 -18.74
C SER D 122 -6.33 -21.19 -19.43
N PHE D 123 -7.00 -20.62 -20.42
CA PHE D 123 -6.51 -19.48 -21.16
C PHE D 123 -7.46 -18.31 -20.91
N ILE D 124 -6.97 -17.32 -20.17
CA ILE D 124 -7.80 -16.21 -19.71
C ILE D 124 -7.29 -14.94 -20.39
N TYR D 125 -8.14 -14.34 -21.20
CA TYR D 125 -7.81 -13.13 -21.96
C TYR D 125 -8.85 -12.06 -21.66
N ASN D 126 -8.38 -10.86 -21.31
CA ASN D 126 -9.24 -9.74 -20.96
C ASN D 126 -10.21 -10.10 -19.84
N GLY D 127 -9.75 -10.86 -18.86
CA GLY D 127 -10.60 -11.23 -17.74
C GLY D 127 -11.67 -12.23 -18.05
N ARG D 128 -11.51 -13.01 -19.12
CA ARG D 128 -12.48 -14.02 -19.51
C ARG D 128 -11.75 -15.32 -19.83
N LEU D 129 -12.39 -16.44 -19.52
CA LEU D 129 -11.89 -17.74 -19.94
C LEU D 129 -12.31 -17.95 -21.39
N VAL D 130 -11.32 -17.98 -22.29
CA VAL D 130 -11.60 -18.09 -23.70
C VAL D 130 -11.40 -19.52 -24.20
N ASP D 131 -10.42 -20.23 -23.64
CA ASP D 131 -10.09 -21.56 -24.14
C ASP D 131 -9.53 -22.40 -23.01
N SER D 132 -9.46 -23.70 -23.25
CA SER D 132 -8.98 -24.65 -22.25
C SER D 132 -8.46 -25.89 -22.98
N VAL D 133 -7.37 -26.45 -22.46
CA VAL D 133 -6.80 -27.67 -23.02
C VAL D 133 -6.38 -28.57 -21.87
N VAL D 134 -6.57 -29.88 -22.07
CA VAL D 134 -6.21 -30.88 -21.08
C VAL D 134 -4.78 -31.36 -21.36
N SER D 135 -4.16 -31.91 -20.32
CA SER D 135 -2.85 -32.52 -20.47
C SER D 135 -2.91 -33.63 -21.52
N TRP D 136 -1.96 -33.60 -22.46
CA TRP D 136 -1.94 -34.56 -23.54
C TRP D 136 -1.09 -35.79 -23.25
N SER D 137 -0.11 -35.69 -22.36
CA SER D 137 0.71 -36.82 -21.95
C SER D 137 0.32 -37.39 -20.60
N LYS D 138 -0.68 -36.83 -19.93
CA LYS D 138 -1.17 -37.30 -18.63
C LYS D 138 -0.06 -37.33 -17.59
N ASP D 139 0.85 -36.36 -17.66
CA ASP D 139 1.85 -36.12 -16.63
C ASP D 139 1.73 -34.66 -16.22
N ILE D 140 2.68 -34.14 -15.46
CA ILE D 140 2.57 -32.77 -14.97
C ILE D 140 2.66 -31.83 -16.17
N LEU D 141 1.52 -31.26 -16.56
CA LEU D 141 1.48 -30.25 -17.60
C LEU D 141 2.02 -28.95 -17.03
N ARG D 142 3.02 -28.38 -17.69
CA ARG D 142 3.72 -27.22 -17.17
C ARG D 142 3.95 -26.23 -18.30
N THR D 143 4.28 -25.00 -17.93
CA THR D 143 4.49 -23.95 -18.92
C THR D 143 5.71 -23.13 -18.48
N GLN D 144 5.87 -21.95 -19.07
CA GLN D 144 7.14 -21.23 -19.04
C GLN D 144 7.50 -20.71 -17.65
N GLU D 145 6.51 -20.45 -16.80
CA GLU D 145 6.71 -19.78 -15.51
C GLU D 145 7.33 -18.40 -15.69
N SER D 146 7.11 -17.79 -16.85
CA SER D 146 7.59 -16.44 -17.12
C SER D 146 6.64 -15.79 -18.11
N GLU D 147 7.01 -14.63 -18.61
CA GLU D 147 6.18 -13.92 -19.57
C GLU D 147 6.24 -14.63 -20.92
N CYS D 148 5.08 -14.73 -21.57
CA CYS D 148 5.02 -15.18 -22.95
C CYS D 148 5.03 -13.96 -23.87
N VAL D 149 5.19 -14.21 -25.16
CA VAL D 149 5.42 -13.14 -26.14
C VAL D 149 4.28 -13.14 -27.14
N CYS D 150 3.71 -11.96 -27.39
CA CYS D 150 2.70 -11.75 -28.41
C CYS D 150 3.27 -10.85 -29.50
N ILE D 151 3.04 -11.22 -30.75
CA ILE D 151 3.39 -10.40 -31.90
C ILE D 151 2.13 -10.30 -32.75
N ASN D 152 1.65 -9.06 -32.95
CA ASN D 152 0.53 -8.75 -33.88
C ASN D 152 -0.73 -9.44 -33.44
N GLY D 153 -0.92 -9.53 -32.15
CA GLY D 153 -2.11 -10.14 -31.61
C GLY D 153 -2.01 -11.64 -31.41
N THR D 154 -0.92 -12.26 -31.87
CA THR D 154 -0.73 -13.69 -31.73
C THR D 154 0.30 -13.94 -30.62
N CYS D 155 -0.14 -14.51 -29.52
CA CYS D 155 0.73 -14.87 -28.42
C CYS D 155 1.16 -16.33 -28.57
N THR D 156 2.40 -16.60 -28.20
CA THR D 156 2.95 -17.95 -28.26
C THR D 156 3.38 -18.37 -26.87
N VAL D 157 3.03 -19.59 -26.49
CA VAL D 157 3.38 -20.13 -25.18
C VAL D 157 3.94 -21.54 -25.38
N VAL D 158 4.95 -21.89 -24.60
CA VAL D 158 5.58 -23.21 -24.66
C VAL D 158 5.06 -24.02 -23.50
N MET D 159 4.47 -25.18 -23.80
CA MET D 159 3.91 -26.06 -22.79
C MET D 159 4.54 -27.44 -22.93
N THR D 160 4.87 -28.05 -21.80
CA THR D 160 5.49 -29.36 -21.78
C THR D 160 4.63 -30.32 -20.98
N ASP D 161 4.53 -31.56 -21.46
CA ASP D 161 3.79 -32.61 -20.77
C ASP D 161 4.61 -33.89 -20.88
N GLY D 162 4.98 -34.45 -19.73
CA GLY D 162 5.79 -35.64 -19.72
C GLY D 162 6.65 -35.78 -18.48
N SER D 163 7.79 -36.44 -18.60
CA SER D 163 8.67 -36.71 -17.48
C SER D 163 9.79 -35.69 -17.42
N ALA D 164 10.26 -35.44 -16.20
CA ALA D 164 11.39 -34.54 -15.97
C ALA D 164 12.73 -35.23 -16.19
N SER D 165 12.75 -36.56 -16.24
CA SER D 165 13.99 -37.31 -16.38
C SER D 165 14.08 -38.06 -17.71
N GLY D 166 13.20 -37.77 -18.65
CA GLY D 166 13.20 -38.44 -19.92
C GLY D 166 12.56 -37.61 -21.00
N LYS D 167 12.17 -38.28 -22.08
CA LYS D 167 11.52 -37.59 -23.18
C LYS D 167 10.14 -37.11 -22.78
N ALA D 168 9.83 -35.85 -23.09
CA ALA D 168 8.55 -35.24 -22.79
C ALA D 168 7.98 -34.61 -24.05
N ASP D 169 6.67 -34.44 -24.06
CA ASP D 169 5.95 -33.90 -25.21
C ASP D 169 5.80 -32.39 -25.05
N THR D 170 6.69 -31.64 -25.70
CA THR D 170 6.66 -30.19 -25.66
C THR D 170 5.89 -29.66 -26.85
N LYS D 171 4.94 -28.77 -26.60
CA LYS D 171 4.12 -28.16 -27.63
C LYS D 171 4.23 -26.65 -27.55
N ILE D 172 4.14 -26.01 -28.71
CA ILE D 172 4.10 -24.55 -28.81
C ILE D 172 2.70 -24.17 -29.23
N LEU D 173 2.03 -23.36 -28.42
CA LEU D 173 0.65 -22.98 -28.64
C LEU D 173 0.59 -21.54 -29.12
N PHE D 174 -0.09 -21.33 -30.24
CA PHE D 174 -0.31 -19.99 -30.78
C PHE D 174 -1.71 -19.54 -30.37
N ILE D 175 -1.78 -18.46 -29.61
CA ILE D 175 -3.02 -18.00 -29.01
C ILE D 175 -3.34 -16.60 -29.53
N GLU D 176 -4.56 -16.43 -30.00
CA GLU D 176 -5.06 -15.12 -30.44
C GLU D 176 -6.28 -14.77 -29.61
N GLU D 177 -6.13 -13.76 -28.76
CA GLU D 177 -7.22 -13.28 -27.89
C GLU D 177 -7.78 -14.39 -27.02
N GLY D 178 -6.89 -15.24 -26.49
CA GLY D 178 -7.27 -16.31 -25.59
C GLY D 178 -7.59 -17.62 -26.28
N LYS D 179 -7.82 -17.58 -27.59
CA LYS D 179 -8.22 -18.77 -28.35
C LYS D 179 -7.00 -19.42 -28.97
N ILE D 180 -6.87 -20.73 -28.78
CA ILE D 180 -5.77 -21.49 -29.38
C ILE D 180 -6.09 -21.67 -30.87
N VAL D 181 -5.33 -21.00 -31.72
CA VAL D 181 -5.57 -21.10 -33.15
C VAL D 181 -4.67 -22.14 -33.81
N HIS D 182 -3.53 -22.47 -33.20
CA HIS D 182 -2.65 -23.49 -33.72
C HIS D 182 -1.84 -24.09 -32.59
N THR D 183 -1.53 -25.38 -32.73
CA THR D 183 -0.70 -26.08 -31.77
C THR D 183 0.38 -26.82 -32.55
N SER D 184 1.64 -26.51 -32.28
CA SER D 184 2.76 -27.09 -33.00
C SER D 184 3.59 -27.93 -32.04
N THR D 185 3.83 -29.18 -32.39
CA THR D 185 4.74 -30.03 -31.66
C THR D 185 6.18 -29.53 -31.85
N LEU D 186 6.95 -29.56 -30.76
CA LEU D 186 8.31 -29.07 -30.79
C LEU D 186 9.13 -29.81 -31.83
N SER D 187 9.86 -29.06 -32.65
CA SER D 187 10.68 -29.61 -33.72
C SER D 187 12.10 -29.09 -33.59
N GLY D 188 13.08 -29.94 -33.89
CA GLY D 188 14.47 -29.53 -33.83
C GLY D 188 15.34 -30.48 -33.04
N SER D 189 16.53 -30.01 -32.64
CA SER D 189 17.50 -30.87 -31.97
C SER D 189 17.42 -30.80 -30.45
N ALA D 190 16.65 -29.86 -29.89
CA ALA D 190 16.50 -29.80 -28.45
C ALA D 190 15.70 -31.01 -27.96
N GLN D 191 16.28 -31.74 -27.01
CA GLN D 191 15.74 -33.03 -26.59
C GLN D 191 14.78 -32.91 -25.40
N HIS D 192 15.08 -32.02 -24.45
CA HIS D 192 14.20 -31.75 -23.32
C HIS D 192 14.07 -30.24 -23.18
N VAL D 193 12.83 -29.74 -23.19
CA VAL D 193 12.56 -28.32 -23.18
C VAL D 193 11.58 -28.02 -22.05
N GLU D 194 11.94 -27.09 -21.18
CA GLU D 194 11.16 -26.80 -19.98
C GLU D 194 11.39 -25.36 -19.56
N GLU D 195 10.32 -24.72 -19.08
CA GLU D 195 10.37 -23.41 -18.44
C GLU D 195 11.14 -22.39 -19.28
N CYS D 196 10.63 -22.18 -20.48
CA CYS D 196 11.30 -21.32 -21.45
C CYS D 196 11.20 -19.86 -21.07
N SER D 197 12.33 -19.16 -21.14
CA SER D 197 12.36 -17.70 -21.05
C SER D 197 12.33 -17.16 -22.47
N CYS D 198 11.18 -16.65 -22.88
CA CYS D 198 10.96 -16.21 -24.26
C CYS D 198 11.01 -14.70 -24.34
N TYR D 199 11.62 -14.20 -25.40
CA TYR D 199 11.65 -12.77 -25.67
C TYR D 199 11.37 -12.54 -27.15
N PRO D 200 10.78 -11.40 -27.50
CA PRO D 200 10.52 -11.12 -28.92
C PRO D 200 11.76 -10.79 -29.71
N ARG D 201 12.14 -11.68 -30.63
CA ARG D 201 13.17 -11.39 -31.61
C ARG D 201 12.51 -11.28 -32.98
N TYR D 202 12.05 -10.08 -33.28
CA TYR D 202 11.20 -9.85 -34.44
C TYR D 202 11.93 -10.27 -35.71
N PRO D 203 11.24 -10.93 -36.66
CA PRO D 203 9.80 -11.19 -36.72
C PRO D 203 9.33 -12.40 -35.91
N GLY D 204 10.20 -13.08 -35.18
CA GLY D 204 9.78 -14.26 -34.45
C GLY D 204 9.91 -14.15 -32.95
N VAL D 205 9.90 -15.29 -32.27
CA VAL D 205 10.07 -15.38 -30.83
C VAL D 205 11.17 -16.39 -30.54
N ARG D 206 12.09 -16.01 -29.67
CA ARG D 206 13.18 -16.89 -29.26
C ARG D 206 13.04 -17.22 -27.78
N CYS D 207 13.12 -18.52 -27.48
CA CYS D 207 12.95 -19.00 -26.11
C CYS D 207 14.19 -19.75 -25.68
N VAL D 208 14.74 -19.37 -24.53
CA VAL D 208 15.83 -20.09 -23.89
C VAL D 208 15.25 -20.83 -22.70
N CYS D 209 15.35 -22.15 -22.73
CA CYS D 209 14.67 -23.03 -21.79
C CYS D 209 15.70 -23.76 -20.94
N ARG D 210 15.23 -24.68 -20.11
CA ARG D 210 16.10 -25.55 -19.33
C ARG D 210 15.94 -26.98 -19.80
N ASP D 211 17.04 -27.70 -19.85
CA ASP D 211 17.05 -29.14 -20.10
C ASP D 211 17.19 -29.84 -18.75
N ASN D 212 16.12 -30.52 -18.32
CA ASN D 212 16.11 -31.21 -17.05
C ASN D 212 16.52 -32.66 -17.18
N TRP D 213 16.95 -33.09 -18.36
CA TRP D 213 17.17 -34.51 -18.64
C TRP D 213 18.65 -34.84 -18.87
N LYS D 214 19.31 -34.20 -19.83
CA LYS D 214 20.63 -34.66 -20.23
C LYS D 214 21.61 -33.55 -20.58
N GLY D 215 21.35 -32.31 -20.19
CA GLY D 215 22.22 -31.21 -20.58
C GLY D 215 22.21 -30.08 -19.58
N SER D 216 23.39 -29.51 -19.36
CA SER D 216 23.55 -28.27 -18.61
C SER D 216 23.62 -27.05 -19.53
N ASN D 217 23.67 -27.26 -20.84
CA ASN D 217 23.51 -26.16 -21.77
C ASN D 217 22.03 -25.91 -22.01
N ARG D 218 21.69 -24.63 -22.18
CA ARG D 218 20.27 -24.33 -22.25
C ARG D 218 19.75 -24.52 -23.67
N PRO D 219 18.63 -25.23 -23.83
CA PRO D 219 18.03 -25.38 -25.15
C PRO D 219 17.45 -24.06 -25.66
N ILE D 220 17.41 -23.94 -26.98
CA ILE D 220 16.82 -22.78 -27.65
C ILE D 220 15.65 -23.25 -28.48
N VAL D 221 14.56 -22.49 -28.44
CA VAL D 221 13.41 -22.71 -29.31
C VAL D 221 13.21 -21.44 -30.11
N ASP D 222 13.25 -21.56 -31.44
CA ASP D 222 13.03 -20.44 -32.33
C ASP D 222 11.65 -20.58 -32.97
N ILE D 223 10.78 -19.61 -32.72
CA ILE D 223 9.39 -19.65 -33.17
C ILE D 223 9.18 -18.55 -34.19
N ASN D 224 8.74 -18.93 -35.38
CA ASN D 224 8.38 -17.97 -36.42
C ASN D 224 6.89 -17.66 -36.30
N ILE D 225 6.57 -16.40 -36.02
CA ILE D 225 5.17 -16.03 -35.83
C ILE D 225 4.40 -16.08 -37.14
N LYS D 226 5.02 -15.62 -38.23
CA LYS D 226 4.33 -15.59 -39.52
C LYS D 226 4.02 -17.00 -40.02
N ASP D 227 4.97 -17.92 -39.88
CA ASP D 227 4.85 -19.25 -40.48
C ASP D 227 4.50 -20.35 -39.49
N HIS D 228 4.50 -20.05 -38.19
CA HIS D 228 4.32 -21.05 -37.14
C HIS D 228 5.35 -22.17 -37.27
N SER D 229 6.59 -21.80 -37.55
CA SER D 229 7.68 -22.74 -37.67
C SER D 229 8.47 -22.81 -36.36
N ILE D 230 8.90 -24.01 -36.01
CA ILE D 230 9.62 -24.25 -34.76
C ILE D 230 11.00 -24.82 -35.09
N VAL D 231 12.04 -24.22 -34.51
CA VAL D 231 13.41 -24.66 -34.68
C VAL D 231 14.05 -24.74 -33.31
N SER D 232 14.77 -25.83 -33.04
CA SER D 232 15.33 -26.09 -31.72
C SER D 232 16.82 -26.30 -31.81
N SER D 233 17.55 -25.71 -30.86
CA SER D 233 18.99 -25.91 -30.74
C SER D 233 19.41 -25.73 -29.28
N TYR D 234 20.70 -25.54 -29.04
CA TYR D 234 21.21 -25.29 -27.70
C TYR D 234 22.07 -24.05 -27.71
N VAL D 235 22.11 -23.37 -26.56
CA VAL D 235 23.01 -22.23 -26.41
C VAL D 235 24.45 -22.72 -26.53
N CYS D 236 25.17 -22.19 -27.52
CA CYS D 236 26.45 -22.77 -27.88
C CYS D 236 27.54 -22.44 -26.88
N SER D 237 27.36 -21.39 -26.08
CA SER D 237 28.39 -20.89 -25.18
C SER D 237 28.95 -21.98 -24.27
N GLY D 238 30.28 -22.08 -24.23
CA GLY D 238 30.92 -23.07 -23.39
C GLY D 238 30.73 -22.84 -21.91
N LEU D 239 30.38 -21.62 -21.52
CA LEU D 239 30.01 -21.32 -20.14
C LEU D 239 28.52 -21.59 -19.99
N VAL D 240 28.19 -22.81 -19.58
CA VAL D 240 26.79 -23.22 -19.53
C VAL D 240 26.05 -22.49 -18.42
N GLY D 241 24.75 -22.29 -18.64
CA GLY D 241 23.96 -21.46 -17.75
C GLY D 241 23.06 -22.19 -16.77
N ASP D 242 22.96 -23.50 -16.89
CA ASP D 242 22.06 -24.28 -16.04
C ASP D 242 22.74 -24.62 -14.72
N THR D 243 21.90 -25.00 -13.74
CA THR D 243 22.36 -25.50 -12.45
C THR D 243 21.58 -26.78 -12.17
N PRO D 244 22.25 -27.92 -11.95
CA PRO D 244 23.69 -28.15 -11.82
C PRO D 244 24.46 -28.02 -13.12
N ARG D 245 25.78 -27.88 -13.00
CA ARG D 245 26.67 -27.83 -14.16
C ARG D 245 28.08 -28.14 -13.67
N LYS D 246 29.00 -28.19 -14.62
CA LYS D 246 30.41 -28.35 -14.29
C LYS D 246 31.04 -26.98 -14.08
N ASN D 247 32.27 -27.02 -13.57
CA ASN D 247 33.02 -25.76 -13.32
C ASN D 247 33.36 -25.10 -14.64
N ASP D 248 33.77 -23.85 -14.57
CA ASP D 248 34.08 -23.12 -15.80
C ASP D 248 35.22 -23.75 -16.58
N SER D 249 36.09 -24.52 -15.92
CA SER D 249 37.18 -25.19 -16.62
C SER D 249 36.69 -26.39 -17.42
N SER D 250 35.73 -27.14 -16.88
CA SER D 250 35.31 -28.40 -17.48
C SER D 250 33.97 -28.31 -18.22
N SER D 251 33.29 -27.17 -18.18
CA SER D 251 32.01 -27.06 -18.85
C SER D 251 32.20 -27.04 -20.37
N SER D 252 31.22 -27.61 -21.07
CA SER D 252 31.25 -27.64 -22.53
C SER D 252 29.83 -27.59 -23.05
N SER D 253 29.71 -27.30 -24.33
CA SER D 253 28.41 -27.23 -24.99
C SER D 253 28.57 -27.71 -26.42
N HIS D 254 27.47 -28.20 -27.00
CA HIS D 254 27.51 -28.76 -28.34
C HIS D 254 26.83 -27.87 -29.36
N CYS D 255 25.95 -26.97 -28.88
CA CYS D 255 25.29 -25.98 -29.72
C CYS D 255 24.22 -26.64 -30.59
N LEU D 256 24.17 -27.97 -30.58
CA LEU D 256 23.09 -28.73 -31.22
C LEU D 256 22.51 -29.80 -30.31
N ASP D 257 23.29 -30.31 -29.36
CA ASP D 257 22.86 -31.40 -28.50
C ASP D 257 23.10 -31.02 -27.04
N PRO D 258 22.45 -31.69 -26.09
CA PRO D 258 22.84 -31.53 -24.70
C PRO D 258 24.27 -32.03 -24.48
N ASN D 259 24.96 -31.39 -23.54
CA ASN D 259 26.37 -31.66 -23.31
C ASN D 259 26.62 -32.89 -22.45
N ASN D 260 25.58 -33.49 -21.88
CA ASN D 260 25.71 -34.67 -21.01
C ASN D 260 26.65 -34.39 -19.85
N GLU D 261 26.50 -33.20 -19.25
CA GLU D 261 27.34 -32.78 -18.13
C GLU D 261 26.45 -32.29 -17.01
N GLU D 262 26.21 -33.16 -16.01
CA GLU D 262 25.37 -32.85 -14.87
C GLU D 262 24.01 -32.32 -15.31
N GLY D 263 23.43 -32.92 -16.35
CA GLY D 263 22.21 -32.39 -16.92
C GLY D 263 20.93 -33.01 -16.42
N GLY D 264 21.02 -33.81 -15.35
CA GLY D 264 19.86 -34.49 -14.82
C GLY D 264 18.87 -33.62 -14.08
N HIS D 265 19.27 -32.42 -13.71
CA HIS D 265 18.38 -31.46 -13.05
C HIS D 265 18.49 -30.14 -13.78
N GLY D 266 17.92 -29.08 -13.22
CA GLY D 266 18.05 -27.78 -13.87
C GLY D 266 17.39 -26.70 -13.04
N VAL D 267 17.58 -25.47 -13.49
CA VAL D 267 16.90 -24.31 -12.95
C VAL D 267 16.43 -23.47 -14.12
N LYS D 268 15.34 -22.74 -13.92
CA LYS D 268 14.86 -21.82 -14.94
C LYS D 268 15.83 -20.66 -15.08
N GLY D 269 16.26 -20.38 -16.31
CA GLY D 269 17.20 -19.31 -16.57
C GLY D 269 16.88 -18.60 -17.86
N TRP D 270 17.79 -17.73 -18.31
CA TRP D 270 17.55 -16.92 -19.48
C TRP D 270 18.86 -16.66 -20.21
N ALA D 271 18.74 -16.27 -21.47
CA ALA D 271 19.86 -15.86 -22.32
C ALA D 271 19.29 -15.18 -23.54
N PHE D 272 20.02 -14.19 -24.05
CA PHE D 272 19.66 -13.56 -25.31
C PHE D 272 20.94 -13.21 -26.06
N ASP D 273 20.85 -13.19 -27.38
CA ASP D 273 22.00 -12.99 -28.24
C ASP D 273 22.20 -11.51 -28.53
N ASP D 274 23.46 -11.11 -28.65
CA ASP D 274 23.85 -9.77 -29.08
C ASP D 274 24.85 -9.96 -30.23
N GLY D 275 24.33 -10.08 -31.44
CA GLY D 275 25.16 -10.50 -32.54
C GLY D 275 25.58 -11.94 -32.33
N ASN D 276 26.89 -12.20 -32.40
CA ASN D 276 27.41 -13.52 -32.10
C ASN D 276 27.60 -13.77 -30.62
N ASP D 277 27.53 -12.73 -29.79
CA ASP D 277 27.69 -12.87 -28.36
C ASP D 277 26.37 -13.22 -27.70
N VAL D 278 26.45 -13.73 -26.48
CA VAL D 278 25.27 -14.10 -25.70
C VAL D 278 25.36 -13.40 -24.34
N TRP D 279 24.26 -12.78 -23.95
CA TRP D 279 24.10 -12.29 -22.58
C TRP D 279 23.30 -13.33 -21.80
N MET D 280 23.87 -13.81 -20.71
CA MET D 280 23.26 -14.90 -19.96
C MET D 280 23.38 -14.64 -18.47
N GLY D 281 22.47 -15.22 -17.72
CA GLY D 281 22.52 -15.19 -16.28
C GLY D 281 22.44 -16.59 -15.72
N ARG D 282 23.13 -16.80 -14.61
CA ARG D 282 23.17 -18.12 -13.97
C ARG D 282 23.55 -17.95 -12.51
N THR D 283 23.33 -19.02 -11.75
CA THR D 283 23.78 -19.06 -10.38
C THR D 283 25.31 -19.13 -10.32
N ILE D 284 25.89 -18.44 -9.35
CA ILE D 284 27.33 -18.48 -9.18
C ILE D 284 27.77 -19.88 -8.76
N ASN D 285 27.03 -20.48 -7.86
CA ASN D 285 27.32 -21.87 -7.44
C ASN D 285 26.97 -22.84 -8.56
N GLU D 286 27.85 -23.80 -8.81
CA GLU D 286 27.64 -24.76 -9.88
C GLU D 286 26.57 -25.79 -9.54
N THR D 287 26.49 -26.23 -8.28
CA THR D 287 25.59 -27.30 -7.89
C THR D 287 24.33 -26.81 -7.18
N SER D 288 24.39 -25.66 -6.51
CA SER D 288 23.25 -25.14 -5.78
C SER D 288 22.78 -23.81 -6.37
N ARG D 289 21.56 -23.43 -6.01
CA ARG D 289 20.98 -22.15 -6.44
C ARG D 289 21.39 -21.07 -5.44
N LEU D 290 22.69 -20.84 -5.37
CA LEU D 290 23.29 -19.84 -4.50
C LEU D 290 24.01 -18.81 -5.35
N GLY D 291 23.72 -17.54 -5.11
CA GLY D 291 24.33 -16.47 -5.87
C GLY D 291 23.77 -16.36 -7.28
N TYR D 292 23.99 -15.19 -7.86
CA TYR D 292 23.58 -14.96 -9.25
C TYR D 292 24.55 -14.02 -9.92
N GLU D 293 24.96 -14.37 -11.13
CA GLU D 293 25.86 -13.55 -11.92
C GLU D 293 25.30 -13.43 -13.34
N THR D 294 25.59 -12.29 -13.96
CA THR D 294 25.30 -12.07 -15.36
C THR D 294 26.58 -11.62 -16.05
N PHE D 295 26.78 -12.10 -17.27
CA PHE D 295 27.97 -11.73 -18.02
C PHE D 295 27.64 -11.86 -19.50
N LYS D 296 28.62 -11.52 -20.34
CA LYS D 296 28.52 -11.67 -21.78
C LYS D 296 29.63 -12.60 -22.24
N VAL D 297 29.28 -13.59 -23.05
CA VAL D 297 30.26 -14.51 -23.62
C VAL D 297 30.54 -14.08 -25.05
N ILE D 298 31.81 -13.80 -25.34
CA ILE D 298 32.21 -13.33 -26.66
C ILE D 298 32.09 -14.48 -27.66
N GLU D 299 31.35 -14.25 -28.74
CA GLU D 299 31.04 -15.28 -29.73
C GLU D 299 30.36 -16.49 -29.06
N GLY D 300 29.59 -16.23 -28.02
CA GLY D 300 28.95 -17.30 -27.27
C GLY D 300 27.66 -17.81 -27.86
N TRP D 301 27.07 -17.11 -28.82
CA TRP D 301 25.87 -17.58 -29.47
C TRP D 301 26.15 -18.43 -30.70
N SER D 302 27.41 -18.49 -31.15
CA SER D 302 27.75 -19.24 -32.35
C SER D 302 28.88 -20.24 -32.17
N ASN D 303 29.82 -19.99 -31.26
CA ASN D 303 30.98 -20.85 -31.09
C ASN D 303 30.78 -21.76 -29.89
N PRO D 304 30.70 -23.07 -30.06
CA PRO D 304 30.54 -23.99 -28.93
C PRO D 304 31.76 -24.09 -28.03
N LYS D 305 32.92 -23.57 -28.46
CA LYS D 305 34.13 -23.65 -27.68
C LYS D 305 34.50 -22.35 -26.99
N SER D 306 33.76 -21.27 -27.22
CA SER D 306 34.13 -19.97 -26.66
C SER D 306 33.84 -19.94 -25.16
N LYS D 307 34.84 -19.55 -24.39
CA LYS D 307 34.69 -19.36 -22.95
C LYS D 307 35.17 -17.97 -22.55
N LEU D 308 35.19 -17.04 -23.50
CA LEU D 308 35.66 -15.69 -23.27
C LEU D 308 34.55 -14.89 -22.61
N GLN D 309 34.73 -14.57 -21.34
CA GLN D 309 33.73 -13.85 -20.55
C GLN D 309 34.08 -12.37 -20.52
N THR D 310 33.06 -11.53 -20.40
CA THR D 310 33.26 -10.10 -20.21
C THR D 310 31.98 -9.52 -19.61
N ASN D 311 32.12 -8.30 -19.07
CA ASN D 311 30.98 -7.55 -18.54
C ASN D 311 30.24 -8.33 -17.46
N ARG D 312 30.99 -8.98 -16.57
CA ARG D 312 30.38 -9.77 -15.52
C ARG D 312 29.81 -8.86 -14.43
N GLN D 313 28.59 -9.16 -14.02
CA GLN D 313 27.95 -8.48 -12.91
C GLN D 313 27.50 -9.51 -11.88
N VAL D 314 27.72 -9.19 -10.61
CA VAL D 314 27.20 -10.01 -9.53
C VAL D 314 25.85 -9.45 -9.11
N ILE D 315 24.80 -10.23 -9.28
CA ILE D 315 23.47 -9.78 -8.90
C ILE D 315 23.17 -10.17 -7.46
N VAL D 316 23.44 -11.43 -7.12
CA VAL D 316 23.26 -11.94 -5.77
C VAL D 316 24.58 -12.56 -5.34
N ASP D 317 24.98 -12.28 -4.10
CA ASP D 317 26.27 -12.73 -3.60
C ASP D 317 26.32 -14.26 -3.54
N ARG D 318 27.54 -14.78 -3.68
CA ARG D 318 27.80 -16.21 -3.77
C ARG D 318 27.19 -16.99 -2.61
N GLY D 319 27.16 -16.44 -1.40
CA GLY D 319 26.62 -17.14 -0.26
C GLY D 319 25.13 -16.97 -0.07
N ASP D 320 24.51 -16.13 -0.90
CA ASP D 320 23.08 -15.86 -0.77
C ASP D 320 22.28 -16.70 -1.76
N ARG D 321 21.00 -16.89 -1.45
CA ARG D 321 20.15 -17.83 -2.18
C ARG D 321 19.49 -17.16 -3.37
N SER D 322 19.71 -17.71 -4.55
CA SER D 322 19.02 -17.34 -5.77
C SER D 322 17.89 -18.34 -6.03
N GLY D 323 17.29 -18.28 -7.21
CA GLY D 323 16.25 -19.22 -7.58
C GLY D 323 16.00 -19.19 -9.07
N TYR D 324 14.73 -19.24 -9.47
CA TYR D 324 14.39 -19.09 -10.88
C TYR D 324 14.79 -17.70 -11.36
N SER D 325 15.19 -17.62 -12.62
CA SER D 325 15.45 -16.35 -13.26
C SER D 325 14.84 -16.39 -14.65
N GLY D 326 14.41 -15.24 -15.13
CA GLY D 326 13.79 -15.18 -16.44
C GLY D 326 13.92 -13.81 -17.03
N ILE D 327 13.60 -13.71 -18.32
CA ILE D 327 13.78 -12.51 -19.10
C ILE D 327 12.41 -11.88 -19.36
N PHE D 328 12.39 -10.57 -19.48
CA PHE D 328 11.23 -9.87 -20.00
C PHE D 328 11.71 -8.64 -20.76
N SER D 329 10.97 -8.28 -21.80
CA SER D 329 11.36 -7.22 -22.72
C SER D 329 10.47 -6.01 -22.54
N VAL D 330 11.07 -4.83 -22.61
CA VAL D 330 10.38 -3.56 -22.45
C VAL D 330 10.63 -2.72 -23.70
N GLU D 331 9.56 -2.25 -24.33
CA GLU D 331 9.72 -1.37 -25.47
C GLU D 331 10.13 0.02 -25.02
N GLY D 332 11.27 0.48 -25.52
CA GLY D 332 11.74 1.82 -25.26
C GLY D 332 11.26 2.80 -26.32
N LYS D 333 11.98 3.90 -26.45
CA LYS D 333 11.65 4.88 -27.47
C LYS D 333 12.11 4.45 -28.86
N SER D 334 13.28 3.82 -28.95
CA SER D 334 13.84 3.44 -30.23
C SER D 334 14.23 1.97 -30.35
N CYS D 335 14.30 1.23 -29.25
CA CYS D 335 14.68 -0.18 -29.33
C CYS D 335 13.90 -0.98 -28.31
N ILE D 336 14.17 -2.28 -28.27
CA ILE D 336 13.60 -3.19 -27.29
C ILE D 336 14.67 -3.48 -26.25
N ASN D 337 14.36 -3.19 -24.99
CA ASN D 337 15.29 -3.43 -23.89
C ASN D 337 15.01 -4.80 -23.27
N ARG D 338 16.08 -5.48 -22.88
CA ARG D 338 16.01 -6.77 -22.22
C ARG D 338 16.23 -6.58 -20.73
N CYS D 339 15.32 -7.11 -19.93
CA CYS D 339 15.42 -7.08 -18.47
C CYS D 339 15.26 -8.49 -17.93
N PHE D 340 15.77 -8.71 -16.72
CA PHE D 340 15.65 -10.01 -16.10
C PHE D 340 15.33 -9.85 -14.62
N TYR D 341 14.68 -10.87 -14.09
CA TYR D 341 14.35 -10.98 -12.68
C TYR D 341 15.06 -12.20 -12.11
N VAL D 342 15.34 -12.16 -10.80
CA VAL D 342 15.90 -13.30 -10.08
C VAL D 342 15.03 -13.57 -8.87
N GLU D 343 14.58 -14.81 -8.75
CA GLU D 343 13.80 -15.27 -7.60
C GLU D 343 14.78 -15.57 -6.47
N LEU D 344 14.46 -15.10 -5.26
CA LEU D 344 15.31 -15.31 -4.09
C LEU D 344 14.59 -16.24 -3.14
N ILE D 345 14.80 -17.55 -3.34
CA ILE D 345 14.09 -18.56 -2.58
C ILE D 345 14.62 -18.60 -1.16
N ARG D 346 13.72 -18.56 -0.18
CA ARG D 346 14.04 -18.73 1.21
C ARG D 346 13.11 -19.77 1.81
N GLY D 347 13.62 -20.54 2.75
CA GLY D 347 12.81 -21.46 3.50
C GLY D 347 13.22 -22.91 3.34
N ARG D 348 12.21 -23.74 3.38
CA ARG D 348 12.39 -25.19 3.56
C ARG D 348 13.01 -26.04 2.47
N LYS D 349 13.65 -27.12 3.00
CA LYS D 349 14.45 -28.07 2.23
C LYS D 349 15.86 -27.55 1.99
N GLU D 350 16.11 -26.29 2.35
CA GLU D 350 17.46 -25.74 2.42
C GLU D 350 17.73 -25.01 3.72
N GLU D 351 16.74 -24.27 4.23
CA GLU D 351 16.83 -23.56 5.49
C GLU D 351 15.74 -24.12 6.39
N THR D 352 16.14 -24.94 7.35
CA THR D 352 15.21 -25.66 8.21
C THR D 352 14.77 -24.85 9.43
N GLU D 353 15.24 -23.61 9.55
CA GLU D 353 14.81 -22.75 10.65
C GLU D 353 13.35 -22.38 10.58
N VAL D 354 12.74 -22.43 9.39
CA VAL D 354 11.34 -22.09 9.20
C VAL D 354 10.63 -23.26 8.55
N LEU D 355 9.32 -23.29 8.68
CA LEU D 355 8.49 -24.35 8.13
C LEU D 355 7.96 -24.03 6.74
N TRP D 356 8.20 -22.82 6.24
CA TRP D 356 7.61 -22.35 5.01
C TRP D 356 8.68 -22.22 3.94
N THR D 357 8.23 -22.21 2.69
CA THR D 357 9.07 -21.87 1.54
C THR D 357 8.43 -20.69 0.82
N SER D 358 9.20 -19.63 0.60
CA SER D 358 8.72 -18.46 -0.10
C SER D 358 9.90 -17.83 -0.83
N ASN D 359 9.68 -16.66 -1.42
CA ASN D 359 10.69 -16.02 -2.24
C ASN D 359 10.53 -14.51 -2.21
N SER D 360 11.62 -13.83 -2.55
CA SER D 360 11.63 -12.43 -2.91
C SER D 360 12.08 -12.32 -4.36
N ILE D 361 12.02 -11.11 -4.91
CA ILE D 361 12.41 -10.89 -6.31
C ILE D 361 13.26 -9.63 -6.40
N VAL D 362 14.27 -9.69 -7.26
CA VAL D 362 15.07 -8.53 -7.62
C VAL D 362 15.08 -8.45 -9.14
N VAL D 363 14.90 -7.25 -9.67
CA VAL D 363 14.73 -7.02 -11.10
C VAL D 363 15.84 -6.11 -11.59
N PHE D 364 16.48 -6.49 -12.70
CA PHE D 364 17.49 -5.69 -13.36
C PHE D 364 17.09 -5.48 -14.81
N CYS D 365 17.46 -4.32 -15.35
CA CYS D 365 17.14 -3.97 -16.73
C CYS D 365 18.40 -3.62 -17.49
N GLY D 366 18.41 -3.98 -18.77
CA GLY D 366 19.53 -3.68 -19.61
C GLY D 366 19.75 -2.19 -19.74
N THR D 367 21.01 -1.81 -19.90
CA THR D 367 21.39 -0.40 -19.97
C THR D 367 22.51 -0.24 -20.98
N SER D 368 22.46 0.86 -21.72
CA SER D 368 23.55 1.28 -22.58
C SER D 368 24.55 2.18 -21.87
N GLY D 369 24.24 2.61 -20.65
CA GLY D 369 25.11 3.47 -19.87
C GLY D 369 26.07 2.69 -19.01
N THR D 370 26.60 3.36 -18.00
CA THR D 370 27.54 2.77 -17.07
C THR D 370 26.83 2.34 -15.80
N TYR D 371 27.52 1.48 -15.03
CA TYR D 371 26.96 0.92 -13.82
C TYR D 371 28.11 0.47 -12.92
N GLY D 372 27.80 0.30 -11.64
CA GLY D 372 28.80 -0.14 -10.69
C GLY D 372 28.62 -1.60 -10.27
N THR D 373 29.04 -1.91 -9.05
CA THR D 373 28.88 -3.24 -8.49
C THR D 373 27.96 -3.18 -7.28
N GLY D 374 27.63 -4.35 -6.76
CA GLY D 374 26.77 -4.44 -5.60
C GLY D 374 26.21 -5.84 -5.46
N SER D 375 25.34 -6.00 -4.47
CA SER D 375 24.67 -7.28 -4.25
C SER D 375 23.35 -6.99 -3.56
N TRP D 376 22.28 -7.62 -4.04
CA TRP D 376 20.92 -7.34 -3.58
C TRP D 376 20.25 -8.66 -3.22
N PRO D 377 20.61 -9.25 -2.09
CA PRO D 377 19.99 -10.53 -1.69
C PRO D 377 18.64 -10.33 -1.03
N ASP D 378 18.00 -11.44 -0.65
CA ASP D 378 16.72 -11.35 0.04
C ASP D 378 16.84 -10.56 1.34
N GLY D 379 17.81 -10.91 2.18
CA GLY D 379 18.13 -10.12 3.34
C GLY D 379 17.29 -10.37 4.58
N ALA D 380 16.37 -11.33 4.54
CA ALA D 380 15.60 -11.67 5.72
C ALA D 380 16.41 -12.57 6.65
N ASP D 381 16.28 -12.31 7.95
CA ASP D 381 16.90 -13.14 8.98
C ASP D 381 15.87 -14.17 9.43
N LEU D 382 16.04 -15.41 8.96
CA LEU D 382 15.07 -16.45 9.27
C LEU D 382 15.18 -16.98 10.69
N ASN D 383 16.29 -16.74 11.38
CA ASN D 383 16.39 -17.16 12.77
C ASN D 383 15.43 -16.39 13.67
N LEU D 384 15.14 -15.13 13.34
CA LEU D 384 14.20 -14.32 14.11
C LEU D 384 12.82 -14.28 13.50
N MET D 385 12.66 -14.73 12.26
CA MET D 385 11.38 -14.69 11.59
C MET D 385 10.45 -15.77 12.16
N PRO D 386 9.14 -15.51 12.19
CA PRO D 386 8.20 -16.54 12.65
C PRO D 386 8.27 -17.78 11.76
N ILE D 387 8.14 -18.94 12.38
CA ILE D 387 8.22 -20.21 11.66
C ILE D 387 6.92 -20.50 10.93
N GLU E 1 24.29 -14.03 11.67
CA GLU E 1 24.83 -13.01 12.58
C GLU E 1 26.25 -12.61 12.16
N VAL E 2 26.57 -11.33 12.38
CA VAL E 2 27.86 -10.81 11.94
C VAL E 2 28.98 -11.33 12.83
N GLN E 3 30.18 -11.40 12.27
CA GLN E 3 31.35 -11.88 12.98
C GLN E 3 32.61 -11.40 12.28
N LEU E 4 33.66 -11.20 13.07
CA LEU E 4 35.00 -10.90 12.56
C LEU E 4 35.97 -11.89 13.18
N VAL E 5 36.72 -12.60 12.34
CA VAL E 5 37.65 -13.62 12.77
C VAL E 5 39.02 -13.28 12.18
N GLU E 6 40.00 -13.02 13.05
CA GLU E 6 41.35 -12.78 12.57
C GLU E 6 42.19 -14.05 12.62
N SER E 7 43.24 -14.06 11.79
CA SER E 7 44.17 -15.17 11.72
C SER E 7 45.47 -14.66 11.13
N GLY E 8 46.52 -15.46 11.27
CA GLY E 8 47.83 -15.10 10.76
C GLY E 8 48.80 -14.58 11.80
N GLY E 9 48.38 -14.46 13.05
CA GLY E 9 49.30 -14.04 14.09
C GLY E 9 50.23 -15.16 14.51
N GLY E 10 51.41 -14.80 14.98
CA GLY E 10 52.37 -15.79 15.42
C GLY E 10 53.70 -15.14 15.69
N LEU E 11 54.67 -15.98 16.05
CA LEU E 11 56.01 -15.50 16.34
C LEU E 11 56.67 -14.98 15.06
N VAL E 12 57.29 -13.80 15.17
CA VAL E 12 58.02 -13.19 14.07
C VAL E 12 59.36 -12.71 14.60
N GLN E 13 60.38 -12.77 13.75
CA GLN E 13 61.71 -12.29 14.08
C GLN E 13 61.79 -10.79 13.84
N PRO E 14 62.43 -10.03 14.74
CA PRO E 14 62.55 -8.58 14.53
C PRO E 14 63.17 -8.23 13.19
N GLY E 15 62.48 -7.37 12.43
CA GLY E 15 62.91 -7.05 11.08
C GLY E 15 62.39 -8.06 10.07
N GLY E 16 61.18 -8.57 10.32
CA GLY E 16 60.58 -9.55 9.44
C GLY E 16 59.24 -9.09 8.91
N SER E 17 58.43 -10.02 8.41
CA SER E 17 57.16 -9.66 7.80
C SER E 17 56.08 -10.63 8.24
N LEU E 18 54.85 -10.13 8.32
CA LEU E 18 53.69 -10.92 8.70
C LEU E 18 52.45 -10.31 8.08
N ARG E 19 51.52 -11.17 7.67
CA ARG E 19 50.26 -10.74 7.04
C ARG E 19 49.11 -11.22 7.90
N LEU E 20 48.41 -10.29 8.51
CA LEU E 20 47.23 -10.60 9.30
C LEU E 20 45.99 -10.58 8.42
N SER E 21 45.09 -11.52 8.66
CA SER E 21 43.86 -11.63 7.90
C SER E 21 42.67 -11.61 8.84
N CYS E 22 41.63 -10.88 8.47
CA CYS E 22 40.37 -10.83 9.21
C CYS E 22 39.24 -11.06 8.23
N ALA E 23 38.35 -12.01 8.56
CA ALA E 23 37.27 -12.41 7.67
C ALA E 23 35.92 -12.02 8.25
N ALA E 24 35.04 -11.55 7.38
CA ALA E 24 33.70 -11.14 7.78
C ALA E 24 32.68 -12.23 7.44
N SER E 25 31.75 -12.45 8.37
CA SER E 25 30.77 -13.53 8.20
C SER E 25 29.41 -13.02 7.71
N GLY E 26 28.80 -12.10 8.45
CA GLY E 26 27.42 -11.73 8.18
C GLY E 26 27.24 -10.49 7.34
N PHE E 27 27.99 -9.45 7.63
CA PHE E 27 27.87 -8.18 6.93
C PHE E 27 28.77 -8.17 5.69
N SER E 28 28.75 -7.05 4.96
CA SER E 28 29.54 -6.89 3.76
C SER E 28 30.55 -5.76 3.95
N PHE E 29 31.76 -5.99 3.44
CA PHE E 29 32.86 -5.03 3.55
C PHE E 29 32.65 -3.79 2.68
N THR E 30 31.69 -3.82 1.77
CA THR E 30 31.52 -2.74 0.80
C THR E 30 30.75 -1.55 1.34
N THR E 31 30.25 -1.63 2.59
CA THR E 31 29.49 -0.54 3.18
C THR E 31 29.95 -0.15 4.58
N TYR E 32 31.01 -0.76 5.10
CA TYR E 32 31.51 -0.46 6.43
C TYR E 32 32.96 -0.04 6.38
N GLU E 33 33.32 0.93 7.22
CA GLU E 33 34.72 1.23 7.48
C GLU E 33 35.32 0.13 8.34
N MET E 34 36.58 -0.22 8.06
CA MET E 34 37.25 -1.27 8.81
C MET E 34 38.57 -0.74 9.36
N ASN E 35 38.94 -1.24 10.54
CA ASN E 35 40.07 -0.71 11.28
C ASN E 35 40.91 -1.84 11.84
N TRP E 36 42.17 -1.54 12.11
CA TRP E 36 43.05 -2.41 12.88
C TRP E 36 43.39 -1.71 14.20
N VAL E 37 43.10 -2.38 15.31
CA VAL E 37 43.41 -1.86 16.64
C VAL E 37 44.23 -2.91 17.38
N ARG E 38 45.32 -2.45 17.93
CA ARG E 38 46.23 -3.34 18.67
C ARG E 38 46.26 -2.99 20.17
N GLN E 39 46.49 -3.97 21.02
CA GLN E 39 46.73 -3.72 22.44
C GLN E 39 48.09 -4.31 22.79
N ALA E 40 49.07 -3.46 23.03
CA ALA E 40 50.37 -3.92 23.48
C ALA E 40 50.25 -4.52 24.87
N PRO E 41 51.03 -5.55 25.19
CA PRO E 41 50.90 -6.20 26.51
C PRO E 41 51.38 -5.27 27.60
N GLY E 42 50.44 -4.82 28.44
CA GLY E 42 50.72 -3.84 29.46
C GLY E 42 50.38 -2.41 29.10
N LYS E 43 49.75 -2.19 27.94
CA LYS E 43 49.39 -0.86 27.48
C LYS E 43 47.95 -0.86 26.97
N GLY E 44 47.46 0.33 26.62
CA GLY E 44 46.10 0.49 26.17
C GLY E 44 45.93 0.24 24.68
N LEU E 45 44.70 0.46 24.22
CA LEU E 45 44.38 0.26 22.82
C LEU E 45 45.04 1.32 21.95
N GLU E 46 45.53 0.90 20.79
CA GLU E 46 46.12 1.80 19.82
C GLU E 46 45.48 1.57 18.46
N TRP E 47 45.05 2.65 17.82
CA TRP E 47 44.43 2.59 16.50
C TRP E 47 45.54 2.51 15.45
N VAL E 48 45.69 1.36 14.82
CA VAL E 48 46.74 1.18 13.83
C VAL E 48 46.39 1.88 12.52
N SER E 49 45.29 1.48 11.91
CA SER E 49 44.96 1.96 10.58
C SER E 49 43.46 1.86 10.35
N HIS E 50 42.97 2.68 9.42
CA HIS E 50 41.56 2.77 9.10
C HIS E 50 41.39 2.81 7.60
N ILE E 51 40.46 2.00 7.08
CA ILE E 51 40.14 1.95 5.66
C ILE E 51 38.65 2.25 5.48
N SER E 52 38.33 3.02 4.45
CA SER E 52 36.94 3.37 4.18
C SER E 52 36.25 2.23 3.44
N SER E 53 34.91 2.31 3.39
CA SER E 53 34.14 1.39 2.57
C SER E 53 34.45 1.53 1.09
N SER E 54 35.03 2.66 0.68
CA SER E 54 35.46 2.89 -0.68
C SER E 54 36.86 2.36 -0.95
N GLY E 55 37.53 1.80 0.05
CA GLY E 55 38.83 1.18 -0.14
C GLY E 55 40.02 2.07 0.09
N LEU E 56 39.83 3.31 0.50
CA LEU E 56 40.93 4.23 0.76
C LEU E 56 41.39 4.11 2.20
N VAL E 57 42.70 4.13 2.40
CA VAL E 57 43.27 4.09 3.74
C VAL E 57 43.37 5.52 4.27
N ILE E 58 42.43 5.91 5.12
CA ILE E 58 42.42 7.26 5.67
C ILE E 58 43.56 7.46 6.66
N TYR E 59 43.83 6.48 7.51
CA TYR E 59 44.68 6.70 8.66
C TYR E 59 45.69 5.58 8.81
N TYR E 60 46.91 5.95 9.20
CA TYR E 60 47.92 5.03 9.69
C TYR E 60 48.50 5.60 10.98
N ALA E 61 48.72 4.73 11.96
CA ALA E 61 49.42 5.15 13.16
C ALA E 61 50.83 5.63 12.79
N ASP E 62 51.28 6.68 13.48
CA ASP E 62 52.57 7.26 13.16
C ASP E 62 53.70 6.26 13.32
N SER E 63 53.60 5.40 14.34
CA SER E 63 54.64 4.39 14.56
C SER E 63 54.69 3.40 13.41
N VAL E 64 53.54 2.98 12.89
CA VAL E 64 53.50 1.95 11.86
C VAL E 64 53.53 2.50 10.45
N LYS E 65 53.49 3.82 10.28
CA LYS E 65 53.42 4.42 8.95
C LYS E 65 54.69 4.11 8.18
N GLY E 66 54.52 3.65 6.94
CA GLY E 66 55.63 3.22 6.11
C GLY E 66 56.06 1.79 6.31
N ARG E 67 55.60 1.14 7.38
CA ARG E 67 55.92 -0.25 7.65
C ARG E 67 54.73 -1.19 7.55
N PHE E 68 53.53 -0.72 7.85
CA PHE E 68 52.33 -1.53 7.77
C PHE E 68 51.52 -1.14 6.54
N THR E 69 51.10 -2.16 5.78
CA THR E 69 50.22 -1.96 4.64
C THR E 69 48.90 -2.63 4.94
N MET E 70 47.82 -1.86 4.93
CA MET E 70 46.48 -2.38 5.19
C MET E 70 45.68 -2.34 3.90
N SER E 71 45.07 -3.47 3.55
CA SER E 71 44.27 -3.58 2.34
C SER E 71 43.06 -4.45 2.64
N ARG E 72 42.25 -4.67 1.61
CA ARG E 72 41.07 -5.50 1.72
C ARG E 72 40.74 -6.08 0.35
N ASP E 73 39.98 -7.17 0.36
CA ASP E 73 39.45 -7.76 -0.86
C ASP E 73 37.99 -8.10 -0.62
N THR E 74 37.09 -7.31 -1.20
CA THR E 74 35.66 -7.48 -0.98
C THR E 74 35.11 -8.75 -1.62
N ALA E 75 35.84 -9.35 -2.56
CA ALA E 75 35.42 -10.61 -3.16
C ALA E 75 35.43 -11.75 -2.16
N LYS E 76 36.45 -11.81 -1.30
CA LYS E 76 36.53 -12.81 -0.25
C LYS E 76 36.13 -12.26 1.11
N ASN E 77 35.70 -11.00 1.18
CA ASN E 77 35.25 -10.37 2.42
C ASN E 77 36.32 -10.47 3.51
N SER E 78 37.56 -10.23 3.11
CA SER E 78 38.70 -10.37 4.00
C SER E 78 39.46 -9.05 4.12
N LEU E 79 40.01 -8.82 5.29
CA LEU E 79 40.83 -7.66 5.59
C LEU E 79 42.26 -8.11 5.87
N TYR E 80 43.22 -7.34 5.38
CA TYR E 80 44.63 -7.73 5.49
C TYR E 80 45.44 -6.59 6.09
N LEU E 81 46.45 -6.99 6.87
CA LEU E 81 47.42 -6.06 7.46
C LEU E 81 48.80 -6.62 7.17
N GLN E 82 49.44 -6.14 6.11
CA GLN E 82 50.78 -6.58 5.74
C GLN E 82 51.78 -5.81 6.59
N MET E 83 52.43 -6.50 7.51
CA MET E 83 53.38 -5.90 8.43
C MET E 83 54.80 -6.16 7.91
N ASP E 84 55.63 -5.12 7.88
CA ASP E 84 56.99 -5.20 7.38
C ASP E 84 57.95 -4.57 8.37
N SER E 85 59.18 -5.10 8.42
CA SER E 85 60.24 -4.64 9.30
C SER E 85 59.75 -4.49 10.74
N LEU E 86 59.28 -5.61 11.29
CA LEU E 86 58.69 -5.61 12.62
C LEU E 86 59.76 -5.38 13.69
N THR E 87 59.43 -4.57 14.68
CA THR E 87 60.30 -4.28 15.80
C THR E 87 59.70 -4.87 17.08
N VAL E 88 60.33 -4.60 18.23
CA VAL E 88 59.82 -5.06 19.51
C VAL E 88 58.63 -4.25 19.99
N ALA E 89 58.39 -3.08 19.38
CA ALA E 89 57.23 -2.25 19.70
C ALA E 89 56.00 -2.62 18.87
N ASP E 90 55.99 -3.81 18.27
CA ASP E 90 54.87 -4.24 17.46
C ASP E 90 54.20 -5.51 17.98
N THR E 91 54.72 -6.12 19.03
CA THR E 91 54.06 -7.29 19.61
C THR E 91 52.83 -6.84 20.40
N ALA E 92 51.67 -7.36 20.00
CA ALA E 92 50.41 -6.90 20.56
C ALA E 92 49.31 -7.84 20.08
N VAL E 93 48.15 -7.72 20.71
CA VAL E 93 46.94 -8.40 20.25
C VAL E 93 46.24 -7.49 19.25
N TYR E 94 46.04 -8.00 18.03
CA TYR E 94 45.52 -7.19 16.94
C TYR E 94 44.04 -7.48 16.73
N TYR E 95 43.25 -6.42 16.67
CA TYR E 95 41.81 -6.51 16.49
C TYR E 95 41.44 -5.88 15.16
N CYS E 96 40.56 -6.53 14.41
CA CYS E 96 39.88 -5.87 13.29
C CYS E 96 38.53 -5.37 13.79
N ALA E 97 38.31 -4.07 13.66
CA ALA E 97 37.12 -3.43 14.18
C ALA E 97 36.35 -2.80 13.03
N ARG E 98 35.03 -2.74 13.20
CA ARG E 98 34.14 -2.25 12.16
C ARG E 98 33.35 -1.07 12.70
N HIS E 99 33.35 0.03 11.95
CA HIS E 99 32.44 1.13 12.23
C HIS E 99 31.89 1.64 10.90
N TYR E 100 30.93 2.55 10.99
CA TYR E 100 30.13 2.97 9.86
C TYR E 100 30.28 4.47 9.66
N PHE E 101 30.28 4.89 8.40
CA PHE E 101 30.16 6.30 8.05
C PHE E 101 28.78 6.53 7.48
N ASP E 102 28.03 7.44 8.09
CA ASP E 102 26.69 7.78 7.64
C ASP E 102 26.77 9.02 6.76
N ARG E 103 26.09 8.98 5.61
CA ARG E 103 26.00 10.11 4.70
C ARG E 103 25.42 11.32 5.42
N ASP E 104 24.50 11.08 6.35
CA ASP E 104 23.84 12.14 7.09
C ASP E 104 24.54 12.44 8.41
N TRP E 105 24.79 11.41 9.21
CA TRP E 105 25.26 11.58 10.58
C TRP E 105 26.78 11.53 10.71
N GLY E 106 27.50 11.16 9.66
CA GLY E 106 28.93 11.02 9.76
C GLY E 106 29.37 9.72 10.40
N TYR E 107 30.54 9.73 11.03
CA TYR E 107 31.11 8.52 11.59
C TYR E 107 30.41 8.11 12.88
N SER E 108 30.48 6.81 13.17
CA SER E 108 29.96 6.24 14.41
C SER E 108 31.07 5.44 15.08
N GLY E 109 30.77 4.91 16.26
CA GLY E 109 31.73 4.13 16.99
C GLY E 109 31.95 2.75 16.41
N MET E 110 33.07 2.14 16.78
CA MET E 110 33.42 0.81 16.29
C MET E 110 32.68 -0.24 17.12
N ASP E 111 31.56 -0.73 16.58
CA ASP E 111 30.63 -1.57 17.33
C ASP E 111 30.88 -3.06 17.15
N LEU E 112 31.56 -3.48 16.09
CA LEU E 112 31.88 -4.88 15.86
C LEU E 112 33.37 -5.09 15.97
N TRP E 113 33.75 -6.06 16.81
CA TRP E 113 35.15 -6.38 17.04
C TRP E 113 35.35 -7.87 16.81
N GLY E 114 36.59 -8.24 16.48
CA GLY E 114 36.95 -9.64 16.36
C GLY E 114 37.49 -10.21 17.65
N GLN E 115 37.81 -11.50 17.61
CA GLN E 115 38.31 -12.18 18.79
C GLN E 115 39.69 -11.67 19.18
N GLY E 116 40.48 -11.26 18.21
CA GLY E 116 41.83 -10.80 18.47
C GLY E 116 42.87 -11.85 18.10
N THR E 117 43.94 -11.39 17.45
CA THR E 117 45.05 -12.26 17.08
C THR E 117 46.32 -11.71 17.72
N THR E 118 47.19 -12.61 18.15
CA THR E 118 48.38 -12.26 18.90
C THR E 118 49.60 -12.27 17.99
N VAL E 119 50.37 -11.20 18.04
CA VAL E 119 51.63 -11.08 17.32
C VAL E 119 52.72 -10.93 18.38
N THR E 120 53.75 -11.77 18.28
CA THR E 120 54.86 -11.75 19.23
C THR E 120 56.16 -11.59 18.44
N VAL E 121 56.92 -10.55 18.77
CA VAL E 121 58.22 -10.32 18.14
C VAL E 121 59.30 -10.41 19.21
N SER E 122 60.18 -11.39 19.08
CA SER E 122 61.20 -11.64 20.09
C SER E 122 62.46 -12.20 19.45
N SER E 123 63.60 -11.74 19.93
CA SER E 123 64.92 -12.24 19.53
C SER E 123 65.12 -12.23 18.02
N GLU F 1 46.32 17.35 17.34
CA GLU F 1 47.13 16.65 18.34
C GLU F 1 46.40 16.52 19.66
N VAL F 2 45.15 16.01 19.60
CA VAL F 2 44.38 15.83 20.83
C VAL F 2 44.98 14.69 21.64
N VAL F 3 45.01 14.88 22.96
CA VAL F 3 45.53 13.89 23.90
C VAL F 3 44.41 13.56 24.87
N LEU F 4 43.75 12.44 24.65
CA LEU F 4 42.62 12.03 25.48
C LEU F 4 43.14 11.57 26.83
N THR F 5 42.89 12.35 27.87
CA THR F 5 43.40 12.08 29.21
C THR F 5 42.27 11.59 30.10
N GLN F 6 42.34 10.34 30.54
CA GLN F 6 41.29 9.75 31.40
C GLN F 6 41.60 10.04 32.87
N SER F 7 40.92 10.99 33.50
CA SER F 7 41.28 11.51 34.82
C SER F 7 41.39 10.41 35.87
N PRO F 8 40.39 9.52 36.06
CA PRO F 8 40.53 8.48 37.08
C PRO F 8 41.39 7.31 36.62
N GLY F 9 42.23 6.79 37.51
CA GLY F 9 43.05 5.63 37.22
C GLY F 9 42.88 4.57 38.30
N THR F 10 42.88 3.31 37.86
CA THR F 10 42.74 2.11 38.70
C THR F 10 41.74 2.34 39.84
N LEU F 11 40.59 2.88 39.45
CA LEU F 11 39.51 3.19 40.37
C LEU F 11 38.89 1.91 40.93
N SER F 12 38.51 1.97 42.21
CA SER F 12 37.93 0.82 42.90
C SER F 12 36.60 1.20 43.54
N LEU F 13 35.60 0.34 43.37
CA LEU F 13 34.28 0.54 43.97
C LEU F 13 33.72 -0.80 44.41
N SER F 14 32.42 -0.81 44.67
CA SER F 14 31.67 -1.95 45.16
C SER F 14 30.48 -2.20 44.25
N PRO F 15 29.94 -3.43 44.26
CA PRO F 15 28.84 -3.75 43.35
C PRO F 15 27.53 -3.07 43.70
N GLY F 16 27.37 -1.82 43.26
CA GLY F 16 26.14 -1.09 43.51
C GLY F 16 26.30 0.40 43.72
N GLU F 17 27.53 0.88 43.72
CA GLU F 17 27.80 2.30 43.82
C GLU F 17 27.74 2.96 42.44
N ARG F 18 28.10 4.23 42.40
CA ARG F 18 28.14 5.00 41.17
C ARG F 18 29.58 5.21 40.72
N ALA F 19 29.86 4.87 39.46
CA ALA F 19 31.18 5.05 38.87
C ALA F 19 31.19 6.33 38.05
N THR F 20 32.21 7.16 38.25
CA THR F 20 32.39 8.38 37.49
C THR F 20 33.69 8.26 36.71
N LEU F 21 33.57 8.08 35.39
CA LEU F 21 34.71 7.93 34.50
C LEU F 21 34.87 9.19 33.67
N SER F 22 36.06 9.79 33.73
CA SER F 22 36.31 11.07 33.10
C SER F 22 37.30 10.90 31.96
N CYS F 23 37.10 11.67 30.90
CA CYS F 23 38.01 11.70 29.75
C CYS F 23 38.18 13.15 29.33
N ARG F 24 39.38 13.69 29.49
CA ARG F 24 39.69 15.08 29.18
C ARG F 24 40.49 15.16 27.89
N ALA F 25 40.04 16.02 26.99
CA ALA F 25 40.73 16.26 25.73
C ALA F 25 41.63 17.48 25.87
N SER F 26 42.83 17.39 25.31
CA SER F 26 43.77 18.50 25.37
C SER F 26 43.21 19.75 24.73
N GLN F 27 42.59 19.60 23.56
CA GLN F 27 41.94 20.68 22.85
C GLN F 27 40.49 20.31 22.56
N SER F 28 39.72 21.31 22.15
CA SER F 28 38.32 21.09 21.81
C SER F 28 38.22 20.14 20.62
N LEU F 29 37.42 19.09 20.77
CA LEU F 29 37.29 18.11 19.70
C LEU F 29 36.68 18.72 18.44
N GLY F 30 35.69 19.60 18.62
CA GLY F 30 34.98 20.19 17.52
C GLY F 30 33.80 19.39 17.03
N THR F 31 33.59 18.19 17.58
CA THR F 31 32.47 17.34 17.21
C THR F 31 32.15 16.42 18.37
N ASN F 32 31.12 15.59 18.19
CA ASN F 32 30.71 14.62 19.18
C ASN F 32 31.32 13.25 18.93
N TYR F 33 32.44 13.19 18.19
CA TYR F 33 33.06 11.92 17.83
C TYR F 33 33.87 11.35 19.01
N LEU F 34 33.18 11.16 20.12
CA LEU F 34 33.77 10.60 21.33
C LEU F 34 33.03 9.33 21.68
N ALA F 35 33.76 8.24 21.87
CA ALA F 35 33.16 6.94 22.12
C ALA F 35 33.79 6.32 23.37
N TRP F 36 33.01 5.46 24.02
CA TRP F 36 33.48 4.74 25.20
C TRP F 36 33.42 3.24 24.90
N TYR F 37 34.46 2.53 25.31
CA TYR F 37 34.53 1.09 25.13
C TYR F 37 34.83 0.41 26.46
N GLN F 38 34.31 -0.81 26.59
CA GLN F 38 34.58 -1.66 27.74
C GLN F 38 35.43 -2.83 27.27
N HIS F 39 36.57 -3.03 27.95
CA HIS F 39 37.56 -4.04 27.53
C HIS F 39 37.84 -4.96 28.73
N LYS F 40 37.04 -6.01 28.84
CA LYS F 40 37.31 -7.04 29.83
C LYS F 40 38.50 -7.89 29.39
N PRO F 41 39.35 -8.31 30.32
CA PRO F 41 40.50 -9.16 29.93
C PRO F 41 40.03 -10.46 29.30
N GLY F 42 40.75 -10.88 28.27
CA GLY F 42 40.40 -12.08 27.54
C GLY F 42 39.19 -11.94 26.65
N GLN F 43 38.68 -10.73 26.43
CA GLN F 43 37.50 -10.49 25.63
C GLN F 43 37.75 -9.30 24.71
N SER F 44 36.99 -9.27 23.61
CA SER F 44 37.10 -8.17 22.67
C SER F 44 36.50 -6.90 23.26
N PRO F 45 37.03 -5.72 22.89
CA PRO F 45 36.44 -4.47 23.37
C PRO F 45 35.00 -4.33 22.91
N ARG F 46 34.18 -3.75 23.78
CA ARG F 46 32.75 -3.61 23.54
C ARG F 46 32.37 -2.13 23.56
N LEU F 47 31.70 -1.68 22.51
CA LEU F 47 31.23 -0.30 22.44
C LEU F 47 30.05 -0.10 23.38
N LEU F 48 30.18 0.84 24.30
CA LEU F 48 29.10 1.20 25.22
C LEU F 48 28.40 2.49 24.80
N ILE F 49 29.17 3.55 24.63
CA ILE F 49 28.65 4.87 24.32
C ILE F 49 29.27 5.34 23.01
N ASP F 50 28.43 5.83 22.10
CA ASP F 50 28.86 6.41 20.84
C ASP F 50 28.35 7.84 20.77
N GLY F 51 29.12 8.70 20.13
CA GLY F 51 28.72 10.09 20.03
C GLY F 51 28.72 10.84 21.33
N ALA F 52 29.40 10.29 22.35
CA ALA F 52 29.58 10.90 23.66
C ALA F 52 28.29 10.99 24.45
N SER F 53 27.16 10.63 23.85
CA SER F 53 25.89 10.66 24.55
C SER F 53 24.99 9.47 24.27
N THR F 54 25.25 8.69 23.22
CA THR F 54 24.31 7.70 22.73
C THR F 54 24.76 6.31 23.18
N ARG F 55 23.90 5.63 23.92
CA ARG F 55 24.17 4.26 24.33
C ARG F 55 24.03 3.33 23.14
N ALA F 56 24.91 2.34 23.06
CA ALA F 56 24.91 1.41 21.95
C ALA F 56 23.74 0.43 22.08
N ILE F 57 23.50 -0.33 21.01
CA ILE F 57 22.41 -1.30 20.98
C ILE F 57 22.79 -2.46 21.90
N GLY F 58 21.90 -2.80 22.83
CA GLY F 58 22.11 -3.92 23.73
C GLY F 58 22.87 -3.60 24.98
N ILE F 59 23.37 -2.38 25.13
CA ILE F 59 24.08 -2.00 26.35
C ILE F 59 23.06 -1.76 27.47
N PRO F 60 23.30 -2.27 28.67
CA PRO F 60 22.35 -2.06 29.77
C PRO F 60 22.15 -0.59 30.08
N ASP F 61 20.97 -0.27 30.61
CA ASP F 61 20.58 1.10 30.90
C ASP F 61 21.45 1.77 31.94
N ARG F 62 22.24 1.01 32.71
CA ARG F 62 23.11 1.61 33.71
C ARG F 62 24.12 2.56 33.08
N PHE F 63 24.70 2.17 31.95
CA PHE F 63 25.73 2.96 31.32
C PHE F 63 25.13 4.21 30.67
N SER F 64 25.58 5.38 31.12
CA SER F 64 25.21 6.64 30.51
C SER F 64 26.44 7.53 30.49
N ALA F 65 26.50 8.40 29.47
CA ALA F 65 27.63 9.28 29.31
C ALA F 65 27.15 10.64 28.83
N SER F 66 27.97 11.65 29.11
CA SER F 66 27.65 13.02 28.73
C SER F 66 28.97 13.78 28.59
N GLY F 67 28.85 15.02 28.14
CA GLY F 67 30.00 15.90 28.00
C GLY F 67 30.11 16.47 26.61
N SER F 68 30.94 17.50 26.51
CA SER F 68 31.24 18.14 25.24
C SER F 68 32.54 18.93 25.37
N GLY F 69 32.91 19.68 24.33
CA GLY F 69 34.13 20.45 24.37
C GLY F 69 35.36 19.61 24.61
N THR F 70 35.93 19.71 25.81
CA THR F 70 37.13 18.96 26.16
C THR F 70 36.89 17.87 27.19
N ASP F 71 35.92 18.02 28.08
CA ASP F 71 35.69 17.07 29.16
C ASP F 71 34.48 16.22 28.84
N PHE F 72 34.67 14.90 28.87
CA PHE F 72 33.60 13.93 28.65
C PHE F 72 33.58 12.95 29.81
N THR F 73 32.38 12.56 30.22
CA THR F 73 32.20 11.73 31.40
C THR F 73 31.38 10.50 31.05
N LEU F 74 31.74 9.37 31.66
CA LEU F 74 30.96 8.15 31.58
C LEU F 74 30.60 7.73 33.00
N THR F 75 29.32 7.43 33.22
CA THR F 75 28.82 7.13 34.55
C THR F 75 28.07 5.81 34.54
N VAL F 76 28.49 4.89 35.40
CA VAL F 76 27.71 3.68 35.68
C VAL F 76 26.92 3.95 36.96
N SER F 77 25.59 3.96 36.85
CA SER F 77 24.77 4.33 38.00
C SER F 77 24.88 3.32 39.13
N ARG F 78 24.76 2.02 38.81
CA ARG F 78 24.78 0.98 39.82
C ARG F 78 25.69 -0.15 39.33
N LEU F 79 26.82 -0.32 40.00
CA LEU F 79 27.80 -1.30 39.57
C LEU F 79 27.29 -2.72 39.80
N GLU F 80 27.71 -3.61 38.90
CA GLU F 80 27.44 -5.03 38.97
C GLU F 80 28.76 -5.76 38.74
N PRO F 81 28.88 -7.01 39.20
CA PRO F 81 30.17 -7.72 39.05
C PRO F 81 30.59 -7.91 37.60
N GLU F 82 29.68 -7.78 36.63
CA GLU F 82 30.06 -7.83 35.23
C GLU F 82 30.73 -6.54 34.78
N ASP F 83 30.40 -5.42 35.41
CA ASP F 83 30.81 -4.11 34.92
C ASP F 83 32.25 -3.74 35.31
N PHE F 84 32.97 -4.68 35.94
CA PHE F 84 34.34 -4.42 36.37
C PHE F 84 35.29 -4.78 35.24
N ALA F 85 35.88 -3.75 34.62
CA ALA F 85 36.78 -3.93 33.48
C ALA F 85 37.57 -2.66 33.22
N VAL F 86 38.28 -2.62 32.10
CA VAL F 86 39.02 -1.43 31.67
C VAL F 86 38.16 -0.66 30.68
N TYR F 87 38.09 0.66 30.87
CA TYR F 87 37.21 1.51 30.09
C TYR F 87 38.04 2.52 29.31
N TYR F 88 37.81 2.59 28.00
CA TYR F 88 38.57 3.46 27.10
C TYR F 88 37.64 4.49 26.48
N CYS F 89 38.15 5.71 26.34
CA CYS F 89 37.48 6.75 25.57
C CYS F 89 38.25 6.95 24.27
N GLN F 90 37.52 6.96 23.15
CA GLN F 90 38.12 7.06 21.83
C GLN F 90 37.58 8.29 21.10
N HIS F 91 38.49 9.01 20.44
CA HIS F 91 38.12 10.09 19.54
C HIS F 91 38.27 9.57 18.11
N TYR F 92 37.14 9.24 17.48
CA TYR F 92 37.15 8.73 16.12
C TYR F 92 36.94 9.84 15.09
N GLY F 93 37.17 11.09 15.48
CA GLY F 93 37.36 12.16 14.53
C GLY F 93 38.84 12.48 14.39
N ASN F 94 39.15 13.29 13.40
CA ASN F 94 40.54 13.67 13.17
C ASN F 94 41.00 14.61 14.28
N PRO F 95 42.10 14.31 14.98
CA PRO F 95 42.99 13.15 14.83
C PRO F 95 42.54 11.92 15.62
N TYR F 96 42.72 10.72 15.08
CA TYR F 96 42.32 9.51 15.78
C TYR F 96 43.19 9.30 17.01
N THR F 97 42.56 8.98 18.14
CA THR F 97 43.29 8.75 19.36
C THR F 97 42.44 7.95 20.34
N PHE F 98 43.11 7.13 21.13
CA PHE F 98 42.49 6.39 22.22
C PHE F 98 42.91 7.02 23.54
N GLY F 99 42.21 6.65 24.62
CA GLY F 99 42.60 6.99 25.96
C GLY F 99 43.44 5.89 26.57
N GLN F 100 44.23 6.25 27.58
CA GLN F 100 45.07 5.28 28.25
C GLN F 100 44.28 4.23 29.00
N GLY F 101 43.01 4.49 29.28
CA GLY F 101 42.14 3.53 29.93
C GLY F 101 42.02 3.78 31.42
N THR F 102 40.93 3.25 31.97
CA THR F 102 40.67 3.32 33.41
C THR F 102 39.99 2.02 33.80
N LYS F 103 40.50 1.35 34.81
CA LYS F 103 40.00 0.06 35.22
C LYS F 103 39.22 0.18 36.53
N LEU F 104 38.11 -0.55 36.61
CA LEU F 104 37.30 -0.62 37.82
C LEU F 104 37.71 -1.84 38.63
N GLU F 105 37.96 -1.65 39.91
CA GLU F 105 38.34 -2.72 40.82
C GLU F 105 37.26 -2.94 41.87
N ILE F 106 37.26 -4.14 42.44
CA ILE F 106 36.31 -4.47 43.49
C ILE F 106 36.86 -4.05 44.84
N LYS F 107 35.99 -3.49 45.67
CA LYS F 107 36.37 -3.11 47.03
C LYS F 107 35.63 -3.95 48.06
#